data_1JGR
# 
_entry.id   1JGR 
# 
_audit_conform.dict_name       mmcif_pdbx.dic 
_audit_conform.dict_version    5.376 
_audit_conform.dict_location   http://mmcif.pdb.org/dictionaries/ascii/mmcif_pdbx.dic 
# 
loop_
_database_2.database_id 
_database_2.database_code 
_database_2.pdbx_database_accession 
_database_2.pdbx_DOI 
PDB   1JGR         pdb_00001jgr 10.2210/pdb1jgr/pdb 
NDB   BD0054       ?            ?                   
RCSB  RCSB013752   ?            ?                   
WWPDB D_1000013752 ?            ?                   
# 
_pdbx_database_status.status_code                     REL 
_pdbx_database_status.entry_id                        1JGR 
_pdbx_database_status.recvd_initial_deposition_date   2001-06-26 
_pdbx_database_status.deposit_site                    RCSB 
_pdbx_database_status.process_site                    RCSB 
_pdbx_database_status.SG_entry                        . 
_pdbx_database_status.pdb_format_compatible           Y 
_pdbx_database_status.status_code_mr                  ? 
_pdbx_database_status.status_code_sf                  ? 
_pdbx_database_status.status_code_cs                  ? 
_pdbx_database_status.status_code_nmr_data            ? 
_pdbx_database_status.methods_development_category    ? 
# 
loop_
_audit_author.name 
_audit_author.pdbx_ordinal 
'Howerton, S.B.' 1 
'Sines, C.C.'    2 
'VanDerveer, D.' 3 
'Williams, L.D.' 4 
# 
_citation.id                        primary 
_citation.title                     'Locating monovalent cations in the grooves of B-DNA.' 
_citation.journal_abbrev            Biochemistry 
_citation.journal_volume            40 
_citation.page_first                10023 
_citation.page_last                 10031 
_citation.year                      2001 
_citation.journal_id_ASTM           BICHAW 
_citation.country                   US 
_citation.journal_id_ISSN           0006-2960 
_citation.journal_id_CSD            0033 
_citation.book_publisher            ? 
_citation.pdbx_database_id_PubMed   11513580 
_citation.pdbx_database_id_DOI      10.1021/bi010391+ 
# 
loop_
_citation_author.citation_id 
_citation_author.name 
_citation_author.ordinal 
_citation_author.identifier_ORCID 
primary 'Howerton, S.B.' 1 ? 
primary 'Sines, C.C.'    2 ? 
primary 'VanDerveer, D.' 3 ? 
primary 'Williams, L.D.' 4 ? 
# 
_cell.entry_id           1JGR 
_cell.length_a           25.944 
_cell.length_b           40.744 
_cell.length_c           66.202 
_cell.angle_alpha        90.00 
_cell.angle_beta         90.00 
_cell.angle_gamma        90.00 
_cell.Z_PDB              8 
_cell.pdbx_unique_axis   ? 
# 
_symmetry.entry_id                         1JGR 
_symmetry.space_group_name_H-M             'P 21 21 21' 
_symmetry.pdbx_full_space_group_name_H-M   ? 
_symmetry.cell_setting                     ? 
_symmetry.Int_Tables_number                19 
# 
loop_
_entity.id 
_entity.type 
_entity.src_method 
_entity.pdbx_description 
_entity.formula_weight 
_entity.pdbx_number_of_molecules 
_entity.pdbx_ec 
_entity.pdbx_mutation 
_entity.pdbx_fragment 
_entity.details 
1 polymer     syn "5'-D(*CP*GP*CP*GP*AP*AP*TP*TP*CP*GP*CP*G)-3'" 3663.392 2   ? ? ? ? 
2 non-polymer syn 'MAGNESIUM ION'                                24.305   1   ? ? ? ? 
3 non-polymer syn 'THALLIUM (I) ION'                             204.383  13  ? ? ? ? 
4 water       nat water                                          18.015   140 ? ? ? ? 
# 
_entity_poly.entity_id                      1 
_entity_poly.type                           polydeoxyribonucleotide 
_entity_poly.nstd_linkage                   no 
_entity_poly.nstd_monomer                   no 
_entity_poly.pdbx_seq_one_letter_code       '(DC)(DG)(DC)(DG)(DA)(DA)(DT)(DT)(DC)(DG)(DC)(DG)' 
_entity_poly.pdbx_seq_one_letter_code_can   CGCGAATTCGCG 
_entity_poly.pdbx_strand_id                 A,B 
_entity_poly.pdbx_target_identifier         ? 
# 
loop_
_entity_poly_seq.entity_id 
_entity_poly_seq.num 
_entity_poly_seq.mon_id 
_entity_poly_seq.hetero 
1 1  DC n 
1 2  DG n 
1 3  DC n 
1 4  DG n 
1 5  DA n 
1 6  DA n 
1 7  DT n 
1 8  DT n 
1 9  DC n 
1 10 DG n 
1 11 DC n 
1 12 DG n 
# 
_struct_ref.id                         1 
_struct_ref.entity_id                  1 
_struct_ref.db_name                    PDB 
_struct_ref.db_code                    1JGR 
_struct_ref.pdbx_db_accession          1JGR 
_struct_ref.pdbx_db_isoform            ? 
_struct_ref.pdbx_seq_one_letter_code   ? 
_struct_ref.pdbx_align_begin           ? 
# 
loop_
_struct_ref_seq.align_id 
_struct_ref_seq.ref_id 
_struct_ref_seq.pdbx_PDB_id_code 
_struct_ref_seq.pdbx_strand_id 
_struct_ref_seq.seq_align_beg 
_struct_ref_seq.pdbx_seq_align_beg_ins_code 
_struct_ref_seq.seq_align_end 
_struct_ref_seq.pdbx_seq_align_end_ins_code 
_struct_ref_seq.pdbx_db_accession 
_struct_ref_seq.db_align_beg 
_struct_ref_seq.pdbx_db_align_beg_ins_code 
_struct_ref_seq.db_align_end 
_struct_ref_seq.pdbx_db_align_end_ins_code 
_struct_ref_seq.pdbx_auth_seq_align_beg 
_struct_ref_seq.pdbx_auth_seq_align_end 
1 1 1JGR A 1 ? 12 ? 1JGR 1001 ? 1012 ? 1001 1012 
2 1 1JGR B 1 ? 12 ? 1JGR 2001 ? 2012 ? 2001 2012 
# 
loop_
_chem_comp.id 
_chem_comp.type 
_chem_comp.mon_nstd_flag 
_chem_comp.name 
_chem_comp.pdbx_synonyms 
_chem_comp.formula 
_chem_comp.formula_weight 
DA  'DNA linking' y "2'-DEOXYADENOSINE-5'-MONOPHOSPHATE" ? 'C10 H14 N5 O6 P' 331.222 
DC  'DNA linking' y "2'-DEOXYCYTIDINE-5'-MONOPHOSPHATE"  ? 'C9 H14 N3 O7 P'  307.197 
DG  'DNA linking' y "2'-DEOXYGUANOSINE-5'-MONOPHOSPHATE" ? 'C10 H14 N5 O7 P' 347.221 
DT  'DNA linking' y "THYMIDINE-5'-MONOPHOSPHATE"         ? 'C10 H15 N2 O8 P' 322.208 
HOH non-polymer   . WATER                                ? 'H2 O'            18.015  
MG  non-polymer   . 'MAGNESIUM ION'                      ? 'Mg 2'            24.305  
TL  non-polymer   . 'THALLIUM (I) ION'                   ? 'Tl 1'            204.383 
# 
_exptl.entry_id          1JGR 
_exptl.method            'X-RAY DIFFRACTION' 
_exptl.crystals_number   1 
# 
_exptl_crystal.id                    1 
_exptl_crystal.density_meas          ? 
_exptl_crystal.density_Matthews      2.29 
_exptl_crystal.density_percent_sol   46.24 
_exptl_crystal.description           ? 
# 
_exptl_crystal_grow.crystal_id      1 
_exptl_crystal_grow.method          'VAPOR DIFFUSION, SITTING DROP' 
_exptl_crystal_grow.temp            295 
_exptl_crystal_grow.temp_details    ? 
_exptl_crystal_grow.pH              6.4 
_exptl_crystal_grow.pdbx_details    
'DNA, thallium acetate, magnesium acetate, MPD, spermine acetate, pH 6.4, VAPOR DIFFUSION, SITTING DROP, temperature 295K' 
_exptl_crystal_grow.pdbx_pH_range   ? 
# 
loop_
_exptl_crystal_grow_comp.crystal_id 
_exptl_crystal_grow_comp.id 
_exptl_crystal_grow_comp.sol_id 
_exptl_crystal_grow_comp.name 
_exptl_crystal_grow_comp.volume 
_exptl_crystal_grow_comp.conc 
_exptl_crystal_grow_comp.details 
1 1 1 DNA                 ? ? ? 
1 2 1 'thallium acetate'  ? ? ? 
1 3 1 'magnesium acetate' ? ? ? 
1 4 1 MPD                 ? ? ? 
1 5 1 'spermine acetate'  ? ? ? 
# 
loop_
_diffrn.id 
_diffrn.ambient_temp 
_diffrn.ambient_temp_details 
_diffrn.crystal_id 
1 110 ? 1 
2 100 ? 1 
# 
loop_
_diffrn_detector.diffrn_id 
_diffrn_detector.detector 
_diffrn_detector.type 
_diffrn_detector.pdbx_collection_date 
_diffrn_detector.details 
1 CCD           'ADSC QUANTUM 4'    2000-05-26 'graphite monochromator' 
2 'IMAGE PLATE' 'RIGAKU RAXIS IV++' 2001-05-04 'OSMIC BLUE CONFOCAL'    
# 
_diffrn_radiation.diffrn_id                        1 
_diffrn_radiation.wavelength_id                    1 
_diffrn_radiation.pdbx_monochromatic_or_laue_m_l   M 
_diffrn_radiation.monochromator                    GRAPHITE 
_diffrn_radiation.pdbx_diffrn_protocol             'SINGLE WAVELENGTH' 
_diffrn_radiation.pdbx_scattering_type             x-ray 
# 
loop_
_diffrn_radiation_wavelength.id 
_diffrn_radiation_wavelength.wavelength 
_diffrn_radiation_wavelength.wt 
1 1.1000 1.0 
2 1.5418 1.0 
# 
loop_
_diffrn_source.diffrn_id 
_diffrn_source.source 
_diffrn_source.type 
_diffrn_source.pdbx_synchrotron_site 
_diffrn_source.pdbx_synchrotron_beamline 
_diffrn_source.pdbx_wavelength 
_diffrn_source.pdbx_wavelength_list 
1 SYNCHROTRON      'NSLS BEAMLINE X26C' NSLS X26C ? 1.1000 
2 'ROTATING ANODE' 'RIGAKU RU300'       ?    ?    ? 1.5418 
# 
_reflns.entry_id                     1JGR 
_reflns.observed_criterion_sigma_I   0 
_reflns.observed_criterion_sigma_F   0 
_reflns.d_resolution_low             35 
_reflns.d_resolution_high            1.14 
_reflns.number_obs                   21760 
_reflns.number_all                   21760 
_reflns.percent_possible_obs         93 
_reflns.pdbx_Rmerge_I_obs            0.0880000 
_reflns.pdbx_Rsym_value              ? 
_reflns.pdbx_netI_over_sigmaI        16.4 
_reflns.B_iso_Wilson_estimate        16.72 
_reflns.pdbx_redundancy              13.4 
_reflns.R_free_details               ? 
_reflns.pdbx_diffrn_id               1 
_reflns.pdbx_ordinal                 1 
# 
_reflns_shell.d_res_high             1.2 
_reflns_shell.d_res_low              1.28 
_reflns_shell.percent_possible_all   68 
_reflns_shell.Rmerge_I_obs           0.1440000 
_reflns_shell.pdbx_Rsym_value        ? 
_reflns_shell.meanI_over_sigI_obs    ? 
_reflns_shell.pdbx_redundancy        1.4 
_reflns_shell.percent_possible_obs   ? 
_reflns_shell.number_unique_all      3249 
_reflns_shell.pdbx_diffrn_id         ? 
_reflns_shell.pdbx_ordinal           1 
# 
_refine.entry_id                                 1JGR 
_refine.ls_number_reflns_obs                     17667 
_refine.ls_number_reflns_all                     20997 
_refine.pdbx_ls_sigma_I                          2 
_refine.pdbx_ls_sigma_F                          2 
_refine.pdbx_data_cutoff_high_absF               ? 
_refine.pdbx_data_cutoff_low_absF                ? 
_refine.ls_d_res_low                             10 
_refine.ls_d_res_high                            1.2 
_refine.ls_percent_reflns_obs                    ? 
_refine.ls_R_factor_obs                          0.1630000 
_refine.ls_R_factor_all                          0.1730000 
_refine.ls_R_factor_R_work                       0.1690000 
_refine.ls_R_factor_R_free                       0.2220000 
_refine.ls_R_factor_R_free_error                 ? 
_refine.ls_R_factor_R_free_error_details         ? 
_refine.ls_percent_reflns_R_free                 ? 
_refine.ls_number_reflns_R_free                  2100 
_refine.ls_number_parameters                     ? 
_refine.ls_number_restraints                     ? 
_refine.occupancy_min                            ? 
_refine.occupancy_max                            ? 
_refine.B_iso_mean                               19.5 
_refine.aniso_B[1][1]                            ? 
_refine.aniso_B[2][2]                            ? 
_refine.aniso_B[3][3]                            ? 
_refine.aniso_B[1][2]                            ? 
_refine.aniso_B[1][3]                            ? 
_refine.aniso_B[2][3]                            ? 
_refine.solvent_model_details                    ? 
_refine.solvent_model_param_ksol                 ? 
_refine.solvent_model_param_bsol                 ? 
_refine.pdbx_ls_cross_valid_method               'R FREE' 
_refine.details                                  ? 
_refine.pdbx_starting_model                      'PDB ENTRY 1FQN' 
_refine.pdbx_method_to_determine_struct          ? 
_refine.pdbx_isotropic_thermal_model             ANISOTROPIC 
_refine.pdbx_stereochemistry_target_values       'PARKINSON et al.' 
_refine.pdbx_stereochem_target_val_spec_case     ? 
_refine.pdbx_R_Free_selection_details            RANDOM 
_refine.pdbx_overall_ESU_R_Free                  ? 
_refine.overall_SU_B                             ? 
_refine.ls_redundancy_reflns_obs                 ? 
_refine.correlation_coeff_Fo_to_Fc               ? 
_refine.correlation_coeff_Fo_to_Fc_free          ? 
_refine.overall_SU_R_Cruickshank_DPI             ? 
_refine.overall_SU_R_free                        ? 
_refine.overall_SU_ML                            ? 
_refine.pdbx_overall_ESU_R                       ? 
_refine.pdbx_data_cutoff_high_rms_absF           ? 
_refine.pdbx_refine_id                           'X-RAY DIFFRACTION' 
_refine.pdbx_diffrn_id                           1 
_refine.pdbx_TLS_residual_ADP_flag               ? 
_refine.pdbx_solvent_vdw_probe_radii             ? 
_refine.pdbx_solvent_ion_probe_radii             ? 
_refine.pdbx_solvent_shrinkage_radii             ? 
_refine.pdbx_overall_phase_error                 ? 
_refine.pdbx_overall_SU_R_free_Cruickshank_DPI   ? 
_refine.pdbx_overall_SU_R_Blow_DPI               ? 
_refine.pdbx_overall_SU_R_free_Blow_DPI          ? 
# 
_refine_hist.pdbx_refine_id                   'X-RAY DIFFRACTION' 
_refine_hist.cycle_id                         LAST 
_refine_hist.pdbx_number_atoms_protein        0 
_refine_hist.pdbx_number_atoms_nucleic_acid   486 
_refine_hist.pdbx_number_atoms_ligand         20 
_refine_hist.number_atoms_solvent             134 
_refine_hist.number_atoms_total               640 
_refine_hist.d_res_high                       1.2 
_refine_hist.d_res_low                        10 
# 
loop_
_refine_ls_restr.type 
_refine_ls_restr.dev_ideal 
_refine_ls_restr.dev_ideal_target 
_refine_ls_restr.weight 
_refine_ls_restr.number 
_refine_ls_restr.pdbx_refine_id 
_refine_ls_restr.pdbx_restraint_function 
s_angle_d             0.030 ? ? ? 'X-RAY DIFFRACTION' ? 
s_bond_d              0.010 ? ? ? 'X-RAY DIFFRACTION' ? 
s_anti_bump_dis_restr 0.004 ? ? ? 'X-RAY DIFFRACTION' ? 
s_non_zero_chiral_vol 0.030 ? ? ? 'X-RAY DIFFRACTION' ? 
s_zero_chiral_vol     0.000 ? ? ? 'X-RAY DIFFRACTION' ? 
# 
_struct.entry_id                  1JGR 
_struct.title                     'Crystal Structure Analysis of the B-DNA Dodecamer CGCGAATTCGCG with Thallium Ions.' 
_struct.pdbx_model_details        ? 
_struct.pdbx_CASP_flag            ? 
_struct.pdbx_model_type_details   ? 
# 
_struct_keywords.entry_id        1JGR 
_struct_keywords.pdbx_keywords   DNA 
_struct_keywords.text            'DOUBLE HELIX, DEOXYRIBONUCLEIC ACID, THALLIUM, DNA' 
# 
loop_
_struct_asym.id 
_struct_asym.pdbx_blank_PDB_chainid_flag 
_struct_asym.pdbx_modified 
_struct_asym.entity_id 
_struct_asym.details 
A N N 1 ? 
B N N 1 ? 
C N N 2 ? 
D N N 3 ? 
E N N 3 ? 
F N N 3 ? 
G N N 3 ? 
H N N 3 ? 
I N N 3 ? 
J N N 3 ? 
K N N 3 ? 
L N N 3 ? 
M N N 3 ? 
N N N 3 ? 
O N N 3 ? 
P N N 3 ? 
Q N N 4 ? 
R N N 4 ? 
# 
_struct_biol.id                    1 
_struct_biol.pdbx_parent_biol_id   ? 
_struct_biol.details               ? 
# 
loop_
_struct_conn.id 
_struct_conn.conn_type_id 
_struct_conn.pdbx_leaving_atom_flag 
_struct_conn.pdbx_PDB_id 
_struct_conn.ptnr1_label_asym_id 
_struct_conn.ptnr1_label_comp_id 
_struct_conn.ptnr1_label_seq_id 
_struct_conn.ptnr1_label_atom_id 
_struct_conn.pdbx_ptnr1_label_alt_id 
_struct_conn.pdbx_ptnr1_PDB_ins_code 
_struct_conn.pdbx_ptnr1_standard_comp_id 
_struct_conn.ptnr1_symmetry 
_struct_conn.ptnr2_label_asym_id 
_struct_conn.ptnr2_label_comp_id 
_struct_conn.ptnr2_label_seq_id 
_struct_conn.ptnr2_label_atom_id 
_struct_conn.pdbx_ptnr2_label_alt_id 
_struct_conn.pdbx_ptnr2_PDB_ins_code 
_struct_conn.ptnr1_auth_asym_id 
_struct_conn.ptnr1_auth_comp_id 
_struct_conn.ptnr1_auth_seq_id 
_struct_conn.ptnr2_auth_asym_id 
_struct_conn.ptnr2_auth_comp_id 
_struct_conn.ptnr2_auth_seq_id 
_struct_conn.ptnr2_symmetry 
_struct_conn.pdbx_ptnr3_label_atom_id 
_struct_conn.pdbx_ptnr3_label_seq_id 
_struct_conn.pdbx_ptnr3_label_comp_id 
_struct_conn.pdbx_ptnr3_label_asym_id 
_struct_conn.pdbx_ptnr3_label_alt_id 
_struct_conn.pdbx_ptnr3_PDB_ins_code 
_struct_conn.details 
_struct_conn.pdbx_dist_value 
_struct_conn.pdbx_value_order 
_struct_conn.pdbx_role 
metalc1  metalc ? ? A DC  1  N1    ? ? ? 1_555 I TL  .  TL    ? ? A DC  1001 A TL  2111 1_555 ? ? ? ? ? ? ?            3.423 ? ? 
metalc2  metalc ? ? A DC  1  "O4'" ? ? ? 1_555 I TL  .  TL    ? ? A DC  1001 A TL  2111 1_555 ? ? ? ? ? ? ?            2.842 ? ? 
metalc3  metalc ? ? A DG  2  N7    ? ? ? 1_555 G TL  .  TL    ? ? A DG  1002 A TL  2108 1_555 ? ? ? ? ? ? ?            2.932 ? ? 
metalc4  metalc ? ? A DG  2  O6    ? ? ? 1_555 G TL  .  TL    ? ? A DG  1002 A TL  2108 1_555 ? ? ? ? ? ? ?            2.469 ? ? 
metalc5  metalc ? ? A DG  2  O6    ? ? ? 1_555 N TL  .  TL    ? ? A DG  1002 B TL  2107 1_555 ? ? ? ? ? ? ?            2.428 ? ? 
metalc6  metalc ? ? A DC  3  OP1   ? ? ? 2_664 P TL  .  TL    ? ? A DC  1003 B TL  2112 1_555 ? ? ? ? ? ? ?            2.418 ? ? 
metalc7  metalc ? ? A DG  4  N7    ? ? ? 1_555 D TL  .  TL    ? ? A DG  1004 A TL  2103 1_555 ? ? ? ? ? ? ?            2.273 ? ? 
metalc8  metalc ? ? A DG  4  O6    ? ? ? 1_555 D TL  .  TL    ? ? A DG  1004 A TL  2103 1_555 ? ? ? ? ? ? ?            2.929 ? ? 
metalc9  metalc ? ? A DG  4  N2    ? ? ? 1_555 F TL  .  TL    ? ? A DG  1004 A TL  2105 1_555 ? ? ? ? ? ? ?            3.477 ? ? 
metalc10 metalc ? ? A DG  4  N3    ? ? ? 1_555 F TL  .  TL    ? ? A DG  1004 A TL  2105 1_555 ? ? ? ? ? ? ?            2.652 ? ? 
metalc11 metalc ? ? A DG  4  N2    ? ? ? 1_555 O TL  .  TL    ? ? A DG  1004 B TL  2109 1_555 ? ? ? ? ? ? ?            3.181 ? ? 
metalc12 metalc ? ? A DA  5  N3    ? ? ? 1_555 E TL  .  TL    ? ? A DA  1005 A TL  2104 1_555 ? ? ? ? ? ? ?            2.736 ? ? 
metalc13 metalc ? ? A DA  5  "O4'" ? ? ? 1_555 F TL  .  TL    ? ? A DA  1005 A TL  2105 1_555 ? ? ? ? ? ? ?            3.013 ? ? 
metalc14 metalc ? ? A DA  6  "O4'" ? ? ? 1_555 E TL  .  TL    ? ? A DA  1006 A TL  2104 1_555 ? ? ? ? ? ? ?            3.108 ? ? 
metalc15 metalc ? ? A DT  7  O2    ? ? ? 1_555 M TL  .  TL    ? ? A DT  1007 B TL  2106 1_555 ? ? ? ? ? ? ?            2.671 ? ? 
metalc16 metalc ? ? A DG  10 N7    ? ? ? 1_555 H TL  .  TL    ? ? A DG  1010 A TL  2110 1_555 ? ? ? ? ? ? ?            2.571 ? ? 
metalc17 metalc ? ? A DG  10 O6    ? ? ? 1_555 H TL  .  TL    ? ? A DG  1010 A TL  2110 1_555 ? ? ? ? ? ? ?            2.661 ? ? 
metalc18 metalc ? ? A DG  10 O6    ? ? ? 1_555 J TL  .  TL    ? ? A DG  1010 A TL  2113 1_555 ? ? ? ? ? ? ?            3.057 ? ? 
metalc19 metalc ? ? A DG  10 O6    ? ? ? 1_555 L TL  .  TL    ? ? A DG  1010 B TL  2102 1_555 ? ? ? ? ? ? ?            3.064 ? ? 
metalc20 metalc ? ? A DG  12 "O3'" ? ? ? 2_665 F TL  .  TL    ? ? A DG  1012 A TL  2105 1_555 ? ? ? ? ? ? ?            3.010 ? ? 
metalc21 metalc ? ? C MG  .  MG    ? ? ? 1_555 G TL  .  TL    ? ? A MG  2013 A TL  2108 1_555 ? ? ? ? ? ? ?            2.038 ? ? 
metalc22 metalc ? ? C MG  .  MG    ? ? ? 1_555 Q HOH .  O     ? ? A MG  2013 A HOH 3136 1_555 ? ? ? ? ? ? ?            2.113 ? ? 
metalc23 metalc ? ? C MG  .  MG    ? ? ? 1_555 Q HOH .  O     ? ? A MG  2013 A HOH 3137 1_555 ? ? ? ? ? ? ?            2.097 ? ? 
metalc24 metalc ? ? C MG  .  MG    ? ? ? 1_555 Q HOH .  O     ? ? A MG  2013 A HOH 3138 1_555 ? ? ? ? ? ? ?            2.110 ? ? 
metalc25 metalc ? ? C MG  .  MG    ? ? ? 1_555 Q HOH .  O     ? ? A MG  2013 A HOH 3139 1_555 ? ? ? ? ? ? ?            2.106 ? ? 
metalc26 metalc ? ? C MG  .  MG    ? ? ? 1_555 N TL  .  TL    ? ? A MG  2013 B TL  2107 1_555 ? ? ? ? ? ? ?            2.518 ? ? 
metalc27 metalc ? ? C MG  .  MG    ? ? ? 1_555 R HOH .  O     ? ? A MG  2013 B HOH 3135 1_555 ? ? ? ? ? ? ?            2.099 ? ? 
metalc28 metalc ? ? C MG  .  MG    ? ? ? 1_555 R HOH .  O     ? ? A MG  2013 B HOH 3140 1_555 ? ? ? ? ? ? ?            2.109 ? ? 
metalc29 metalc ? ? D TL  .  TL    ? ? ? 1_555 Q HOH .  O     ? ? A TL  2103 A HOH 3047 1_555 ? ? ? ? ? ? ?            3.206 ? ? 
metalc30 metalc ? ? D TL  .  TL    ? ? ? 1_555 Q HOH .  O     ? ? A TL  2103 A HOH 3122 1_555 ? ? ? ? ? ? ?            1.679 ? ? 
metalc31 metalc ? ? D TL  .  TL    ? ? ? 1_555 Q HOH .  O     ? ? A TL  2103 A HOH 3123 1_555 ? ? ? ? ? ? ?            1.562 ? ? 
metalc32 metalc ? ? E TL  .  TL    ? ? ? 1_555 B DC  9  O2    ? ? A TL  2104 B DC  2009 1_555 ? ? ? ? ? ? ?            3.438 ? ? 
metalc33 metalc ? ? E TL  .  TL    ? ? ? 1_555 R HOH .  O     ? ? A TL  2104 B HOH 3003 1_555 ? ? ? ? ? ? ?            2.830 ? ? 
metalc34 metalc ? ? E TL  .  TL    ? ? ? 1_555 R HOH .  O     ? ? A TL  2104 B HOH 3040 1_555 ? ? ? ? ? ? ?            3.129 ? ? 
metalc35 metalc ? ? F TL  .  TL    ? ? ? 1_555 Q HOH .  O     ? ? A TL  2105 A HOH 3120 1_555 ? ? ? ? ? ? ?            2.630 ? ? 
metalc36 metalc ? ? G TL  .  TL    ? ? ? 1_555 Q HOH .  O     ? ? A TL  2108 A HOH 3137 1_555 ? ? ? ? ? ? ?            3.170 ? ? 
metalc37 metalc ? ? G TL  .  TL    ? ? ? 1_555 Q HOH .  O     ? ? A TL  2108 A HOH 3139 1_555 ? ? ? ? ? ? ?            2.055 ? ? 
metalc38 metalc ? ? G TL  .  TL    ? ? ? 1_555 B DG  10 O6    ? ? A TL  2108 B DG  2010 1_555 ? ? ? ? ? ? ?            3.418 ? ? 
metalc39 metalc ? ? G TL  .  TL    ? ? ? 1_555 N TL  .  TL    ? ? A TL  2108 B TL  2107 1_555 ? ? ? ? ? ? ?            1.496 ? ? 
metalc40 metalc ? ? G TL  .  TL    ? ? ? 1_555 R HOH .  O     ? ? A TL  2108 B HOH 3135 1_555 ? ? ? ? ? ? ?            2.654 ? ? 
metalc41 metalc ? ? H TL  .  TL    ? ? ? 1_555 J TL  .  TL    ? ? A TL  2110 A TL  2113 1_555 ? ? ? ? ? ? ?            2.690 ? ? 
metalc42 metalc ? ? H TL  .  TL    ? ? ? 1_555 Q HOH .  O     ? ? A TL  2110 A HOH 3115 1_555 ? ? ? ? ? ? ?            2.050 ? ? 
metalc43 metalc ? ? H TL  .  TL    ? ? ? 1_555 Q HOH .  O     ? ? A TL  2110 A HOH 3116 1_555 ? ? ? ? ? ? ?            1.566 ? ? 
metalc44 metalc ? ? H TL  .  TL    ? ? ? 1_555 Q HOH .  O     ? ? A TL  2110 A HOH 3130 1_555 ? ? ? ? ? ? ?            3.177 ? ? 
metalc45 metalc ? ? H TL  .  TL    ? ? ? 1_555 L TL  .  TL    ? ? A TL  2110 B TL  2102 1_555 ? ? ? ? ? ? ?            3.485 ? ? 
metalc46 metalc ? ? I TL  .  TL    ? ? ? 1_555 Q HOH .  O     ? ? A TL  2111 A HOH 3013 3_655 ? ? ? ? ? ? ?            2.850 ? ? 
metalc47 metalc ? ? I TL  .  TL    ? ? ? 1_555 Q HOH .  O     ? ? A TL  2111 A HOH 3079 1_555 ? ? ? ? ? ? ?            2.875 ? ? 
metalc48 metalc ? ? I TL  .  TL    ? ? ? 1_555 B DG  2  "O3'" ? ? A TL  2111 B DG  2002 2_665 ? ? ? ? ? ? ?            3.364 ? ? 
metalc49 metalc ? ? I TL  .  TL    ? ? ? 1_555 B DC  3  OP1   ? ? A TL  2111 B DC  2003 2_665 ? ? ? ? ? ? ?            2.770 ? ? 
metalc50 metalc ? ? J TL  .  TL    ? ? ? 1_555 Q HOH .  O     ? ? A TL  2113 A HOH 3115 1_555 ? ? ? ? ? ? ?            3.443 ? ? 
metalc51 metalc ? ? J TL  .  TL    ? ? ? 1_555 B DG  2  O6    ? ? A TL  2113 B DG  2002 1_555 ? ? ? ? ? ? ?            2.776 ? ? 
metalc52 metalc ? ? J TL  .  TL    ? ? ? 1_555 L TL  .  TL    ? ? A TL  2113 B TL  2102 1_555 ? ? ? ? ? ? ?            1.422 ? ? 
metalc53 metalc ? ? Q HOH .  O     ? ? ? 1_555 N TL  .  TL    ? ? A HOH 3011 B TL  2107 1_555 ? ? ? ? ? ? ?            3.236 ? ? 
metalc54 metalc ? ? Q HOH .  O     ? ? ? 1_555 M TL  .  TL    ? ? A HOH 3015 B TL  2106 1_555 ? ? ? ? ? ? ?            3.034 ? ? 
metalc55 metalc ? ? Q HOH .  O     ? ? ? 1_555 K TL  .  TL    ? ? A HOH 3026 B TL  2101 1_555 ? ? ? ? ? ? ?            3.181 ? ? 
metalc56 metalc ? ? Q HOH .  O     ? ? ? 1_555 L TL  .  TL    ? ? A HOH 3115 B TL  2102 1_555 ? ? ? ? ? ? ?            3.429 ? ? 
metalc57 metalc ? ? Q HOH .  O     ? ? ? 1_555 N TL  .  TL    ? ? A HOH 3139 B TL  2107 1_555 ? ? ? ? ? ? ?            3.399 ? ? 
metalc58 metalc ? ? B DC  1  "O4'" ? ? ? 1_555 P TL  .  TL    ? ? B DC  2001 B TL  2112 1_555 ? ? ? ? ? ? ?            3.510 ? ? 
metalc59 metalc ? ? B DG  2  N7    ? ? ? 1_555 L TL  .  TL    ? ? B DG  2002 B TL  2102 1_555 ? ? ? ? ? ? ?            2.927 ? ? 
metalc60 metalc ? ? B DG  2  O6    ? ? ? 1_555 L TL  .  TL    ? ? B DG  2002 B TL  2102 1_555 ? ? ? ? ? ? ?            2.626 ? ? 
metalc61 metalc ? ? B DG  4  N7    ? ? ? 1_555 K TL  .  TL    ? ? B DG  2004 B TL  2101 1_555 ? ? ? ? ? ? ?            2.752 ? ? 
metalc62 metalc ? ? B DG  4  O6    ? ? ? 1_555 K TL  .  TL    ? ? B DG  2004 B TL  2101 1_555 ? ? ? ? ? ? ?            2.951 ? ? 
metalc63 metalc ? ? B DT  7  O2    ? ? ? 1_555 M TL  .  TL    ? ? B DT  2007 B TL  2106 1_555 ? ? ? ? ? ? ?            2.540 ? ? 
metalc64 metalc ? ? B DT  8  "O4'" ? ? ? 1_555 M TL  .  TL    ? ? B DT  2008 B TL  2106 1_555 ? ? ? ? ? ? ?            3.200 ? ? 
metalc65 metalc ? ? B DC  9  O2    ? ? ? 1_555 O TL  .  TL    ? ? B DC  2009 B TL  2109 1_555 ? ? ? ? ? ? ?            3.183 ? ? 
metalc66 metalc ? ? B DG  10 O6    ? ? ? 1_555 N TL  .  TL    ? ? B DG  2010 B TL  2107 1_555 ? ? ? ? ? ? ?            2.859 ? ? 
metalc67 metalc ? ? B DG  10 N7    ? ? ? 1_555 N TL  .  TL    ? ? B DG  2010 B TL  2107 1_555 ? ? ? ? ? ? ?            3.452 ? ? 
metalc68 metalc ? ? B DG  10 "O4'" ? ? ? 1_555 O TL  .  TL    ? ? B DG  2010 B TL  2109 1_555 ? ? ? ? ? ? ?            2.773 ? ? 
metalc69 metalc ? ? B DG  10 N3    ? ? ? 1_555 O TL  .  TL    ? ? B DG  2010 B TL  2109 1_555 ? ? ? ? ? ? ?            3.092 ? ? 
metalc70 metalc ? ? K TL  .  TL    ? ? ? 1_555 R HOH .  O     ? ? B TL  2101 B HOH 3046 1_555 ? ? ? ? ? ? ?            3.147 ? ? 
metalc71 metalc ? ? K TL  .  TL    ? ? ? 1_555 R HOH .  O     ? ? B TL  2101 B HOH 3081 1_555 ? ? ? ? ? ? ?            1.577 ? ? 
metalc72 metalc ? ? K TL  .  TL    ? ? ? 1_555 R HOH .  O     ? ? B TL  2101 B HOH 3082 1_555 ? ? ? ? ? ? ?            1.618 ? ? 
metalc73 metalc ? ? M TL  .  TL    ? ? ? 1_555 R HOH .  O     ? ? B TL  2106 B HOH 3024 1_555 ? ? ? ? ? ? ?            2.886 ? ? 
metalc74 metalc ? ? N TL  .  TL    ? ? ? 1_555 R HOH .  O     ? ? B TL  2107 B HOH 3135 1_555 ? ? ? ? ? ? ?            2.516 ? ? 
metalc75 metalc ? ? N TL  .  TL    ? ? ? 1_555 R HOH .  O     ? ? B TL  2107 B HOH 3140 1_555 ? ? ? ? ? ? ?            3.141 ? ? 
metalc76 metalc ? ? O TL  .  TL    ? ? ? 1_555 R HOH .  O     ? ? B TL  2109 B HOH 3003 1_555 ? ? ? ? ? ? ?            1.621 ? ? 
metalc77 metalc ? ? O TL  .  TL    ? ? ? 1_555 R HOH .  O     ? ? B TL  2109 B HOH 3103 1_555 ? ? ? ? ? ? ?            1.613 ? ? 
metalc78 metalc ? ? O TL  .  TL    ? ? ? 1_555 R HOH .  O     ? ? B TL  2109 B HOH 3131 1_555 ? ? ? ? ? ? ?            3.311 ? ? 
metalc79 metalc ? ? P TL  .  TL    ? ? ? 1_555 R HOH .  O     ? ? B TL  2112 B HOH 3084 2_564 ? ? ? ? ? ? ?            3.243 ? ? 
metalc80 metalc ? ? P TL  .  TL    ? ? ? 1_555 R HOH .  O     ? ? B TL  2112 B HOH 3124 1_555 ? ? ? ? ? ? ?            1.835 ? ? 
hydrog1  hydrog ? ? A DC  1  N3    ? ? ? 1_555 B DG  12 N1    ? ? A DC  1001 B DG  2012 1_555 ? ? ? ? ? ? WATSON-CRICK ?     ? ? 
hydrog2  hydrog ? ? A DC  1  N4    ? ? ? 1_555 B DG  12 O6    ? ? A DC  1001 B DG  2012 1_555 ? ? ? ? ? ? WATSON-CRICK ?     ? ? 
hydrog3  hydrog ? ? A DC  1  O2    ? ? ? 1_555 B DG  12 N2    ? ? A DC  1001 B DG  2012 1_555 ? ? ? ? ? ? WATSON-CRICK ?     ? ? 
hydrog4  hydrog ? ? A DG  2  N1    ? ? ? 1_555 B DC  11 N3    ? ? A DG  1002 B DC  2011 1_555 ? ? ? ? ? ? WATSON-CRICK ?     ? ? 
hydrog5  hydrog ? ? A DG  2  N2    ? ? ? 1_555 B DC  11 O2    ? ? A DG  1002 B DC  2011 1_555 ? ? ? ? ? ? WATSON-CRICK ?     ? ? 
hydrog6  hydrog ? ? A DG  2  O6    ? ? ? 1_555 B DC  11 N4    ? ? A DG  1002 B DC  2011 1_555 ? ? ? ? ? ? WATSON-CRICK ?     ? ? 
hydrog7  hydrog ? ? A DC  3  N3    ? ? ? 1_555 B DG  10 N1    ? ? A DC  1003 B DG  2010 1_555 ? ? ? ? ? ? WATSON-CRICK ?     ? ? 
hydrog8  hydrog ? ? A DC  3  N4    ? ? ? 1_555 B DG  10 O6    ? ? A DC  1003 B DG  2010 1_555 ? ? ? ? ? ? WATSON-CRICK ?     ? ? 
hydrog9  hydrog ? ? A DC  3  O2    ? ? ? 1_555 B DG  10 N2    ? ? A DC  1003 B DG  2010 1_555 ? ? ? ? ? ? WATSON-CRICK ?     ? ? 
hydrog10 hydrog ? ? A DG  4  N1    ? ? ? 1_555 B DC  9  N3    ? ? A DG  1004 B DC  2009 1_555 ? ? ? ? ? ? WATSON-CRICK ?     ? ? 
hydrog11 hydrog ? ? A DG  4  N2    ? ? ? 1_555 B DC  9  O2    ? ? A DG  1004 B DC  2009 1_555 ? ? ? ? ? ? WATSON-CRICK ?     ? ? 
hydrog12 hydrog ? ? A DG  4  O6    ? ? ? 1_555 B DC  9  N4    ? ? A DG  1004 B DC  2009 1_555 ? ? ? ? ? ? WATSON-CRICK ?     ? ? 
hydrog13 hydrog ? ? A DA  5  N1    ? ? ? 1_555 B DT  8  N3    ? ? A DA  1005 B DT  2008 1_555 ? ? ? ? ? ? WATSON-CRICK ?     ? ? 
hydrog14 hydrog ? ? A DA  5  N6    ? ? ? 1_555 B DT  8  O4    ? ? A DA  1005 B DT  2008 1_555 ? ? ? ? ? ? WATSON-CRICK ?     ? ? 
hydrog15 hydrog ? ? A DA  6  N1    ? ? ? 1_555 B DT  7  N3    ? ? A DA  1006 B DT  2007 1_555 ? ? ? ? ? ? WATSON-CRICK ?     ? ? 
hydrog16 hydrog ? ? A DA  6  N6    ? ? ? 1_555 B DT  7  O4    ? ? A DA  1006 B DT  2007 1_555 ? ? ? ? ? ? WATSON-CRICK ?     ? ? 
hydrog17 hydrog ? ? A DT  7  N3    ? ? ? 1_555 B DA  6  N1    ? ? A DT  1007 B DA  2006 1_555 ? ? ? ? ? ? WATSON-CRICK ?     ? ? 
hydrog18 hydrog ? ? A DT  7  O4    ? ? ? 1_555 B DA  6  N6    ? ? A DT  1007 B DA  2006 1_555 ? ? ? ? ? ? WATSON-CRICK ?     ? ? 
hydrog19 hydrog ? ? A DT  8  N3    ? ? ? 1_555 B DA  5  N1    ? ? A DT  1008 B DA  2005 1_555 ? ? ? ? ? ? WATSON-CRICK ?     ? ? 
hydrog20 hydrog ? ? A DT  8  O4    ? ? ? 1_555 B DA  5  N6    ? ? A DT  1008 B DA  2005 1_555 ? ? ? ? ? ? WATSON-CRICK ?     ? ? 
hydrog21 hydrog ? ? A DC  9  N3    ? ? ? 1_555 B DG  4  N1    ? ? A DC  1009 B DG  2004 1_555 ? ? ? ? ? ? WATSON-CRICK ?     ? ? 
hydrog22 hydrog ? ? A DC  9  N4    ? ? ? 1_555 B DG  4  O6    ? ? A DC  1009 B DG  2004 1_555 ? ? ? ? ? ? WATSON-CRICK ?     ? ? 
hydrog23 hydrog ? ? A DC  9  O2    ? ? ? 1_555 B DG  4  N2    ? ? A DC  1009 B DG  2004 1_555 ? ? ? ? ? ? WATSON-CRICK ?     ? ? 
hydrog24 hydrog ? ? A DG  10 N1    ? ? ? 1_555 B DC  3  N3    ? ? A DG  1010 B DC  2003 1_555 ? ? ? ? ? ? WATSON-CRICK ?     ? ? 
hydrog25 hydrog ? ? A DG  10 N2    ? ? ? 1_555 B DC  3  O2    ? ? A DG  1010 B DC  2003 1_555 ? ? ? ? ? ? WATSON-CRICK ?     ? ? 
hydrog26 hydrog ? ? A DG  10 O6    ? ? ? 1_555 B DC  3  N4    ? ? A DG  1010 B DC  2003 1_555 ? ? ? ? ? ? WATSON-CRICK ?     ? ? 
hydrog27 hydrog ? ? A DC  11 N3    ? ? ? 1_555 B DG  2  N1    ? ? A DC  1011 B DG  2002 1_555 ? ? ? ? ? ? WATSON-CRICK ?     ? ? 
hydrog28 hydrog ? ? A DC  11 N4    ? ? ? 1_555 B DG  2  O6    ? ? A DC  1011 B DG  2002 1_555 ? ? ? ? ? ? WATSON-CRICK ?     ? ? 
hydrog29 hydrog ? ? A DC  11 O2    ? ? ? 1_555 B DG  2  N2    ? ? A DC  1011 B DG  2002 1_555 ? ? ? ? ? ? WATSON-CRICK ?     ? ? 
hydrog30 hydrog ? ? A DG  12 N1    ? ? ? 1_555 B DC  1  N3    ? ? A DG  1012 B DC  2001 1_555 ? ? ? ? ? ? WATSON-CRICK ?     ? ? 
hydrog31 hydrog ? ? A DG  12 N2    ? ? ? 1_555 B DC  1  O2    ? ? A DG  1012 B DC  2001 1_555 ? ? ? ? ? ? WATSON-CRICK ?     ? ? 
hydrog32 hydrog ? ? A DG  12 O6    ? ? ? 1_555 B DC  1  N4    ? ? A DG  1012 B DC  2001 1_555 ? ? ? ? ? ? WATSON-CRICK ?     ? ? 
# 
loop_
_struct_conn_type.id 
_struct_conn_type.criteria 
_struct_conn_type.reference 
metalc ? ? 
hydrog ? ? 
# 
loop_
_struct_site.id 
_struct_site.pdbx_evidence_code 
_struct_site.pdbx_auth_asym_id 
_struct_site.pdbx_auth_comp_id 
_struct_site.pdbx_auth_seq_id 
_struct_site.pdbx_auth_ins_code 
_struct_site.pdbx_num_residues 
_struct_site.details 
AC1 Software A MG 2013 ? 8 'BINDING SITE FOR RESIDUE MG A 2013' 
AC2 Software B TL 2101 ? 4 'BINDING SITE FOR RESIDUE TL B 2101' 
AC3 Software B TL 2102 ? 4 'BINDING SITE FOR RESIDUE TL B 2102' 
AC4 Software A TL 2103 ? 3 'BINDING SITE FOR RESIDUE TL A 2103' 
AC5 Software A TL 2104 ? 4 'BINDING SITE FOR RESIDUE TL A 2104' 
AC6 Software A TL 2105 ? 4 'BINDING SITE FOR RESIDUE TL A 2105' 
AC7 Software B TL 2106 ? 6 'BINDING SITE FOR RESIDUE TL B 2106' 
AC8 Software B TL 2107 ? 6 'BINDING SITE FOR RESIDUE TL B 2107' 
AC9 Software A TL 2108 ? 8 'BINDING SITE FOR RESIDUE TL A 2108' 
BC1 Software B TL 2109 ? 5 'BINDING SITE FOR RESIDUE TL B 2109' 
BC2 Software A TL 2110 ? 5 'BINDING SITE FOR RESIDUE TL A 2110' 
BC3 Software A TL 2111 ? 5 'BINDING SITE FOR RESIDUE TL A 2111' 
BC4 Software B TL 2112 ? 4 'BINDING SITE FOR RESIDUE TL B 2112' 
BC5 Software A TL 2113 ? 4 'BINDING SITE FOR RESIDUE TL A 2113' 
# 
loop_
_struct_site_gen.id 
_struct_site_gen.site_id 
_struct_site_gen.pdbx_num_res 
_struct_site_gen.label_comp_id 
_struct_site_gen.label_asym_id 
_struct_site_gen.label_seq_id 
_struct_site_gen.pdbx_auth_ins_code 
_struct_site_gen.auth_comp_id 
_struct_site_gen.auth_asym_id 
_struct_site_gen.auth_seq_id 
_struct_site_gen.label_atom_id 
_struct_site_gen.label_alt_id 
_struct_site_gen.symmetry 
_struct_site_gen.details 
1  AC1 8 TL  G .  ? TL  A 2108 . ? 1_555 ? 
2  AC1 8 HOH Q .  ? HOH A 3136 . ? 1_555 ? 
3  AC1 8 HOH Q .  ? HOH A 3137 . ? 1_555 ? 
4  AC1 8 HOH Q .  ? HOH A 3138 . ? 1_555 ? 
5  AC1 8 HOH Q .  ? HOH A 3139 . ? 1_555 ? 
6  AC1 8 TL  N .  ? TL  B 2107 . ? 1_555 ? 
7  AC1 8 HOH R .  ? HOH B 3135 . ? 1_555 ? 
8  AC1 8 HOH R .  ? HOH B 3140 . ? 1_555 ? 
9  AC2 4 DC  B 3  ? DC  B 2003 . ? 1_555 ? 
10 AC2 4 DG  B 4  ? DG  B 2004 . ? 1_555 ? 
11 AC2 4 HOH R .  ? HOH B 3081 . ? 1_555 ? 
12 AC2 4 HOH R .  ? HOH B 3082 . ? 1_555 ? 
13 AC3 4 DG  A 10 ? DG  A 1010 . ? 1_555 ? 
14 AC3 4 TL  H .  ? TL  A 2110 . ? 1_555 ? 
15 AC3 4 TL  J .  ? TL  A 2113 . ? 1_555 ? 
16 AC3 4 DG  B 2  ? DG  B 2002 . ? 1_555 ? 
17 AC4 3 DG  A 4  ? DG  A 1004 . ? 1_555 ? 
18 AC4 3 HOH Q .  ? HOH A 3122 . ? 1_555 ? 
19 AC4 3 HOH Q .  ? HOH A 3123 . ? 1_555 ? 
20 AC5 4 DA  A 5  ? DA  A 1005 . ? 1_555 ? 
21 AC5 4 DA  A 6  ? DA  A 1006 . ? 1_555 ? 
22 AC5 4 DC  B 9  ? DC  B 2009 . ? 1_555 ? 
23 AC5 4 HOH R .  ? HOH B 3003 . ? 1_555 ? 
24 AC6 4 DG  A 4  ? DG  A 1004 . ? 1_555 ? 
25 AC6 4 DA  A 5  ? DA  A 1005 . ? 1_555 ? 
26 AC6 4 DG  A 12 ? DG  A 1012 . ? 2_665 ? 
27 AC6 4 HOH Q .  ? HOH A 3120 . ? 1_555 ? 
28 AC7 6 DT  A 7  ? DT  A 1007 . ? 1_555 ? 
29 AC7 6 DT  A 8  ? DT  A 1008 . ? 1_555 ? 
30 AC7 6 HOH Q .  ? HOH A 3015 . ? 1_555 ? 
31 AC7 6 DT  B 7  ? DT  B 2007 . ? 1_555 ? 
32 AC7 6 DT  B 8  ? DT  B 2008 . ? 1_555 ? 
33 AC7 6 HOH R .  ? HOH B 3024 . ? 1_555 ? 
34 AC8 6 DG  A 2  ? DG  A 1002 . ? 1_555 ? 
35 AC8 6 MG  C .  ? MG  A 2013 . ? 1_555 ? 
36 AC8 6 TL  G .  ? TL  A 2108 . ? 1_555 ? 
37 AC8 6 HOH Q .  ? HOH A 3136 . ? 1_555 ? 
38 AC8 6 DG  B 10 ? DG  B 2010 . ? 1_555 ? 
39 AC8 6 HOH R .  ? HOH B 3135 . ? 1_555 ? 
40 AC9 8 DC  A 1  ? DC  A 1001 . ? 1_555 ? 
41 AC9 8 DG  A 2  ? DG  A 1002 . ? 1_555 ? 
42 AC9 8 MG  C .  ? MG  A 2013 . ? 1_555 ? 
43 AC9 8 HOH Q .  ? HOH A 3136 . ? 1_555 ? 
44 AC9 8 HOH Q .  ? HOH A 3139 . ? 1_555 ? 
45 AC9 8 DG  B 10 ? DG  B 2010 . ? 1_555 ? 
46 AC9 8 TL  N .  ? TL  B 2107 . ? 1_555 ? 
47 AC9 8 HOH R .  ? HOH B 3135 . ? 1_555 ? 
48 BC1 5 DG  A 4  ? DG  A 1004 . ? 1_555 ? 
49 BC1 5 DC  B 9  ? DC  B 2009 . ? 1_555 ? 
50 BC1 5 DG  B 10 ? DG  B 2010 . ? 1_555 ? 
51 BC1 5 HOH R .  ? HOH B 3003 . ? 1_555 ? 
52 BC1 5 HOH R .  ? HOH B 3103 . ? 1_555 ? 
53 BC2 5 DG  A 10 ? DG  A 1010 . ? 1_555 ? 
54 BC2 5 TL  J .  ? TL  A 2113 . ? 1_555 ? 
55 BC2 5 HOH Q .  ? HOH A 3115 . ? 1_555 ? 
56 BC2 5 HOH Q .  ? HOH A 3116 . ? 1_555 ? 
57 BC2 5 TL  L .  ? TL  B 2102 . ? 1_555 ? 
58 BC3 5 DC  A 1  ? DC  A 1001 . ? 1_555 ? 
59 BC3 5 HOH Q .  ? HOH A 3013 . ? 3_655 ? 
60 BC3 5 HOH Q .  ? HOH A 3079 . ? 1_555 ? 
61 BC3 5 DG  B 2  ? DG  B 2002 . ? 2_665 ? 
62 BC3 5 DC  B 3  ? DC  B 2003 . ? 2_665 ? 
63 BC4 4 DG  A 2  ? DG  A 1002 . ? 2_664 ? 
64 BC4 4 DC  A 3  ? DC  A 1003 . ? 2_664 ? 
65 BC4 4 DC  B 1  ? DC  B 2001 . ? 1_555 ? 
66 BC4 4 HOH R .  ? HOH B 3124 . ? 1_555 ? 
67 BC5 4 DG  A 10 ? DG  A 1010 . ? 1_555 ? 
68 BC5 4 TL  H .  ? TL  A 2110 . ? 1_555 ? 
69 BC5 4 DG  B 2  ? DG  B 2002 . ? 1_555 ? 
70 BC5 4 TL  L .  ? TL  B 2102 . ? 1_555 ? 
# 
_atom_sites.entry_id                    1JGR 
_atom_sites.fract_transf_matrix[1][1]   -0.00492597 
_atom_sites.fract_transf_matrix[1][2]   0.01402495 
_atom_sites.fract_transf_matrix[1][3]   0.03556336 
_atom_sites.fract_transf_matrix[2][1]   -0.02418507 
_atom_sites.fract_transf_matrix[2][2]   -0.00372965 
_atom_sites.fract_transf_matrix[2][3]   -0.00187909 
_atom_sites.fract_transf_matrix[3][1]   0.00169706 
_atom_sites.fract_transf_matrix[3][2]   -0.01388110 
_atom_sites.fract_transf_matrix[3][3]   0.00570929 
_atom_sites.fract_transf_vector[1]      0.580591 
_atom_sites.fract_transf_vector[2]      0.526884 
_atom_sites.fract_transf_vector[3]      0.137118 
# 
loop_
_atom_type.symbol 
C  
MG 
N  
O  
P  
TL 
# 
loop_
_atom_site.group_PDB 
_atom_site.id 
_atom_site.type_symbol 
_atom_site.label_atom_id 
_atom_site.label_alt_id 
_atom_site.label_comp_id 
_atom_site.label_asym_id 
_atom_site.label_entity_id 
_atom_site.label_seq_id 
_atom_site.pdbx_PDB_ins_code 
_atom_site.Cartn_x 
_atom_site.Cartn_y 
_atom_site.Cartn_z 
_atom_site.occupancy 
_atom_site.B_iso_or_equiv 
_atom_site.pdbx_formal_charge 
_atom_site.auth_seq_id 
_atom_site.auth_comp_id 
_atom_site.auth_asym_id 
_atom_site.auth_atom_id 
_atom_site.pdbx_PDB_model_num 
ATOM   1   O  "O5'" . DC  A 1 1  ? -12.776 -13.344 9.861   1.00 24.68 ? 1001 DC  A "O5'" 1 
ATOM   2   C  "C5'" . DC  A 1 1  ? -11.482 -13.780 9.425   1.00 19.69 ? 1001 DC  A "C5'" 1 
ATOM   3   C  "C4'" . DC  A 1 1  ? -10.422 -13.203 10.351  1.00 19.21 ? 1001 DC  A "C4'" 1 
ATOM   4   O  "O4'" . DC  A 1 1  ? -9.159  -13.845 10.063  1.00 18.17 ? 1001 DC  A "O4'" 1 
ATOM   5   C  "C3'" . DC  A 1 1  ? -10.162 -11.700 10.232  1.00 20.23 ? 1001 DC  A "C3'" 1 
ATOM   6   O  "O3'" . DC  A 1 1  ? -9.886  -11.150 11.527  1.00 22.61 ? 1001 DC  A "O3'" 1 
ATOM   7   C  "C2'" . DC  A 1 1  ? -9.026  -11.681 9.243   1.00 19.62 ? 1001 DC  A "C2'" 1 
ATOM   8   C  "C1'" . DC  A 1 1  ? -8.176  -12.868 9.703   1.00 17.58 ? 1001 DC  A "C1'" 1 
ATOM   9   N  N1    . DC  A 1 1  ? -7.267  -13.442 8.712   1.00 16.41 ? 1001 DC  A N1    1 
ATOM   10  C  C2    . DC  A 1 1  ? -6.007  -13.920 9.115   1.00 16.22 ? 1001 DC  A C2    1 
ATOM   11  O  O2    . DC  A 1 1  ? -5.575  -13.711 10.262  1.00 16.87 ? 1001 DC  A O2    1 
ATOM   12  N  N3    . DC  A 1 1  ? -5.183  -14.558 8.244   1.00 15.83 ? 1001 DC  A N3    1 
ATOM   13  C  C4    . DC  A 1 1  ? -5.643  -14.760 7.007   1.00 15.71 ? 1001 DC  A C4    1 
ATOM   14  N  N4    . DC  A 1 1  ? -4.851  -15.405 6.122   1.00 17.37 ? 1001 DC  A N4    1 
ATOM   15  C  C5    . DC  A 1 1  ? -6.926  -14.312 6.559   1.00 16.64 ? 1001 DC  A C5    1 
ATOM   16  C  C6    . DC  A 1 1  ? -7.679  -13.654 7.433   1.00 17.29 ? 1001 DC  A C6    1 
ATOM   17  P  P     . DG  A 1 2  ? -9.834  -9.587  11.860  1.00 23.14 ? 1002 DG  A P     1 
ATOM   18  O  OP1   . DG  A 1 2  ? -10.298 -9.357  13.253  1.00 27.20 ? 1002 DG  A OP1   1 
ATOM   19  O  OP2   . DG  A 1 2  ? -10.423 -8.832  10.715  1.00 26.08 ? 1002 DG  A OP2   1 
ATOM   20  O  "O5'" . DG  A 1 2  ? -8.258  -9.244  11.815  1.00 22.66 ? 1002 DG  A "O5'" 1 
ATOM   21  C  "C5'" . DG  A 1 2  ? -7.447  -9.805  12.865  1.00 22.10 ? 1002 DG  A "C5'" 1 
ATOM   22  C  "C4'" . DG  A 1 2  ? -6.046  -9.287  12.709  1.00 19.55 ? 1002 DG  A "C4'" 1 
ATOM   23  O  "O4'" . DG  A 1 2  ? -5.416  -10.004 11.630  1.00 21.19 ? 1002 DG  A "O4'" 1 
ATOM   24  C  "C3'" . DG  A 1 2  ? -5.926  -7.808  12.339  1.00 19.98 ? 1002 DG  A "C3'" 1 
ATOM   25  O  "O3'" . DG  A 1 2  ? -4.897  -7.261  13.141  1.00 25.02 ? 1002 DG  A "O3'" 1 
ATOM   26  C  "C2'" . DG  A 1 2  ? -5.621  -7.811  10.867  1.00 19.83 ? 1002 DG  A "C2'" 1 
ATOM   27  C  "C1'" . DG  A 1 2  ? -4.785  -9.082  10.750  1.00 19.47 ? 1002 DG  A "C1'" 1 
ATOM   28  N  N9    . DG  A 1 2  ? -4.741  -9.738  9.438   1.00 18.20 ? 1002 DG  A N9    1 
ATOM   29  C  C8    . DG  A 1 2  ? -5.738  -9.812  8.493   1.00 18.76 ? 1002 DG  A C8    1 
ATOM   30  N  N7    . DG  A 1 2  ? -5.402  -10.515 7.440   1.00 17.35 ? 1002 DG  A N7    1 
ATOM   31  C  C5    . DG  A 1 2  ? -4.133  -11.006 7.735   1.00 15.76 ? 1002 DG  A C5    1 
ATOM   32  C  C6    . DG  A 1 2  ? -3.257  -11.798 6.945   1.00 14.47 ? 1002 DG  A C6    1 
ATOM   33  O  O6    . DG  A 1 2  ? -3.472  -12.337 5.845   1.00 15.99 ? 1002 DG  A O6    1 
ATOM   34  N  N1    . DG  A 1 2  ? -2.031  -12.030 7.584   1.00 14.73 ? 1002 DG  A N1    1 
ATOM   35  C  C2    . DG  A 1 2  ? -1.708  -11.506 8.825   1.00 15.98 ? 1002 DG  A C2    1 
ATOM   36  N  N2    . DG  A 1 2  ? -0.456  -11.809 9.269   1.00 15.63 ? 1002 DG  A N2    1 
ATOM   37  N  N3    . DG  A 1 2  ? -2.504  -10.719 9.547   1.00 16.65 ? 1002 DG  A N3    1 
ATOM   38  C  C4    . DG  A 1 2  ? -3.717  -10.549 8.970   1.00 16.31 ? 1002 DG  A C4    1 
ATOM   39  P  P     . DC  A 1 3  ? -4.606  -5.759  13.470  1.00 23.87 ? 1003 DC  A P     1 
ATOM   40  O  OP1   . DC  A 1 3  ? -4.995  -5.471  14.877  1.00 33.70 ? 1003 DC  A OP1   1 
ATOM   41  O  OP2   . DC  A 1 3  ? -5.245  -4.893  12.440  1.00 37.84 ? 1003 DC  A OP2   1 
ATOM   42  O  "O5'" . DC  A 1 3  ? -3.027  -5.630  13.325  1.00 24.22 ? 1003 DC  A "O5'" 1 
ATOM   43  C  "C5'" . DC  A 1 3  ? -2.126  -6.654  13.738  1.00 20.17 ? 1003 DC  A "C5'" 1 
ATOM   44  C  "C4'" . DC  A 1 3  ? -1.046  -6.846  12.704  1.00 18.47 ? 1003 DC  A "C4'" 1 
ATOM   45  O  "O4'" . DC  A 1 3  ? -1.587  -7.494  11.530  1.00 17.39 ? 1003 DC  A "O4'" 1 
ATOM   46  C  "C3'" . DC  A 1 3  ? -0.415  -5.559  12.193  1.00 19.35 ? 1003 DC  A "C3'" 1 
ATOM   47  O  "O3'" . DC  A 1 3  ? 0.782   -5.322  12.926  1.00 22.57 ? 1003 DC  A "O3'" 1 
ATOM   48  C  "C2'" . DC  A 1 3  ? -0.154  -5.788  10.730  1.00 19.98 ? 1003 DC  A "C2'" 1 
ATOM   49  C  "C1'" . DC  A 1 3  ? -0.714  -7.193  10.466  1.00 16.91 ? 1003 DC  A "C1'" 1 
ATOM   50  N  N1    . DC  A 1 3  ? -1.450  -7.233  9.210   1.00 17.59 ? 1003 DC  A N1    1 
ATOM   51  C  C2    . DC  A 1 3  ? -1.029  -8.069  8.173   1.00 15.28 ? 1003 DC  A C2    1 
ATOM   52  O  O2    . DC  A 1 3  ? 0.090   -8.584  8.210   1.00 17.07 ? 1003 DC  A O2    1 
ATOM   53  N  N3    . DC  A 1 3  ? -1.818  -8.264  7.085   1.00 16.88 ? 1003 DC  A N3    1 
ATOM   54  C  C4    . DC  A 1 3  ? -3.021  -7.678  6.993   1.00 18.44 ? 1003 DC  A C4    1 
ATOM   55  N  N4    . DC  A 1 3  ? -3.775  -7.920  5.897   1.00 19.70 ? 1003 DC  A N4    1 
ATOM   56  C  C5    . DC  A 1 3  ? -3.480  -6.812  8.041   1.00 19.60 ? 1003 DC  A C5    1 
ATOM   57  C  C6    . DC  A 1 3  ? -2.689  -6.626  9.111   1.00 18.16 ? 1003 DC  A C6    1 
ATOM   58  P  P     . DG  A 1 4  ? 1.621   -3.978  12.887  1.00 27.35 ? 1004 DG  A P     1 
ATOM   59  O  OP1   . DG  A 1 4  ? 2.499   -3.922  14.080  1.00 36.55 ? 1004 DG  A OP1   1 
ATOM   60  O  OP2   . DG  A 1 4  ? 0.696   -2.839  12.615  1.00 35.49 ? 1004 DG  A OP2   1 
ATOM   61  O  "O5'" . DG  A 1 4  ? 2.513   -4.166  11.579  1.00 25.87 ? 1004 DG  A "O5'" 1 
ATOM   62  C  "C5'" . DG  A 1 4  ? 3.498   -5.212  11.534  1.00 25.65 ? 1004 DG  A "C5'" 1 
ATOM   63  C  "C4'" . DG  A 1 4  ? 4.216   -5.180  10.216  1.00 25.92 ? 1004 DG  A "C4'" 1 
ATOM   64  O  "O4'" . DG  A 1 4  ? 3.293   -5.617  9.180   1.00 27.43 ? 1004 DG  A "O4'" 1 
ATOM   65  C  "C3'" . DG  A 1 4  ? 4.718   -3.824  9.755   1.00 28.42 ? 1004 DG  A "C3'" 1 
ATOM   66  O  "O3'" . DG  A 1 4  ? 5.957   -4.019  9.103   1.00 32.89 ? 1004 DG  A "O3'" 1 
ATOM   67  C  "C2'" . DG  A 1 4  ? 3.652   -3.321  8.821   1.00 28.40 ? 1004 DG  A "C2'" 1 
ATOM   68  C  "C1'" . DG  A 1 4  ? 3.250   -4.638  8.140   1.00 27.46 ? 1004 DG  A "C1'" 1 
ATOM   69  N  N9    . DG  A 1 4  ? 1.908   -4.701  7.551   1.00 25.05 ? 1004 DG  A N9    1 
ATOM   70  C  C8    . DG  A 1 4  ? 0.775   -4.061  7.993   1.00 25.70 ? 1004 DG  A C8    1 
ATOM   71  N  N7    . DG  A 1 4  ? -0.263  -4.261  7.225   1.00 25.68 ? 1004 DG  A N7    1 
ATOM   72  C  C5    . DG  A 1 4  ? 0.169   -5.229  6.345   1.00 24.05 ? 1004 DG  A C5    1 
ATOM   73  C  C6    . DG  A 1 4  ? -0.492  -5.754  5.201   1.00 23.10 ? 1004 DG  A C6    1 
ATOM   74  O  O6    . DG  A 1 4  ? -1.681  -5.623  4.920   1.00 24.90 ? 1004 DG  A O6    1 
ATOM   75  N  N1    . DG  A 1 4  ? 0.313   -6.626  4.472   1.00 22.07 ? 1004 DG  A N1    1 
ATOM   76  C  C2    . DG  A 1 4  ? 1.625   -6.912  4.770   1.00 22.36 ? 1004 DG  A C2    1 
ATOM   77  N  N2    . DG  A 1 4  ? 2.261   -7.722  3.880   1.00 21.73 ? 1004 DG  A N2    1 
ATOM   78  N  N3    . DG  A 1 4  ? 2.281   -6.344  5.770   1.00 22.38 ? 1004 DG  A N3    1 
ATOM   79  C  C4    . DG  A 1 4  ? 1.514   -5.513  6.510   1.00 24.36 ? 1004 DG  A C4    1 
ATOM   80  P  P     . DA  A 1 5  ? 7.018   -2.956  8.609   1.00 30.46 ? 1005 DA  A P     1 
ATOM   81  O  OP1   . DA  A 1 5  ? 8.266   -3.117  9.406   1.00 40.83 ? 1005 DA  A OP1   1 
ATOM   82  O  OP2   . DA  A 1 5  ? 6.387   -1.621  8.439   1.00 34.34 ? 1005 DA  A OP2   1 
ATOM   83  O  "O5'" . DA  A 1 5  ? 7.325   -3.517  7.144   1.00 25.79 ? 1005 DA  A "O5'" 1 
ATOM   84  C  "C5'" . DA  A 1 5  ? 7.719   -4.867  6.897   1.00 22.44 ? 1005 DA  A "C5'" 1 
ATOM   85  C  "C4'" . DA  A 1 5  ? 7.568   -5.214  5.437   1.00 20.96 ? 1005 DA  A "C4'" 1 
ATOM   86  O  "O4'" . DA  A 1 5  ? 6.164   -5.216  5.113   1.00 21.33 ? 1005 DA  A "O4'" 1 
ATOM   87  C  "C3'" . DA  A 1 5  ? 8.275   -4.248  4.467   1.00 21.15 ? 1005 DA  A "C3'" 1 
ATOM   88  O  "O3'" . DA  A 1 5  ? 9.090   -5.006  3.570   1.00 20.71 ? 1005 DA  A "O3'" 1 
ATOM   89  C  "C2'" . DA  A 1 5  ? 7.149   -3.485  3.823   1.00 19.36 ? 1005 DA  A "C2'" 1 
ATOM   90  C  "C1'" . DA  A 1 5  ? 5.953   -4.431  3.928   1.00 19.73 ? 1005 DA  A "C1'" 1 
ATOM   91  N  N9    . DA  A 1 5  ? 4.626   -3.822  4.092   1.00 19.03 ? 1005 DA  A N9    1 
ATOM   92  C  C8    . DA  A 1 5  ? 4.176   -3.001  5.107   1.00 19.54 ? 1005 DA  A C8    1 
ATOM   93  N  N7    . DA  A 1 5  ? 2.934   -2.599  4.938   1.00 17.99 ? 1005 DA  A N7    1 
ATOM   94  C  C5    . DA  A 1 5  ? 2.471   -3.354  3.860   1.00 16.78 ? 1005 DA  A C5    1 
ATOM   95  C  C6    . DA  A 1 5  ? 1.218   -3.420  3.214   1.00 16.91 ? 1005 DA  A C6    1 
ATOM   96  N  N6    . DA  A 1 5  ? 0.088   -2.872  3.683   1.00 17.73 ? 1005 DA  A N6    1 
ATOM   97  N  N1    . DA  A 1 5  ? 1.104   -4.247  2.151   1.00 16.85 ? 1005 DA  A N1    1 
ATOM   98  C  C2    . DA  A 1 5  ? 2.208   -4.868  1.703   1.00 17.19 ? 1005 DA  A C2    1 
ATOM   99  N  N3    . DA  A 1 5  ? 3.441   -4.867  2.239   1.00 17.40 ? 1005 DA  A N3    1 
ATOM   100 C  C4    . DA  A 1 5  ? 3.520   -4.064  3.307   1.00 17.83 ? 1005 DA  A C4    1 
ATOM   101 P  P     . DA  A 1 6  ? 9.873   -4.453  2.305   1.00 20.02 ? 1006 DA  A P     1 
ATOM   102 O  OP1   . DA  A 1 6  ? 10.902  -5.467  1.926   1.00 22.40 ? 1006 DA  A OP1   1 
ATOM   103 O  OP2   . DA  A 1 6  ? 10.296  -3.049  2.554   1.00 21.24 ? 1006 DA  A OP2   1 
ATOM   104 O  "O5'" . DA  A 1 6  ? 8.768   -4.368  1.140   1.00 19.87 ? 1006 DA  A "O5'" 1 
ATOM   105 C  "C5'" . DA  A 1 6  ? 8.278   -5.568  0.517   1.00 19.34 ? 1006 DA  A "C5'" 1 
ATOM   106 C  "C4'" . DA  A 1 6  ? 7.355   -5.175  -0.607  1.00 16.81 ? 1006 DA  A "C4'" 1 
ATOM   107 O  "O4'" . DA  A 1 6  ? 6.160   -4.548  -0.068  1.00 16.38 ? 1006 DA  A "O4'" 1 
ATOM   108 C  "C3'" . DA  A 1 6  ? 7.973   -4.175  -1.582  1.00 16.35 ? 1006 DA  A "C3'" 1 
ATOM   109 O  "O3'" . DA  A 1 6  ? 8.004   -4.749  -2.881  1.00 16.84 ? 1006 DA  A "O3'" 1 
ATOM   110 C  "C2'" . DA  A 1 6  ? 7.087   -2.958  -1.480  1.00 15.84 ? 1006 DA  A "C2'" 1 
ATOM   111 C  "C1'" . DA  A 1 6  ? 5.768   -3.464  -0.915  1.00 14.76 ? 1006 DA  A "C1'" 1 
ATOM   112 N  N9    . DA  A 1 6  ? 5.003   -2.510  -0.111  1.00 14.61 ? 1006 DA  A N9    1 
ATOM   113 C  C8    . DA  A 1 6  ? 5.428   -1.805  1.001   1.00 15.21 ? 1006 DA  A C8    1 
ATOM   114 N  N7    . DA  A 1 6  ? 4.460   -1.148  1.602   1.00 15.17 ? 1006 DA  A N7    1 
ATOM   115 C  C5    . DA  A 1 6  ? 3.327   -1.413  0.867   1.00 14.13 ? 1006 DA  A C5    1 
ATOM   116 C  C6    . DA  A 1 6  ? 1.983   -0.994  1.011   1.00 13.82 ? 1006 DA  A C6    1 
ATOM   117 N  N6    . DA  A 1 6  ? 1.517   -0.232  2.046   1.00 14.85 ? 1006 DA  A N6    1 
ATOM   118 N  N1    . DA  A 1 6  ? 1.115   -1.472  0.099   1.00 13.68 ? 1006 DA  A N1    1 
ATOM   119 C  C2    . DA  A 1 6  ? 1.540   -2.256  -0.907  1.00 13.88 ? 1006 DA  A C2    1 
ATOM   120 N  N3    . DA  A 1 6  ? 2.772   -2.756  -1.086  1.00 15.04 ? 1006 DA  A N3    1 
ATOM   121 C  C4    . DA  A 1 6  ? 3.633   -2.279  -0.160  1.00 13.68 ? 1006 DA  A C4    1 
ATOM   122 P  P     . DT  A 1 7  ? 8.447   -4.031  -4.248  1.00 17.07 ? 1007 DT  A P     1 
ATOM   123 O  OP1   . DT  A 1 7  ? 8.837   -5.141  -5.167  1.00 19.80 ? 1007 DT  A OP1   1 
ATOM   124 O  OP2   . DT  A 1 7  ? 9.368   -2.918  -3.948  1.00 17.94 ? 1007 DT  A OP2   1 
ATOM   125 O  "O5'" . DT  A 1 7  ? 7.079   -3.381  -4.800  1.00 16.47 ? 1007 DT  A "O5'" 1 
ATOM   126 C  "C5'" . DT  A 1 7  ? 5.938   -4.223  -5.004  1.00 16.81 ? 1007 DT  A "C5'" 1 
ATOM   127 C  "C4'" . DT  A 1 7  ? 4.736   -3.373  -5.352  1.00 16.33 ? 1007 DT  A "C4'" 1 
ATOM   128 O  "O4'" . DT  A 1 7  ? 4.337   -2.617  -4.183  1.00 15.91 ? 1007 DT  A "O4'" 1 
ATOM   129 C  "C3'" . DT  A 1 7  ? 4.955   -2.345  -6.462  1.00 15.96 ? 1007 DT  A "C3'" 1 
ATOM   130 O  "O3'" . DT  A 1 7  ? 4.229   -2.764  -7.619  1.00 18.91 ? 1007 DT  A "O3'" 1 
ATOM   131 C  "C2'" . DT  A 1 7  ? 4.498   -1.021  -5.877  1.00 15.29 ? 1007 DT  A "C2'" 1 
ATOM   132 C  "C1'" . DT  A 1 7  ? 3.692   -1.409  -4.640  1.00 15.17 ? 1007 DT  A "C1'" 1 
ATOM   133 N  N1    . DT  A 1 7  ? 3.669   -0.448  -3.533  1.00 14.24 ? 1007 DT  A N1    1 
ATOM   134 C  C2    . DT  A 1 7  ? 2.465   0.068   -3.104  1.00 14.62 ? 1007 DT  A C2    1 
ATOM   135 O  O2    . DT  A 1 7  ? 1.381   -0.152  -3.654  1.00 15.32 ? 1007 DT  A O2    1 
ATOM   136 N  N3    . DT  A 1 7  ? 2.495   0.879   -1.987  1.00 13.62 ? 1007 DT  A N3    1 
ATOM   137 C  C4    . DT  A 1 7  ? 3.611   1.229   -1.251  1.00 14.79 ? 1007 DT  A C4    1 
ATOM   138 O  O4    . DT  A 1 7  ? 3.511   1.977   -0.262  1.00 14.50 ? 1007 DT  A O4    1 
ATOM   139 C  C5    . DT  A 1 7  ? 4.854   0.702   -1.769  1.00 14.06 ? 1007 DT  A C5    1 
ATOM   140 C  C7    . DT  A 1 7  ? 6.113   1.019   -1.034  1.00 15.11 ? 1007 DT  A C7    1 
ATOM   141 C  C6    . DT  A 1 7  ? 4.827   -0.125  -2.835  1.00 14.50 ? 1007 DT  A C6    1 
ATOM   142 P  P     . DT  A 1 8  ? 4.131   -1.983  -8.999  1.00 21.52 ? 1008 DT  A P     1 
ATOM   143 O  OP1   . DT  A 1 8  ? 3.761   -2.934  -10.094 1.00 25.23 ? 1008 DT  A OP1   1 
ATOM   144 O  OP2   . DT  A 1 8  ? 5.344   -1.174  -9.222  1.00 24.09 ? 1008 DT  A OP2   1 
ATOM   145 O  "O5'" . DT  A 1 8  ? 2.906   -0.975  -8.767  1.00 20.46 ? 1008 DT  A "O5'" 1 
ATOM   146 C  "C5'" . DT  A 1 8  ? 1.594   -1.489  -8.475  1.00 19.93 ? 1008 DT  A "C5'" 1 
ATOM   147 C  "C4'" . DT  A 1 8  ? 0.640   -0.358  -8.230  1.00 18.09 ? 1008 DT  A "C4'" 1 
ATOM   148 O  "O4'" . DT  A 1 8  ? 1.002   0.282   -6.975  1.00 17.00 ? 1008 DT  A "O4'" 1 
ATOM   149 C  "C3'" . DT  A 1 8  ? 0.645   0.732   -9.297  1.00 18.99 ? 1008 DT  A "C3'" 1 
ATOM   150 O  "O3'" . DT  A 1 8  ? -0.630  0.791   -9.934  1.00 21.30 ? 1008 DT  A "O3'" 1 
ATOM   151 C  "C2'" . DT  A 1 8  ? 0.996   1.998   -8.551  1.00 18.07 ? 1008 DT  A "C2'" 1 
ATOM   152 C  "C1'" . DT  A 1 8  ? 0.686   1.673   -7.090  1.00 15.86 ? 1008 DT  A "C1'" 1 
ATOM   153 N  N1    . DT  A 1 8  ? 1.450   2.441   -6.089  1.00 13.95 ? 1008 DT  A N1    1 
ATOM   154 C  C2    . DT  A 1 8  ? 0.790   3.089   -5.080  1.00 13.46 ? 1008 DT  A C2    1 
ATOM   155 O  O2    . DT  A 1 8  ? -0.429  3.241   -5.030  1.00 15.17 ? 1008 DT  A O2    1 
ATOM   156 N  N3    . DT  A 1 8  ? 1.581   3.647   -4.068  1.00 12.45 ? 1008 DT  A N3    1 
ATOM   157 C  C4    . DT  A 1 8  ? 2.961   3.571   -3.978  1.00 12.18 ? 1008 DT  A C4    1 
ATOM   158 O  O4    . DT  A 1 8  ? 3.521   4.117   -3.026  1.00 12.89 ? 1008 DT  A O4    1 
ATOM   159 C  C5    . DT  A 1 8  ? 3.622   2.875   -5.069  1.00 13.39 ? 1008 DT  A C5    1 
ATOM   160 C  C7    . DT  A 1 8  ? 5.123   2.785   -5.065  1.00 14.89 ? 1008 DT  A C7    1 
ATOM   161 C  C6    . DT  A 1 8  ? 2.853   2.357   -6.048  1.00 14.31 ? 1008 DT  A C6    1 
ATOM   162 P  P     . DC  A 1 9  ? -1.233  1.935   -10.900 1.00 22.14 ? 1009 DC  A P     1 
ATOM   163 O  OP1   . DC  A 1 9  ? -2.257  1.308   -11.775 1.00 25.99 ? 1009 DC  A OP1   1 
ATOM   164 O  OP2   . DC  A 1 9  ? -0.092  2.678   -11.518 1.00 24.47 ? 1009 DC  A OP2   1 
ATOM   165 O  "O5'" . DC  A 1 9  ? -1.954  2.924   -9.869  1.00 19.21 ? 1009 DC  A "O5'" 1 
ATOM   166 C  "C5'" . DC  A 1 9  ? -2.977  2.473   -8.973  1.00 18.71 ? 1009 DC  A "C5'" 1 
ATOM   167 C  "C4'" . DC  A 1 9  ? -3.588  3.604   -8.189  1.00 17.31 ? 1009 DC  A "C4'" 1 
ATOM   168 O  "O4'" . DC  A 1 9  ? -2.612  4.153   -7.268  1.00 16.28 ? 1009 DC  A "O4'" 1 
ATOM   169 C  "C3'" . DC  A 1 9  ? -4.083  4.797   -9.035  1.00 19.03 ? 1009 DC  A "C3'" 1 
ATOM   170 O  "O3'" . DC  A 1 9  ? -5.411  5.129   -8.655  1.00 22.43 ? 1009 DC  A "O3'" 1 
ATOM   171 C  "C2'" . DC  A 1 9  ? -3.094  5.894   -8.761  1.00 17.53 ? 1009 DC  A "C2'" 1 
ATOM   172 C  "C1'" . DC  A 1 9  ? -2.583  5.587   -7.360  1.00 15.36 ? 1009 DC  A "C1'" 1 
ATOM   173 N  N1    . DC  A 1 9  ? -1.216  6.085   -7.057  1.00 14.22 ? 1009 DC  A N1    1 
ATOM   174 C  C2    . DC  A 1 9  ? -0.975  6.795   -5.873  1.00 13.95 ? 1009 DC  A C2    1 
ATOM   175 O  O2    . DC  A 1 9  ? -1.908  7.306   -5.212  1.00 15.54 ? 1009 DC  A O2    1 
ATOM   176 N  N3    . DC  A 1 9  ? 0.305   7.008   -5.434  1.00 13.62 ? 1009 DC  A N3    1 
ATOM   177 C  C4    . DC  A 1 9  ? 1.354   6.486   -6.102  1.00 12.95 ? 1009 DC  A C4    1 
ATOM   178 N  N4    . DC  A 1 9  ? 2.569   6.695   -5.577  1.00 13.10 ? 1009 DC  A N4    1 
ATOM   179 C  C5    . DC  A 1 9  ? 1.120   5.784   -7.306  1.00 14.58 ? 1009 DC  A C5    1 
ATOM   180 C  C6    . DC  A 1 9  ? -0.147  5.592   -7.740  1.00 14.28 ? 1009 DC  A C6    1 
ATOM   181 P  P     . DG  A 1 10 ? -6.484  5.953   -9.532  1.00 24.67 ? 1010 DG  A P     1 
ATOM   182 O  OP1   . DG  A 1 10 ? -7.827  5.642   -8.959  1.00 28.56 ? 1010 DG  A OP1   1 
ATOM   183 O  OP2   . DG  A 1 10 ? -6.277  5.710   -10.966 1.00 28.39 ? 1010 DG  A OP2   1 
ATOM   184 O  "O5'" . DG  A 1 10 ? -6.093  7.460   -9.205  1.00 24.69 ? 1010 DG  A "O5'" 1 
ATOM   185 C  "C5'" . DG  A 1 10 ? -6.346  8.005   -7.912  1.00 23.43 ? 1010 DG  A "C5'" 1 
ATOM   186 C  "C4'" . DG  A 1 10 ? -5.623  9.333   -7.740  1.00 23.00 ? 1010 DG  A "C4'" 1 
ATOM   187 O  "O4'" . DG  A 1 10 ? -4.198  9.068   -7.547  1.00 20.33 ? 1010 DG  A "O4'" 1 
ATOM   188 C  "C3'" . DG  A 1 10 ? -5.705  10.315  -8.891  1.00 23.75 ? 1010 DG  A "C3'" 1 
ATOM   189 O  "O3'" . DG  A 1 10 ? -5.967  11.649  -8.446  1.00 25.97 ? 1010 DG  A "O3'" 1 
ATOM   190 C  "C2'" . DG  A 1 10 ? -4.339  10.229  -9.545  1.00 21.42 ? 1010 DG  A "C2'" 1 
ATOM   191 C  "C1'" . DG  A 1 10 ? -3.505  10.101  -8.263  1.00 18.75 ? 1010 DG  A "C1'" 1 
ATOM   192 N  N9    . DG  A 1 10 ? -2.099  9.725   -8.407  1.00 16.49 ? 1010 DG  A N9    1 
ATOM   193 C  C8    . DG  A 1 10 ? -1.433  9.028   -9.393  1.00 17.30 ? 1010 DG  A C8    1 
ATOM   194 N  N7    . DG  A 1 10 ? -0.164  8.905   -9.119  1.00 16.86 ? 1010 DG  A N7    1 
ATOM   195 C  C5    . DG  A 1 10 ? 0.049   9.555   -7.913  1.00 14.62 ? 1010 DG  A C5    1 
ATOM   196 C  C6    . DG  A 1 10 ? 1.220   9.785   -7.135  1.00 14.98 ? 1010 DG  A C6    1 
ATOM   197 O  O6    . DG  A 1 10 ? 2.376   9.416   -7.397  1.00 15.53 ? 1010 DG  A O6    1 
ATOM   198 N  N1    . DG  A 1 10 ? 0.992   10.496  -5.951  1.00 13.56 ? 1010 DG  A N1    1 
ATOM   199 C  C2    . DG  A 1 10 ? -0.266  10.910  -5.565  1.00 14.29 ? 1010 DG  A C2    1 
ATOM   200 N  N2    . DG  A 1 10 ? -0.309  11.609  -4.427  1.00 14.35 ? 1010 DG  A N2    1 
ATOM   201 N  N3    . DG  A 1 10 ? -1.384  10.680  -6.273  1.00 14.64 ? 1010 DG  A N3    1 
ATOM   202 C  C4    . DG  A 1 10 ? -1.139  10.061  -7.450  1.00 15.36 ? 1010 DG  A C4    1 
ATOM   203 P  P     . DC  A 1 11 ? -7.424  12.297  -8.361  1.00 27.27 ? 1011 DC  A P     1 
ATOM   204 O  OP1   . DC  A 1 11 ? -8.443  11.253  -8.149  1.00 32.90 ? 1011 DC  A OP1   1 
ATOM   205 O  OP2   . DC  A 1 11 ? -7.575  13.272  -9.487  1.00 31.35 ? 1011 DC  A OP2   1 
ATOM   206 O  "O5'" . DC  A 1 11 ? -7.307  13.198  -7.030  1.00 27.49 ? 1011 DC  A "O5'" 1 
ATOM   207 C  "C5'" . DC  A 1 11 ? -7.293  12.638  -5.720  1.00 26.80 ? 1011 DC  A "C5'" 1 
ATOM   208 C  "C4'" . DC  A 1 11 ? -6.365  13.405  -4.804  1.00 23.40 ? 1011 DC  A "C4'" 1 
ATOM   209 O  "O4'" . DC  A 1 11 ? -4.988  13.220  -5.244  1.00 22.78 ? 1011 DC  A "O4'" 1 
ATOM   210 C  "C3'" . DC  A 1 11 ? -6.562  14.912  -4.753  1.00 22.96 ? 1011 DC  A "C3'" 1 
ATOM   211 O  "O3'" . DC  A 1 11 ? -6.501  15.396  -3.412  1.00 26.72 ? 1011 DC  A "O3'" 1 
ATOM   212 C  "C2'" . DC  A 1 11 ? -5.443  15.486  -5.585  1.00 22.98 ? 1011 DC  A "C2'" 1 
ATOM   213 C  "C1'" . DC  A 1 11 ? -4.318  14.490  -5.318  1.00 20.66 ? 1011 DC  A "C1'" 1 
ATOM   214 N  N1    . DC  A 1 11 ? -3.297  14.374  -6.347  1.00 19.36 ? 1011 DC  A N1    1 
ATOM   215 C  C2    . DC  A 1 11 ? -1.942  14.310  -6.001  1.00 17.19 ? 1011 DC  A C2    1 
ATOM   216 O  O2    . DC  A 1 11 ? -1.578  14.645  -4.854  1.00 17.88 ? 1011 DC  A O2    1 
ATOM   217 N  N3    . DC  A 1 11 ? -1.026  13.915  -6.930  1.00 17.17 ? 1011 DC  A N3    1 
ATOM   218 C  C4    . DC  A 1 11 ? -1.417  13.515  -8.148  1.00 17.52 ? 1011 DC  A C4    1 
ATOM   219 N  N4    . DC  A 1 11 ? -0.518  13.094  -9.056  1.00 19.05 ? 1011 DC  A N4    1 
ATOM   220 C  C5    . DC  A 1 11 ? -2.792  13.602  -8.535  1.00 19.42 ? 1011 DC  A C5    1 
ATOM   221 C  C6    . DC  A 1 11 ? -3.647  14.014  -7.611  1.00 19.93 ? 1011 DC  A C6    1 
ATOM   222 P  P     . DG  A 1 12 ? -6.863  16.890  -2.978  1.00 31.42 ? 1012 DG  A P     1 
ATOM   223 O  OP1   . DG  A 1 12 ? -7.301  16.852  -1.553  1.00 35.78 ? 1012 DG  A OP1   1 
ATOM   224 O  OP2   . DG  A 1 12 ? -7.836  17.412  -4.004  1.00 34.65 ? 1012 DG  A OP2   1 
ATOM   225 O  "O5'" . DG  A 1 12 ? -5.561  17.762  -3.063  1.00 30.65 ? 1012 DG  A "O5'" 1 
ATOM   226 C  "C5'" . DG  A 1 12 ? -4.491  17.616  -2.123  1.00 27.42 ? 1012 DG  A "C5'" 1 
ATOM   227 C  "C4'" . DG  A 1 12 ? -3.492  18.754  -2.329  1.00 22.12 ? 1012 DG  A "C4'" 1 
ATOM   228 O  "O4'" . DG  A 1 12 ? -2.557  18.377  -3.343  1.00 24.25 ? 1012 DG  A "O4'" 1 
ATOM   229 C  "C3'" . DG  A 1 12 ? -4.092  20.061  -2.797  1.00 20.22 ? 1012 DG  A "C3'" 1 
ATOM   230 O  "O3'" . DG  A 1 12 ? -3.736  21.109  -1.881  1.00 23.59 ? 1012 DG  A "O3'" 1 
ATOM   231 C  "C2'" . DG  A 1 12 ? -3.527  20.309  -4.169  1.00 20.79 ? 1012 DG  A "C2'" 1 
ATOM   232 C  "C1'" . DG  A 1 12 ? -2.325  19.398  -4.297  1.00 20.24 ? 1012 DG  A "C1'" 1 
ATOM   233 N  N9    . DG  A 1 12 ? -2.147  18.732  -5.605  1.00 17.92 ? 1012 DG  A N9    1 
ATOM   234 C  C8    . DG  A 1 12 ? -3.104  18.312  -6.507  1.00 19.19 ? 1012 DG  A C8    1 
ATOM   235 N  N7    . DG  A 1 12 ? -2.636  17.587  -7.490  1.00 19.30 ? 1012 DG  A N7    1 
ATOM   236 C  C5    . DG  A 1 12 ? -1.256  17.638  -7.319  1.00 17.95 ? 1012 DG  A C5    1 
ATOM   237 C  C6    . DG  A 1 12 ? -0.215  17.065  -8.074  1.00 17.91 ? 1012 DG  A C6    1 
ATOM   238 O  O6    . DG  A 1 12 ? -0.278  16.395  -9.117  1.00 19.65 ? 1012 DG  A O6    1 
ATOM   239 N  N1    . DG  A 1 12 ? 1.039   17.250  -7.492  1.00 17.13 ? 1012 DG  A N1    1 
ATOM   240 C  C2    . DG  A 1 12 ? 1.234   17.912  -6.319  1.00 16.85 ? 1012 DG  A C2    1 
ATOM   241 N  N2    . DG  A 1 12 ? 2.510   18.052  -5.940  1.00 19.15 ? 1012 DG  A N2    1 
ATOM   242 N  N3    . DG  A 1 12 ? 0.270   18.460  -5.586  1.00 17.18 ? 1012 DG  A N3    1 
ATOM   243 C  C4    . DG  A 1 12 ? -0.955  18.260  -6.112  1.00 16.92 ? 1012 DG  A C4    1 
ATOM   244 O  "O5'" . DC  B 1 1  ? 8.760   15.525  -11.927 1.00 34.03 ? 2001 DC  B "O5'" 1 
ATOM   245 C  "C5'" . DC  B 1 1  ? 9.166   16.866  -11.609 1.00 27.99 ? 2001 DC  B "C5'" 1 
ATOM   246 C  "C4'" . DC  B 1 1  ? 8.948   17.133  -10.135 1.00 24.83 ? 2001 DC  B "C4'" 1 
ATOM   247 O  "O4'" . DC  B 1 1  ? 7.532   17.286  -9.864  1.00 22.99 ? 2001 DC  B "O4'" 1 
ATOM   248 C  "C3'" . DC  B 1 1  ? 9.437   16.025  -9.212  1.00 24.89 ? 2001 DC  B "C3'" 1 
ATOM   249 O  "O3'" . DC  B 1 1  ? 10.217  16.586  -8.154  1.00 26.10 ? 2001 DC  B "O3'" 1 
ATOM   250 C  "C2'" . DC  B 1 1  ? 8.196   15.360  -8.695  1.00 23.37 ? 2001 DC  B "C2'" 1 
ATOM   251 C  "C1'" . DC  B 1 1  ? 7.099   16.421  -8.824  1.00 20.70 ? 2001 DC  B "C1'" 1 
ATOM   252 N  N1    . DC  B 1 1  ? 5.775   15.910  -9.196  1.00 20.99 ? 2001 DC  B N1    1 
ATOM   253 C  C2    . DC  B 1 1  ? 4.630   16.404  -8.554  1.00 19.60 ? 2001 DC  B C2    1 
ATOM   254 O  O2    . DC  B 1 1  ? 4.737   17.101  -7.529  1.00 19.20 ? 2001 DC  B O2    1 
ATOM   255 N  N3    . DC  B 1 1  ? 3.387   16.087  -8.981  1.00 19.74 ? 2001 DC  B N3    1 
ATOM   256 C  C4    . DC  B 1 1  ? 3.262   15.297  -10.071 1.00 20.63 ? 2001 DC  B C4    1 
ATOM   257 N  N4    . DC  B 1 1  ? 2.019   15.029  -10.501 1.00 22.83 ? 2001 DC  B N4    1 
ATOM   258 C  C5    . DC  B 1 1  ? 4.390   14.799  -10.777 1.00 21.90 ? 2001 DC  B C5    1 
ATOM   259 C  C6    . DC  B 1 1  ? 5.607   15.129  -10.320 1.00 22.71 ? 2001 DC  B C6    1 
ATOM   260 P  P     . DG  B 1 2  ? 11.092  15.684  -7.140  1.00 25.96 ? 2002 DG  B P     1 
ATOM   261 O  OP1   . DG  B 1 2  ? 12.263  16.494  -6.731  1.00 30.74 ? 2002 DG  B OP1   1 
ATOM   262 O  OP2   . DG  B 1 2  ? 11.290  14.322  -7.740  1.00 29.90 ? 2002 DG  B OP2   1 
ATOM   263 O  "O5'" . DG  B 1 2  ? 10.103  15.469  -5.905  1.00 24.40 ? 2002 DG  B "O5'" 1 
ATOM   264 C  "C5'" . DG  B 1 2  ? 9.573   16.603  -5.219  1.00 21.79 ? 2002 DG  B "C5'" 1 
ATOM   265 C  "C4'" . DG  B 1 2  ? 8.446   16.220  -4.294  1.00 18.23 ? 2002 DG  B "C4'" 1 
ATOM   266 O  "O4'" . DG  B 1 2  ? 7.280   15.931  -5.079  1.00 18.33 ? 2002 DG  B "O4'" 1 
ATOM   267 C  "C3'" . DG  B 1 2  ? 8.720   14.975  -3.437  1.00 18.73 ? 2002 DG  B "C3'" 1 
ATOM   268 O  "O3'" . DG  B 1 2  ? 8.850   15.385  -2.068  1.00 18.83 ? 2002 DG  B "O3'" 1 
ATOM   269 C  "C2'" . DG  B 1 2  ? 7.575   14.041  -3.684  1.00 16.63 ? 2002 DG  B "C2'" 1 
ATOM   270 C  "C1'" . DG  B 1 2  ? 6.536   14.934  -4.380  1.00 16.19 ? 2002 DG  B "C1'" 1 
ATOM   271 N  N9    . DG  B 1 2  ? 5.701   14.227  -5.344  1.00 15.83 ? 2002 DG  B N9    1 
ATOM   272 C  C8    . DG  B 1 2  ? 6.162   13.439  -6.376  1.00 15.98 ? 2002 DG  B C8    1 
ATOM   273 N  N7    . DG  B 1 2  ? 5.206   13.002  -7.170  1.00 15.86 ? 2002 DG  B N7    1 
ATOM   274 C  C5    . DG  B 1 2  ? 4.040   13.490  -6.593  1.00 14.62 ? 2002 DG  B C5    1 
ATOM   275 C  C6    . DG  B 1 2  ? 2.712   13.421  -7.068  1.00 14.21 ? 2002 DG  B C6    1 
ATOM   276 O  O6    . DG  B 1 2  ? 2.252   12.728  -7.999  1.00 16.17 ? 2002 DG  B O6    1 
ATOM   277 N  N1    . DG  B 1 2  ? 1.825   14.048  -6.196  1.00 14.70 ? 2002 DG  B N1    1 
ATOM   278 C  C2    . DG  B 1 2  ? 2.205   14.791  -5.093  1.00 14.40 ? 2002 DG  B C2    1 
ATOM   279 N  N2    . DG  B 1 2  ? 1.214   15.383  -4.400  1.00 14.91 ? 2002 DG  B N2    1 
ATOM   280 N  N3    . DG  B 1 2  ? 3.470   14.976  -4.718  1.00 14.21 ? 2002 DG  B N3    1 
ATOM   281 C  C4    . DG  B 1 2  ? 4.343   14.322  -5.512  1.00 14.39 ? 2002 DG  B C4    1 
ATOM   282 P  P     . DC  B 1 3  ? 9.067   14.375  -0.842  1.00 18.12 ? 2003 DC  B P     1 
ATOM   283 O  OP1   . DC  B 1 3  ? 9.746   15.158  0.233   1.00 22.10 ? 2003 DC  B OP1   1 
ATOM   284 O  OP2   . DC  B 1 3  ? 9.716   13.123  -1.285  1.00 22.43 ? 2003 DC  B OP2   1 
ATOM   285 O  "O5'" . DC  B 1 3  ? 7.569   14.040  -0.364  1.00 18.00 ? 2003 DC  B "O5'" 1 
ATOM   286 C  "C5'" . DC  B 1 3  ? 6.704   15.067  0.141   1.00 17.59 ? 2003 DC  B "C5'" 1 
ATOM   287 C  "C4'" . DC  B 1 3  ? 5.266   14.643  0.034   1.00 16.56 ? 2003 DC  B "C4'" 1 
ATOM   288 O  "O4'" . DC  B 1 3  ? 4.948   14.332  -1.347  1.00 15.45 ? 2003 DC  B "O4'" 1 
ATOM   289 C  "C3'" . DC  B 1 3  ? 4.847   13.364  0.776   1.00 17.48 ? 2003 DC  B "C3'" 1 
ATOM   290 O  "O3'" . DC  B 1 3  ? 4.672   13.644  2.160   1.00 18.48 ? 2003 DC  B "O3'" 1 
ATOM   291 C  "C2'" . DC  B 1 3  ? 3.590   12.986  0.048   1.00 17.42 ? 2003 DC  B "C2'" 1 
ATOM   292 C  "C1'" . DC  B 1 3  ? 3.818   13.467  -1.382  1.00 15.67 ? 2003 DC  B "C1'" 1 
ATOM   293 N  N1    . DC  B 1 3  ? 4.041   12.326  -2.285  1.00 14.74 ? 2003 DC  B N1    1 
ATOM   294 C  C2    . DC  B 1 3  ? 3.000   11.959  -3.141  1.00 13.82 ? 2003 DC  B C2    1 
ATOM   295 O  O2    . DC  B 1 3  ? 1.875   12.454  -2.901  1.00 15.52 ? 2003 DC  B O2    1 
ATOM   296 N  N3    . DC  B 1 3  ? 3.217   11.112  -4.191  1.00 13.02 ? 2003 DC  B N3    1 
ATOM   297 C  C4    . DC  B 1 3  ? 4.441   10.607  -4.352  1.00 13.23 ? 2003 DC  B C4    1 
ATOM   298 N  N4    . DC  B 1 3  ? 4.651   9.760   -5.368  1.00 16.24 ? 2003 DC  B N4    1 
ATOM   299 C  C5    . DC  B 1 3  ? 5.519   10.911  -3.461  1.00 15.32 ? 2003 DC  B C5    1 
ATOM   300 C  C6    . DC  B 1 3  ? 5.290   11.775  -2.457  1.00 15.37 ? 2003 DC  B C6    1 
ATOM   301 P  P     . DG  B 1 4  ? 4.454   12.563  3.296   1.00 20.04 ? 2004 DG  B P     1 
ATOM   302 O  OP1   . DG  B 1 4  ? 4.696   13.189  4.606   1.00 23.24 ? 2004 DG  B OP1   1 
ATOM   303 O  OP2   . DG  B 1 4  ? 5.208   11.289  2.961   1.00 21.80 ? 2004 DG  B OP2   1 
ATOM   304 O  "O5'" . DG  B 1 4  ? 2.905   12.173  3.167   1.00 18.39 ? 2004 DG  B "O5'" 1 
ATOM   305 C  "C5'" . DG  B 1 4  ? 1.876   13.133  3.414   1.00 18.09 ? 2004 DG  B "C5'" 1 
ATOM   306 C  "C4'" . DG  B 1 4  ? 0.512   12.526  3.133   1.00 17.33 ? 2004 DG  B "C4'" 1 
ATOM   307 O  "O4'" . DG  B 1 4  ? 0.436   12.083  1.763   1.00 16.76 ? 2004 DG  B "O4'" 1 
ATOM   308 C  "C3'" . DG  B 1 4  ? 0.134   11.301  3.985   1.00 18.82 ? 2004 DG  B "C3'" 1 
ATOM   309 O  "O3'" . DG  B 1 4  ? -1.254  11.359  4.292   1.00 21.36 ? 2004 DG  B "O3'" 1 
ATOM   310 C  "C2'" . DG  B 1 4  ? 0.579   10.143  3.119   1.00 17.99 ? 2004 DG  B "C2'" 1 
ATOM   311 C  "C1'" . DG  B 1 4  ? 0.306   10.649  1.708   1.00 15.76 ? 2004 DG  B "C1'" 1 
ATOM   312 N  N9    . DG  B 1 4  ? 1.228   10.081  0.709   1.00 14.85 ? 2004 DG  B N9    1 
ATOM   313 C  C8    . DG  B 1 4  ? 2.542   9.713   0.842   1.00 15.56 ? 2004 DG  B C8    1 
ATOM   314 N  N7    . DG  B 1 4  ? 3.045   9.117   -0.203  1.00 14.21 ? 2004 DG  B N7    1 
ATOM   315 C  C5    . DG  B 1 4  ? 2.011   9.099   -1.120  1.00 12.74 ? 2004 DG  B C5    1 
ATOM   316 C  C6    . DG  B 1 4  ? 1.938   8.507   -2.416  1.00 12.66 ? 2004 DG  B C6    1 
ATOM   317 O  O6    . DG  B 1 4  ? 2.850   7.925   -3.029  1.00 12.38 ? 2004 DG  B O6    1 
ATOM   318 N  N1    . DG  B 1 4  ? 0.633   8.516   -2.930  1.00 12.82 ? 2004 DG  B N1    1 
ATOM   319 C  C2    . DG  B 1 4  ? -0.424  9.149   -2.290  1.00 13.17 ? 2004 DG  B C2    1 
ATOM   320 N  N2    . DG  B 1 4  ? -1.621  9.085   -2.901  1.00 15.08 ? 2004 DG  B N2    1 
ATOM   321 N  N3    . DG  B 1 4  ? -0.356  9.749   -1.121  1.00 13.53 ? 2004 DG  B N3    1 
ATOM   322 C  C4    . DG  B 1 4  ? 0.873   9.655   -0.564  1.00 13.70 ? 2004 DG  B C4    1 
ATOM   323 P  P     . DA  B 1 5  ? -2.283  10.173  4.619   1.00 21.54 ? 2005 DA  B P     1 
ATOM   324 O  OP1   . DA  B 1 5  ? -3.404  10.756  5.423   1.00 24.91 ? 2005 DA  B OP1   1 
ATOM   325 O  OP2   . DA  B 1 5  ? -1.524  9.042   5.196   1.00 23.91 ? 2005 DA  B OP2   1 
ATOM   326 O  "O5'" . DA  B 1 5  ? -2.850  9.673   3.212   1.00 20.71 ? 2005 DA  B "O5'" 1 
ATOM   327 C  "C5'" . DA  B 1 5  ? -3.633  10.558  2.403   1.00 21.22 ? 2005 DA  B "C5'" 1 
ATOM   328 C  "C4'" . DA  B 1 5  ? -4.355  9.792   1.321   1.00 19.85 ? 2005 DA  B "C4'" 1 
ATOM   329 O  "O4'" . DA  B 1 5  ? -3.371  9.160   0.445   1.00 18.43 ? 2005 DA  B "O4'" 1 
ATOM   330 C  "C3'" . DA  B 1 5  ? -5.267  8.670   1.787   1.00 21.09 ? 2005 DA  B "C3'" 1 
ATOM   331 O  "O3'" . DA  B 1 5  ? -6.451  8.653   0.987   1.00 22.15 ? 2005 DA  B "O3'" 1 
ATOM   332 C  "C2'" . DA  B 1 5  ? -4.457  7.407   1.624   1.00 19.48 ? 2005 DA  B "C2'" 1 
ATOM   333 C  "C1'" . DA  B 1 5  ? -3.519  7.735   0.452   1.00 17.25 ? 2005 DA  B "C1'" 1 
ATOM   334 N  N9    . DA  B 1 5  ? -2.163  7.144   0.509   1.00 15.53 ? 2005 DA  B N9    1 
ATOM   335 C  C8    . DA  B 1 5  ? -1.237  7.316   1.506   1.00 15.53 ? 2005 DA  B C8    1 
ATOM   336 N  N7    . DA  B 1 5  ? -0.050  6.812   1.224   1.00 14.99 ? 2005 DA  B N7    1 
ATOM   337 C  C5    . DA  B 1 5  ? -0.172  6.319   -0.073  1.00 13.45 ? 2005 DA  B C5    1 
ATOM   338 C  C6    . DA  B 1 5  ? 0.723   5.656   -0.944  1.00 11.69 ? 2005 DA  B C6    1 
ATOM   339 N  N6    . DA  B 1 5  ? 2.041   5.459   -0.719  1.00 12.75 ? 2005 DA  B N6    1 
ATOM   340 N  N1    . DA  B 1 5  ? 0.213   5.240   -2.145  1.00 12.51 ? 2005 DA  B N1    1 
ATOM   341 C  C2    . DA  B 1 5  ? -1.105  5.440   -2.420  1.00 13.00 ? 2005 DA  B C2    1 
ATOM   342 N  N3    . DA  B 1 5  ? -2.020  6.032   -1.665  1.00 14.05 ? 2005 DA  B N3    1 
ATOM   343 C  C4    . DA  B 1 5  ? -1.484  6.494   -0.501  1.00 14.15 ? 2005 DA  B C4    1 
ATOM   344 P  P     . DA  B 1 6  ? -7.660  7.628   1.152   1.00 24.28 ? 2006 DA  B P     1 
ATOM   345 O  OP1   . DA  B 1 6  ? -8.911  8.210   0.620   1.00 28.69 ? 2006 DA  B OP1   1 
ATOM   346 O  OP2   . DA  B 1 6  ? -7.634  7.193   2.592   1.00 30.65 ? 2006 DA  B OP2   1 
ATOM   347 O  "O5'" . DA  B 1 6  ? -7.234  6.358   0.290   1.00 21.79 ? 2006 DA  B "O5'" 1 
ATOM   348 C  "C5'" . DA  B 1 6  ? -7.225  6.389   -1.136  1.00 21.67 ? 2006 DA  B "C5'" 1 
ATOM   349 C  "C4'" . DA  B 1 6  ? -6.655  5.098   -1.693  1.00 20.87 ? 2006 DA  B "C4'" 1 
ATOM   350 O  "O4'" . DA  B 1 6  ? -5.263  4.965   -1.347  1.00 19.17 ? 2006 DA  B "O4'" 1 
ATOM   351 C  "C3'" . DA  B 1 6  ? -7.371  3.843   -1.174  1.00 23.39 ? 2006 DA  B "C3'" 1 
ATOM   352 O  "O3'" . DA  B 1 6  ? -8.137  3.273   -2.232  1.00 25.91 ? 2006 DA  B "O3'" 1 
ATOM   353 C  "C2'" . DA  B 1 6  ? -6.252  2.976   -0.667  1.00 21.84 ? 2006 DA  B "C2'" 1 
ATOM   354 C  "C1'" . DA  B 1 6  ? -4.978  3.556   -1.243  1.00 18.87 ? 2006 DA  B "C1'" 1 
ATOM   355 N  N9    . DA  B 1 6  ? -3.747  3.428   -0.451  1.00 17.21 ? 2006 DA  B N9    1 
ATOM   356 C  C8    . DA  B 1 6  ? -3.536  3.811   0.856   1.00 18.07 ? 2006 DA  B C8    1 
ATOM   357 N  N7    . DA  B 1 6  ? -2.297  3.659   1.266   1.00 18.08 ? 2006 DA  B N7    1 
ATOM   358 C  C5    . DA  B 1 6  ? -1.661  3.013   0.195   1.00 15.94 ? 2006 DA  B C5    1 
ATOM   359 C  C6    . DA  B 1 6  ? -0.338  2.589   -0.024  1.00 14.99 ? 2006 DA  B C6    1 
ATOM   360 N  N6    . DA  B 1 6  ? 0.651   2.713   0.879   1.00 15.31 ? 2006 DA  B N6    1 
ATOM   361 N  N1    . DA  B 1 6  ? -0.021  1.962   -1.195  1.00 14.23 ? 2006 DA  B N1    1 
ATOM   362 C  C2    . DA  B 1 6  ? -1.002  1.818   -2.119  1.00 14.70 ? 2006 DA  B C2    1 
ATOM   363 N  N3    . DA  B 1 6  ? -2.262  2.254   -2.017  1.00 15.13 ? 2006 DA  B N3    1 
ATOM   364 C  C4    . DA  B 1 6  ? -2.549  2.872   -0.857  1.00 16.21 ? 2006 DA  B C4    1 
ATOM   365 P  P     . DT  B 1 7  ? -8.845  1.832   -2.157  1.00 28.91 ? 2007 DT  B P     1 
ATOM   366 O  OP1   . DT  B 1 7  ? -9.910  1.819   -3.184  1.00 34.63 ? 2007 DT  B OP1   1 
ATOM   367 O  OP2   . DT  B 1 7  ? -9.141  1.510   -0.745  1.00 33.85 ? 2007 DT  B OP2   1 
ATOM   368 O  "O5'" . DT  B 1 7  ? -7.684  0.835   -2.637  1.00 25.48 ? 2007 DT  B "O5'" 1 
ATOM   369 C  "C5'" . DT  B 1 7  ? -7.035  1.035   -3.896  1.00 22.37 ? 2007 DT  B "C5'" 1 
ATOM   370 C  "C4'" . DT  B 1 7  ? -5.917  0.033   -4.028  1.00 20.25 ? 2007 DT  B "C4'" 1 
ATOM   371 O  "O4'" . DT  B 1 7  ? -4.882  0.285   -3.030  1.00 18.87 ? 2007 DT  B "O4'" 1 
ATOM   372 C  "C3'" . DT  B 1 7  ? -6.353  -1.414  -3.832  1.00 23.44 ? 2007 DT  B "C3'" 1 
ATOM   373 O  "O3'" . DT  B 1 7  ? -6.151  -2.102  -5.065  1.00 28.93 ? 2007 DT  B "O3'" 1 
ATOM   374 C  "C2'" . DT  B 1 7  ? -5.507  -1.922  -2.694  1.00 21.18 ? 2007 DT  B "C2'" 1 
ATOM   375 C  "C1'" . DT  B 1 7  ? -4.313  -0.968  -2.674  1.00 17.91 ? 2007 DT  B "C1'" 1 
ATOM   376 N  N1    . DT  B 1 7  ? -3.629  -0.865  -1.367  1.00 17.11 ? 2007 DT  B N1    1 
ATOM   377 C  C2    . DT  B 1 7  ? -2.273  -1.107  -1.277  1.00 16.75 ? 2007 DT  B C2    1 
ATOM   378 O  O2    . DT  B 1 7  ? -1.615  -1.580  -2.200  1.00 16.72 ? 2007 DT  B O2    1 
ATOM   379 N  N3    . DT  B 1 7  ? -1.682  -0.793  -0.066  1.00 15.32 ? 2007 DT  B N3    1 
ATOM   380 C  C4    . DT  B 1 7  ? -2.348  -0.255  1.036   1.00 16.07 ? 2007 DT  B C4    1 
ATOM   381 O  O4    . DT  B 1 7  ? -1.697  -0.017  2.034   1.00 16.05 ? 2007 DT  B O4    1 
ATOM   382 C  C5    . DT  B 1 7  ? -3.760  0.000   0.872   1.00 16.27 ? 2007 DT  B C5    1 
ATOM   383 C  C7    . DT  B 1 7  ? -4.599  0.519   2.009   1.00 19.26 ? 2007 DT  B C7    1 
ATOM   384 C  C6    . DT  B 1 7  ? -4.324  -0.350  -0.306  1.00 16.84 ? 2007 DT  B C6    1 
ATOM   385 P  P     . DT  B 1 8  ? -6.504  -3.639  -5.337  1.00 32.36 ? 2008 DT  B P     1 
ATOM   386 O  OP1   . DT  B 1 8  ? -6.754  -3.738  -6.802  1.00 38.76 ? 2008 DT  B OP1   1 
ATOM   387 O  OP2   . DT  B 1 8  ? -7.538  -4.056  -4.366  1.00 35.04 ? 2008 DT  B OP2   1 
ATOM   388 O  "O5'" . DT  B 1 8  ? -5.135  -4.390  -4.987  1.00 29.23 ? 2008 DT  B "O5'" 1 
ATOM   389 C  "C5'" . DT  B 1 8  ? -3.933  -3.988  -5.664  1.00 26.67 ? 2008 DT  B "C5'" 1 
ATOM   390 C  "C4'" . DT  B 1 8  ? -2.715  -4.704  -5.129  1.00 24.49 ? 2008 DT  B "C4'" 1 
ATOM   391 O  "O4'" . DT  B 1 8  ? -2.414  -4.290  -3.796  1.00 21.48 ? 2008 DT  B "O4'" 1 
ATOM   392 C  "C3'" . DT  B 1 8  ? -2.874  -6.221  -5.032  1.00 24.28 ? 2008 DT  B "C3'" 1 
ATOM   393 O  "O3'" . DT  B 1 8  ? -1.867  -6.808  -5.848  1.00 27.06 ? 2008 DT  B "O3'" 1 
ATOM   394 C  "C2'" . DT  B 1 8  ? -2.756  -6.538  -3.559  1.00 21.82 ? 2008 DT  B "C2'" 1 
ATOM   395 C  "C1'" . DT  B 1 8  ? -1.955  -5.381  -3.005  1.00 19.80 ? 2008 DT  B "C1'" 1 
ATOM   396 N  N1    . DT  B 1 8  ? -2.166  -5.054  -1.583  1.00 18.97 ? 2008 DT  B N1    1 
ATOM   397 C  C2    . DT  B 1 8  ? -1.063  -4.921  -0.779  1.00 18.08 ? 2008 DT  B C2    1 
ATOM   398 O  O2    . DT  B 1 8  ? 0.091   -5.186  -1.096  1.00 18.37 ? 2008 DT  B O2    1 
ATOM   399 N  N3    . DT  B 1 8  ? -1.297  -4.347  0.449   1.00 17.91 ? 2008 DT  B N3    1 
ATOM   400 C  C4    . DT  B 1 8  ? -2.509  -3.921  0.967   1.00 18.23 ? 2008 DT  B C4    1 
ATOM   401 O  O4    . DT  B 1 8  ? -2.528  -3.445  2.105   1.00 18.80 ? 2008 DT  B O4    1 
ATOM   402 C  C5    . DT  B 1 8  ? -3.647  -4.120  0.099   1.00 18.72 ? 2008 DT  B C5    1 
ATOM   403 C  C7    . DT  B 1 8  ? -5.036  -3.784  0.563   1.00 20.31 ? 2008 DT  B C7    1 
ATOM   404 C  C6    . DT  B 1 8  ? -3.404  -4.655  -1.114  1.00 18.85 ? 2008 DT  B C6    1 
ATOM   405 P  P     . DC  B 1 9  ? -1.747  -8.349  -6.212  1.00 30.30 ? 2009 DC  B P     1 
ATOM   406 O  OP1   . DC  B 1 9  ? -0.905  -8.441  -7.418  1.00 39.21 ? 2009 DC  B OP1   1 
ATOM   407 O  OP2   . DC  B 1 9  ? -3.100  -8.983  -6.147  1.00 35.61 ? 2009 DC  B OP2   1 
ATOM   408 O  "O5'" . DC  B 1 9  ? -0.935  -8.979  -4.958  1.00 26.78 ? 2009 DC  B "O5'" 1 
ATOM   409 C  "C5'" . DC  B 1 9  ? 0.416   -8.566  -4.743  1.00 24.30 ? 2009 DC  B "C5'" 1 
ATOM   410 C  "C4'" . DC  B 1 9  ? 0.945   -9.050  -3.434  1.00 23.46 ? 2009 DC  B "C4'" 1 
ATOM   411 O  "O4'" . DC  B 1 9  ? 0.350   -8.305  -2.341  1.00 21.51 ? 2009 DC  B "O4'" 1 
ATOM   412 C  "C3'" . DC  B 1 9  ? 0.625   -10.505 -3.107  1.00 24.78 ? 2009 DC  B "C3'" 1 
ATOM   413 O  "O3'" . DC  B 1 9  ? 1.697   -11.351 -3.511  1.00 28.19 ? 2009 DC  B "O3'" 1 
ATOM   414 C  "C2'" . DC  B 1 9  ? 0.417   -10.520 -1.614  1.00 23.16 ? 2009 DC  B "C2'" 1 
ATOM   415 C  "C1'" . DC  B 1 9  ? 0.546   -9.082  -1.161  1.00 21.27 ? 2009 DC  B "C1'" 1 
ATOM   416 N  N1    . DC  B 1 9  ? -0.443  -8.687  -0.147  1.00 22.23 ? 2009 DC  B N1    1 
ATOM   417 C  C2    . DC  B 1 9  ? 0.036   -8.184  1.067   1.00 22.02 ? 2009 DC  B C2    1 
ATOM   418 O  O2    . DC  B 1 9  ? 1.259   -8.332  1.334   1.00 22.19 ? 2009 DC  B O2    1 
ATOM   419 N  N3    . DC  B 1 9  ? -0.831  -7.612  1.935   1.00 21.01 ? 2009 DC  B N3    1 
ATOM   420 C  C4    . DC  B 1 9  ? -2.128  -7.479  1.634   1.00 20.29 ? 2009 DC  B C4    1 
ATOM   421 N  N4    . DC  B 1 9  ? -2.935  -6.878  2.525   1.00 21.81 ? 2009 DC  B N4    1 
ATOM   422 C  C5    . DC  B 1 9  ? -2.653  -7.993  0.405   1.00 20.97 ? 2009 DC  B C5    1 
ATOM   423 C  C6    . DC  B 1 9  ? -1.775  -8.555  -0.444  1.00 21.40 ? 2009 DC  B C6    1 
ATOM   424 P  P     . DG  B 1 10 ? 1.778   -12.949 -3.449  1.00 30.15 ? 2010 DG  B P     1 
ATOM   425 O  OP1   . DG  B 1 10 ? 2.951   -13.408 -4.222  1.00 39.18 ? 2010 DG  B OP1   1 
ATOM   426 O  OP2   . DG  B 1 10 ? 0.458   -13.530 -3.781  1.00 36.62 ? 2010 DG  B OP2   1 
ATOM   427 O  "O5'" . DG  B 1 10 ? 2.091   -13.261 -1.905  1.00 29.46 ? 2010 DG  B "O5'" 1 
ATOM   428 C  "C5'" . DG  B 1 10 ? 3.334   -12.922 -1.282  1.00 28.12 ? 2010 DG  B "C5'" 1 
ATOM   429 C  "C4'" . DG  B 1 10 ? 3.268   -13.221 0.208   1.00 25.50 ? 2010 DG  B "C4'" 1 
ATOM   430 O  "O4'" . DG  B 1 10 ? 2.334   -12.340 0.906   1.00 23.82 ? 2010 DG  B "O4'" 1 
ATOM   431 C  "C3'" . DG  B 1 10 ? 2.794   -14.618 0.520   1.00 24.41 ? 2010 DG  B "C3'" 1 
ATOM   432 O  "O3'" . DG  B 1 10 ? 3.477   -15.169 1.638   1.00 24.22 ? 2010 DG  B "O3'" 1 
ATOM   433 C  "C2'" . DG  B 1 10 ? 1.338   -14.438 0.866   1.00 23.92 ? 2010 DG  B "C2'" 1 
ATOM   434 C  "C1'" . DG  B 1 10 ? 1.471   -13.160 1.698   1.00 22.53 ? 2010 DG  B "C1'" 1 
ATOM   435 N  N9    . DG  B 1 10 ? 0.226   -12.442 1.962   1.00 20.34 ? 2010 DG  B N9    1 
ATOM   436 C  C8    . DG  B 1 10 ? -0.952  -12.461 1.240   1.00 20.20 ? 2010 DG  B C8    1 
ATOM   437 N  N7    . DG  B 1 10 ? -1.832  -11.629 1.704   1.00 19.73 ? 2010 DG  B N7    1 
ATOM   438 C  C5    . DG  B 1 10 ? -1.274  -11.130 2.879   1.00 18.55 ? 2010 DG  B C5    1 
ATOM   439 C  C6    . DG  B 1 10 ? -1.812  -10.288 3.882   1.00 17.76 ? 2010 DG  B C6    1 
ATOM   440 O  O6    . DG  B 1 10 ? -2.926  -9.764  3.881   1.00 18.88 ? 2010 DG  B O6    1 
ATOM   441 N  N1    . DG  B 1 10 ? -0.908  -10.010 4.912   1.00 17.23 ? 2010 DG  B N1    1 
ATOM   442 C  C2    . DG  B 1 10 ? 0.371   -10.512 4.948   1.00 18.25 ? 2010 DG  B C2    1 
ATOM   443 N  N2    . DG  B 1 10 ? 1.106   -10.192 6.040   1.00 17.27 ? 2010 DG  B N2    1 
ATOM   444 N  N3    . DG  B 1 10 ? 0.876   -11.309 4.014   1.00 18.24 ? 2010 DG  B N3    1 
ATOM   445 C  C4    . DG  B 1 10 ? 0.008   -11.601 3.039   1.00 19.05 ? 2010 DG  B C4    1 
ATOM   446 P  P     . DC  B 1 11 ? 3.836   -16.738 1.762   1.00 23.64 ? 2011 DC  B P     1 
ATOM   447 O  OP1   . DC  B 1 11 ? 4.964   -17.023 0.857   1.00 27.70 ? 2011 DC  B OP1   1 
ATOM   448 O  OP2   . DC  B 1 11 ? 2.561   -17.495 1.667   1.00 26.19 ? 2011 DC  B OP2   1 
ATOM   449 O  "O5'" . DC  B 1 11 ? 4.320   -16.775 3.280   1.00 23.10 ? 2011 DC  B "O5'" 1 
ATOM   450 C  "C5'" . DC  B 1 11 ? 5.496   -16.135 3.786   1.00 20.94 ? 2011 DC  B "C5'" 1 
ATOM   451 C  "C4'" . DC  B 1 11 ? 5.225   -15.290 5.012   1.00 20.43 ? 2011 DC  B "C4'" 1 
ATOM   452 O  "O4'" . DC  B 1 11 ? 4.199   -14.276 4.807   1.00 19.87 ? 2011 DC  B "O4'" 1 
ATOM   453 C  "C3'" . DC  B 1 11 ? 4.705   -16.058 6.238   1.00 20.16 ? 2011 DC  B "C3'" 1 
ATOM   454 O  "O3'" . DC  B 1 11 ? 5.756   -16.761 6.867   1.00 19.58 ? 2011 DC  B "O3'" 1 
ATOM   455 C  "C2'" . DC  B 1 11 ? 4.113   -14.936 7.075   1.00 19.97 ? 2011 DC  B "C2'" 1 
ATOM   456 C  "C1'" . DC  B 1 11 ? 3.454   -14.078 5.988   1.00 19.33 ? 2011 DC  B "C1'" 1 
ATOM   457 N  N1    . DC  B 1 11 ? 2.042   -14.442 5.735   1.00 17.77 ? 2011 DC  B N1    1 
ATOM   458 C  C2    . DC  B 1 11 ? 1.078   -13.747 6.472   1.00 16.10 ? 2011 DC  B C2    1 
ATOM   459 O  O2    . DC  B 1 11 ? 1.496   -13.131 7.484   1.00 17.56 ? 2011 DC  B O2    1 
ATOM   460 N  N3    . DC  B 1 11 ? -0.212  -13.797 6.091   1.00 16.47 ? 2011 DC  B N3    1 
ATOM   461 C  C4    . DC  B 1 11 ? -0.571  -14.483 4.995   1.00 16.96 ? 2011 DC  B C4    1 
ATOM   462 N  N4    . DC  B 1 11 ? -1.861  -14.470 4.663   1.00 17.79 ? 2011 DC  B N4    1 
ATOM   463 C  C5    . DC  B 1 11 ? 0.402   -15.227 4.250   1.00 19.63 ? 2011 DC  B C5    1 
ATOM   464 C  C6    . DC  B 1 11 ? 1.677   -15.166 4.648   1.00 18.44 ? 2011 DC  B C6    1 
ATOM   465 P  P     . DG  B 1 12 ? 5.569   -18.042 7.819   1.00 21.10 ? 2012 DG  B P     1 
ATOM   466 O  OP1   . DG  B 1 12 ? 6.949   -18.530 8.123   1.00 24.44 ? 2012 DG  B OP1   1 
ATOM   467 O  OP2   . DG  B 1 12 ? 4.646   -19.040 7.186   1.00 23.41 ? 2012 DG  B OP2   1 
ATOM   468 O  "O5'" . DG  B 1 12 ? 4.874   -17.531 9.140   1.00 19.85 ? 2012 DG  B "O5'" 1 
ATOM   469 C  "C5'" . DG  B 1 12 ? 5.582   -16.691 10.072  1.00 19.11 ? 2012 DG  B "C5'" 1 
ATOM   470 C  "C4'" . DG  B 1 12 ? 4.582   -16.095 11.061  1.00 17.61 ? 2012 DG  B "C4'" 1 
ATOM   471 O  "O4'" . DG  B 1 12 ? 3.597   -15.311 10.357  1.00 16.89 ? 2012 DG  B "O4'" 1 
ATOM   472 C  "C3'" . DG  B 1 12 ? 3.774   -17.105 11.873  1.00 17.30 ? 2012 DG  B "C3'" 1 
ATOM   473 O  "O3'" . DG  B 1 12 ? 4.511   -17.551 13.011  1.00 17.19 ? 2012 DG  B "O3'" 1 
ATOM   474 C  "C2'" . DG  B 1 12 ? 2.512   -16.326 12.207  1.00 18.24 ? 2012 DG  B "C2'" 1 
ATOM   475 C  "C1'" . DG  B 1 12 ? 2.321   -15.419 11.003  1.00 16.72 ? 2012 DG  B "C1'" 1 
ATOM   476 N  N9    . DG  B 1 12 ? 1.359   -15.907 10.000  1.00 16.70 ? 2012 DG  B N9    1 
ATOM   477 C  C8    . DG  B 1 12 ? 1.662   -16.752 8.947   1.00 16.34 ? 2012 DG  B C8    1 
ATOM   478 N  N7    . DG  B 1 12 ? 0.628   -16.990 8.199   1.00 16.90 ? 2012 DG  B N7    1 
ATOM   479 C  C5    . DG  B 1 12 ? -0.413  -16.249 8.744   1.00 15.60 ? 2012 DG  B C5    1 
ATOM   480 C  C6    . DG  B 1 12 ? -1.731  -16.000 8.266   1.00 15.26 ? 2012 DG  B C6    1 
ATOM   481 O  O6    . DG  B 1 12 ? -2.269  -16.458 7.248   1.00 17.09 ? 2012 DG  B O6    1 
ATOM   482 N  N1    . DG  B 1 12 ? -2.459  -15.183 9.116   1.00 15.60 ? 2012 DG  B N1    1 
ATOM   483 C  C2    . DG  B 1 12 ? -1.959  -14.642 10.260  1.00 14.96 ? 2012 DG  B C2    1 
ATOM   484 N  N2    . DG  B 1 12 ? -2.803  -13.876 10.965  1.00 14.85 ? 2012 DG  B N2    1 
ATOM   485 N  N3    . DG  B 1 12 ? -0.717  -14.822 10.685  1.00 15.37 ? 2012 DG  B N3    1 
ATOM   486 C  C4    . DG  B 1 12 ? 0.028   -15.605 9.889   1.00 14.96 ? 2012 DG  B C4    1 
HETATM 487 MG MG    . MG  C 2 .  ? -6.956  -11.267 3.308   0.80 18.05 ? 2013 MG  A MG    1 
HETATM 488 TL TL    . TL  D 3 .  ? -2.361  -3.491  6.809   0.20 23.90 ? 2103 TL  A TL    1 
HETATM 489 TL TL    . TL  E 3 .  ? 4.345   -6.949  0.711   0.20 28.30 ? 2104 TL  A TL    1 
HETATM 490 TL TL    . TL  F 3 .  ? 4.608   -7.435  6.430   0.17 26.36 ? 2105 TL  A TL    1 
HETATM 491 TL TL    . TL  G 3 .  ? -5.600  -11.701 4.766   0.10 62.74 ? 2108 TL  A TL    1 
HETATM 492 TL TL    . TL  H 3 .  ? 2.241   8.326   -9.821  0.15 24.92 ? 2110 TL  A TL    1 
HETATM 493 TL TL    . TL  I 3 .  ? -8.637  -16.527 9.281   0.18 24.73 ? 2111 TL  A TL    1 
HETATM 494 TL TL    . TL  J 3 .  ? 2.918   10.923  -10.001 0.15 25.53 ? 2113 TL  A TL    1 
HETATM 495 TL TL    . TL  K 3 .  ? 5.267   7.954   -1.337  0.34 16.79 ? 2101 TL  B TL    1 
HETATM 496 TL TL    . TL  L 3 .  ? 4.050   11.240  -9.201  0.29 23.94 ? 2102 TL  B TL    1 
HETATM 497 TL TL    . TL  M 3 .  ? -0.559  -1.780  -4.502  0.10 35.68 ? 2106 TL  B TL    1 
HETATM 498 TL TL    . TL  N 3 .  ? -4.604  -12.072 3.713   0.10 26.03 ? 2107 TL  B TL    1 
HETATM 499 TL TL    . TL  O 3 .  ? 3.410   -10.358 2.519   0.12 22.23 ? 2109 TL  B TL    1 
HETATM 500 TL TL    . TL  P 3 .  ? 4.807   18.483  -11.724 0.15 41.83 ? 2112 TL  B TL    1 
HETATM 501 O  O     . HOH Q 4 .  ? -0.642  -1.706  -4.976  0.90 13.93 ? 3001 HOH A O     1 
HETATM 502 O  O     . HOH Q 4 .  ? -3.141  2.263   -4.908  1.00 16.39 ? 3002 HOH A O     1 
HETATM 503 O  O     . HOH Q 4 .  ? -4.092  6.475   -3.686  1.00 16.44 ? 3004 HOH A O     1 
HETATM 504 O  O     . HOH Q 4 .  ? 8.095   -0.357  -4.062  1.00 21.02 ? 3006 HOH A O     1 
HETATM 505 O  O     . HOH Q 4 .  ? -9.491  -9.314  6.289   1.00 21.82 ? 3007 HOH A O     1 
HETATM 506 O  O     . HOH Q 4 .  ? 4.808   5.815   -7.367  1.00 21.49 ? 3010 HOH A O     1 
HETATM 507 O  O     . HOH Q 4 .  ? -5.452  -15.148 3.166   1.00 26.33 ? 3011 HOH A O     1 
HETATM 508 O  O     . HOH Q 4 .  ? -5.288  4.114   -4.786  1.00 20.43 ? 3012 HOH A O     1 
HETATM 509 O  O     . HOH Q 4 .  ? 7.979   1.332   -6.398  1.00 24.73 ? 3013 HOH A O     1 
HETATM 510 O  O     . HOH Q 4 .  ? -8.841  -8.078  8.635   1.00 24.78 ? 3014 HOH A O     1 
HETATM 511 O  O     . HOH Q 4 .  ? -2.619  -0.240  -6.112  1.00 24.97 ? 3015 HOH A O     1 
HETATM 512 O  O     . HOH Q 4 .  ? 4.975   3.442   1.520   1.00 28.81 ? 3016 HOH A O     1 
HETATM 513 O  O     . HOH Q 4 .  ? 5.272   0.597   3.686   1.00 26.27 ? 3017 HOH A O     1 
HETATM 514 O  O     . HOH Q 4 .  ? -9.784  -7.940  3.895   1.00 25.33 ? 3018 HOH A O     1 
HETATM 515 O  O     . HOH Q 4 .  ? -5.963  -5.923  5.700   1.00 31.42 ? 3019 HOH A O     1 
HETATM 516 O  O     . HOH Q 4 .  ? -3.722  10.803  -4.621  1.00 22.12 ? 3020 HOH A O     1 
HETATM 517 O  O     . HOH Q 4 .  ? 2.376   1.445   4.352   1.00 28.14 ? 3021 HOH A O     1 
HETATM 518 O  O     . HOH Q 4 .  ? -1.521  12.199  -11.586 1.00 32.42 ? 3022 HOH A O     1 
HETATM 519 O  O     . HOH Q 4 .  ? -3.412  16.985  -10.061 1.00 26.47 ? 3023 HOH A O     1 
HETATM 520 O  O     . HOH Q 4 .  ? 6.027   5.057   -2.411  1.00 26.49 ? 3026 HOH A O     1 
HETATM 521 O  O     . HOH Q 4 .  ? -5.373  8.866   -3.684  1.00 27.20 ? 3030 HOH A O     1 
HETATM 522 O  O     . HOH Q 4 .  ? 8.073   -7.881  -4.731  1.00 32.60 ? 3033 HOH A O     1 
HETATM 523 O  O     . HOH Q 4 .  ? -8.236  -15.274 2.626   1.00 24.45 ? 3034 HOH A O     1 
HETATM 524 O  O     . HOH Q 4 .  ? 8.814   -0.936  1.345   1.00 26.78 ? 3037 HOH A O     1 
HETATM 525 O  O     . HOH Q 4 .  ? -7.627  -5.716  8.387   1.00 41.72 ? 3039 HOH A O     1 
HETATM 526 O  O     . HOH Q 4 .  ? 11.532  -1.895  4.695   1.00 30.95 ? 3043 HOH A O     1 
HETATM 527 O  O     . HOH Q 4 .  ? -0.631  -0.867  6.175   1.00 39.52 ? 3047 HOH A O     1 
HETATM 528 O  O     . HOH Q 4 .  ? -4.819  -18.798 6.764   1.00 34.00 ? 3048 HOH A O     1 
HETATM 529 O  O     . HOH Q 4 .  ? -7.608  4.194   -6.385  1.00 29.85 ? 3049 HOH A O     1 
HETATM 530 O  O     . HOH Q 4 .  ? 4.499   3.402   -8.881  1.00 33.20 ? 3051 HOH A O     1 
HETATM 531 O  O     . HOH Q 4 .  ? -9.644  9.776   -6.290  1.00 40.56 ? 3053 HOH A O     1 
HETATM 532 O  O     . HOH Q 4 .  ? -1.696  15.638  -11.461 1.00 37.56 ? 3055 HOH A O     1 
HETATM 533 O  O     . HOH Q 4 .  ? -9.443  -7.619  14.881  1.00 53.99 ? 3058 HOH A O     1 
HETATM 534 O  O     . HOH Q 4 .  ? 1.641   -0.565  6.329   1.00 38.17 ? 3059 HOH A O     1 
HETATM 535 O  O     . HOH Q 4 .  ? 9.545   1.691   -2.810  1.00 27.60 ? 3060 HOH A O     1 
HETATM 536 O  O     . HOH Q 4 .  ? 1.466   -0.373  9.460   1.00 43.34 ? 3061 HOH A O     1 
HETATM 537 O  O     . HOH Q 4 .  ? 8.387   3.771   -2.147  1.00 41.07 ? 3068 HOH A O     1 
HETATM 538 O  O     . HOH Q 4 .  ? -12.338 -7.622  2.938   1.00 39.32 ? 3069 HOH A O     1 
HETATM 539 O  O     . HOH Q 4 .  ? -7.788  -6.149  3.716   1.00 34.45 ? 3071 HOH A O     1 
HETATM 540 O  O     . HOH Q 4 .  ? -5.384  -4.400  10.065  1.00 40.73 ? 3072 HOH A O     1 
HETATM 541 O  O     . HOH Q 4 .  ? 1.530   -6.474  16.226  1.00 40.61 ? 3074 HOH A O     1 
HETATM 542 O  O     . HOH Q 4 .  ? -8.601  -4.095  2.794   1.00 38.65 ? 3075 HOH A O     1 
HETATM 543 O  O     . HOH Q 4 .  ? -5.340  14.146  -11.093 1.00 50.39 ? 3078 HOH A O     1 
HETATM 544 O  O     . HOH Q 4 .  ? -7.377  -17.831 7.050   1.00 29.80 ? 3079 HOH A O     1 
HETATM 545 O  O     . HOH Q 4 .  ? 0.051   4.940   -11.147 1.00 40.00 ? 3080 HOH A O     1 
HETATM 546 O  O     . HOH Q 4 .  ? -1.926  -4.051  -8.684  1.00 44.01 ? 3083 HOH A O     1 
HETATM 547 O  O     . HOH Q 4 .  ? -5.127  2.319   -12.293 1.00 43.48 ? 3086 HOH A O     1 
HETATM 548 O  O     . HOH Q 4 .  ? 6.155   1.320   -8.246  1.00 35.37 ? 3093 HOH A O     1 
HETATM 549 O  O     . HOH Q 4 .  ? -3.458  -1.062  -10.872 1.00 41.36 ? 3095 HOH A O     1 
HETATM 550 O  O     . HOH Q 4 .  ? 2.841   -5.400  -9.463  1.00 42.27 ? 3096 HOH A O     1 
HETATM 551 O  O     . HOH Q 4 .  ? -3.204  13.653  -12.175 1.00 53.96 ? 3099 HOH A O     1 
HETATM 552 O  O     . HOH Q 4 .  ? -13.790 -10.921 9.225   1.00 37.17 ? 3100 HOH A O     1 
HETATM 553 O  O     . HOH Q 4 .  ? -7.759  -1.794  7.778   0.50 42.68 ? 3101 HOH A O     1 
HETATM 554 O  O     . HOH Q 4 .  ? 10.604  -8.112  2.676   1.00 33.94 ? 3102 HOH A O     1 
HETATM 555 O  O     . HOH Q 4 .  ? -6.705  1.154   -7.905  1.00 31.86 ? 3109 HOH A O     1 
HETATM 556 O  O     . HOH Q 4 .  ? -10.192 16.123  -10.096 0.50 41.25 ? 3111 HOH A O     1 
HETATM 557 O  O     . HOH Q 4 .  ? -6.316  10.612  -12.631 1.00 52.66 ? 3112 HOH A O     1 
HETATM 558 O  O     . HOH Q 4 .  ? 4.094   7.812   -9.111  0.85 26.34 ? 3115 HOH A O     1 
HETATM 559 O  O     . HOH Q 4 .  ? 1.558   7.504   -10.965 0.85 28.27 ? 3116 HOH A O     1 
HETATM 560 O  O     . HOH Q 4 .  ? -0.619  -5.177  17.080  1.00 51.05 ? 3118 HOH A O     1 
HETATM 561 O  O     . HOH Q 4 .  ? 5.364   0.278   10.653  1.00 46.93 ? 3119 HOH A O     1 
HETATM 562 O  O     . HOH Q 4 .  ? 6.613   -7.596  8.125   1.00 41.47 ? 3120 HOH A O     1 
HETATM 563 O  O     . HOH Q 4 .  ? 6.435   -0.108  5.681   1.00 49.63 ? 3121 HOH A O     1 
HETATM 564 O  O     . HOH Q 4 .  ? -3.764  -4.209  6.233   0.79 24.74 ? 3122 HOH A O     1 
HETATM 565 O  O     . HOH Q 4 .  ? -3.160  -2.885  8.007   0.79 35.06 ? 3123 HOH A O     1 
HETATM 566 O  O     . HOH Q 4 .  ? -0.743  -2.503  -10.583 0.50 40.98 ? 3126 HOH A O     1 
HETATM 567 O  O     . HOH Q 4 .  ? -3.854  -5.936  -8.962  1.00 46.69 ? 3127 HOH A O     1 
HETATM 568 O  O     . HOH Q 4 .  ? -8.020  9.051   -3.963  1.00 32.16 ? 3128 HOH A O     1 
HETATM 569 O  O     . HOH Q 4 .  ? 6.585   2.436   7.521   1.00 55.36 ? 3129 HOH A O     1 
HETATM 570 O  O     . HOH Q 4 .  ? 1.779   8.995   -12.893 1.00 45.20 ? 3130 HOH A O     1 
HETATM 571 O  O     . HOH Q 4 .  ? 7.526   3.334   1.352   1.00 43.83 ? 3132 HOH A O     1 
HETATM 572 O  O     . HOH Q 4 .  ? 5.495   -1.372  12.243  0.50 91.38 ? 3134 HOH A O     1 
HETATM 573 O  O     . HOH Q 4 .  ? -5.419  -12.547 3.993   0.80 16.99 ? 3136 HOH A O     1 
HETATM 574 O  O     . HOH Q 4 .  ? -8.420  -12.709 3.728   0.80 17.06 ? 3137 HOH A O     1 
HETATM 575 O  O     . HOH Q 4 .  ? -8.395  -9.940  2.521   0.80 20.17 ? 3138 HOH A O     1 
HETATM 576 O  O     . HOH Q 4 .  ? -7.194  -10.501 5.255   0.80 19.94 ? 3139 HOH A O     1 
HETATM 577 O  O     . HOH R 4 .  ? 3.451   -9.608  1.082   0.85 13.82 ? 3003 HOH B O     1 
HETATM 578 O  O     . HOH R 4 .  ? 2.273   -4.935  -2.892  1.00 18.55 ? 3005 HOH B O     1 
HETATM 579 O  O     . HOH R 4 .  ? -4.216  -11.541 0.168   1.00 24.93 ? 3008 HOH B O     1 
HETATM 580 O  O     . HOH R 4 .  ? -7.595  -1.022  0.381   1.00 25.89 ? 3009 HOH B O     1 
HETATM 581 O  O     . HOH R 4 .  ? 1.109   -4.012  -5.254  1.00 24.46 ? 3024 HOH B O     1 
HETATM 582 O  O     . HOH R 4 .  ? 1.724   -18.865 6.190   1.00 25.04 ? 3025 HOH B O     1 
HETATM 583 O  O     . HOH R 4 .  ? -4.399  -2.632  3.847   1.00 28.83 ? 3027 HOH B O     1 
HETATM 584 O  O     . HOH R 4 .  ? 0.910   3.710   3.659   1.00 26.96 ? 3028 HOH B O     1 
HETATM 585 O  O     . HOH R 4 .  ? -5.799  -7.247  1.755   1.00 26.39 ? 3029 HOH B O     1 
HETATM 586 O  O     . HOH R 4 .  ? -1.478  4.149   4.004   1.00 28.96 ? 3031 HOH B O     1 
HETATM 587 O  O     . HOH R 4 .  ? -2.123  0.984   4.477   1.00 32.31 ? 3032 HOH B O     1 
HETATM 588 O  O     . HOH R 4 .  ? 7.155   -16.791 13.707  1.00 28.78 ? 3035 HOH B O     1 
HETATM 589 O  O     . HOH R 4 .  ? 1.873   6.377   3.168   1.00 26.04 ? 3036 HOH B O     1 
HETATM 590 O  O     . HOH R 4 .  ? -2.831  6.617   5.096   1.00 28.08 ? 3038 HOH B O     1 
HETATM 591 O  O     . HOH R 4 .  ? 4.431   -6.711  -2.408  1.00 32.19 ? 3040 HOH B O     1 
HETATM 592 O  O     . HOH R 4 .  ? 5.113   -21.517 6.744   1.00 29.97 ? 3041 HOH B O     1 
HETATM 593 O  O     . HOH R 4 .  ? -1.696  -18.629 5.682   1.00 40.93 ? 3042 HOH B O     1 
HETATM 594 O  O     . HOH R 4 .  ? -6.115  4.271   3.103   1.00 35.00 ? 3044 HOH B O     1 
HETATM 595 O  O     . HOH R 4 .  ? -8.942  2.552   2.163   1.00 38.55 ? 3045 HOH B O     1 
HETATM 596 O  O     . HOH R 4 .  ? 4.242   6.226   1.085   1.00 29.48 ? 3046 HOH B O     1 
HETATM 597 O  O     . HOH R 4 .  ? 8.361   10.833  -1.022  1.00 31.43 ? 3050 HOH B O     1 
HETATM 598 O  O     . HOH R 4 .  ? 1.043   -18.865 3.711   1.00 31.84 ? 3052 HOH B O     1 
HETATM 599 O  O     . HOH R 4 .  ? 8.880   -18.485 10.032  1.00 37.29 ? 3054 HOH B O     1 
HETATM 600 O  O     . HOH R 4 .  ? 7.299   8.491   -5.642  1.00 34.50 ? 3056 HOH B O     1 
HETATM 601 O  O     . HOH R 4 .  ? 5.766   -10.964 -3.546  1.00 41.99 ? 3057 HOH B O     1 
HETATM 602 O  O     . HOH R 4 .  ? -8.769  -3.424  -1.438  1.00 41.08 ? 3062 HOH B O     1 
HETATM 603 O  O     . HOH R 4 .  ? 4.593   -15.477 -3.761  1.00 43.05 ? 3063 HOH B O     1 
HETATM 604 O  O     . HOH R 4 .  ? 6.717   10.021  1.164   1.00 36.60 ? 3064 HOH B O     1 
HETATM 605 O  O     . HOH R 4 .  ? -6.003  9.926   5.864   1.00 45.44 ? 3065 HOH B O     1 
HETATM 606 O  O     . HOH R 4 .  ? 9.002   11.270  2.147   1.00 48.23 ? 3066 HOH B O     1 
HETATM 607 O  O     . HOH R 4 .  ? 12.405  18.901  -8.215  1.00 36.53 ? 3067 HOH B O     1 
HETATM 608 O  O     . HOH R 4 .  ? 2.872   12.092  7.090   1.00 41.54 ? 3070 HOH B O     1 
HETATM 609 O  O     . HOH R 4 .  ? 8.466   8.612   -2.688  0.50 35.29 ? 3073 HOH B O     1 
HETATM 610 O  O     . HOH R 4 .  ? 0.965   -5.702  -7.421  1.00 34.39 ? 3076 HOH B O     1 
HETATM 611 O  O     . HOH R 4 .  ? 2.266   -17.576 -2.958  1.00 35.50 ? 3077 HOH B O     1 
HETATM 612 O  O     . HOH R 4 .  ? 5.690   8.238   0.156   0.65 17.72 ? 3081 HOH B O     1 
HETATM 613 O  O     . HOH R 4 .  ? 5.627   7.288   -2.768  0.65 21.65 ? 3082 HOH B O     1 
HETATM 614 O  O     . HOH R 4 .  ? -2.432  -16.416 -4.121  1.00 42.02 ? 3084 HOH B O     1 
HETATM 615 O  O     . HOH R 4 .  ? 7.936   -21.840 0.046   1.00 43.22 ? 3085 HOH B O     1 
HETATM 616 O  O     . HOH R 4 .  ? -8.082  -8.814  -4.409  1.00 43.87 ? 3087 HOH B O     1 
HETATM 617 O  O     . HOH R 4 .  ? -3.660  -9.937  -3.948  1.00 35.67 ? 3088 HOH B O     1 
HETATM 618 O  O     . HOH R 4 .  ? 4.930   14.218  -16.919 1.00 42.24 ? 3089 HOH B O     1 
HETATM 619 O  O     . HOH R 4 .  ? -1.668  -21.212 6.280   1.00 41.17 ? 3090 HOH B O     1 
HETATM 620 O  O     . HOH R 4 .  ? -1.818  -18.694 3.374   1.00 40.38 ? 3091 HOH B O     1 
HETATM 621 O  O     . HOH R 4 .  ? 4.580   -23.541 5.494   0.50 45.18 ? 3092 HOH B O     1 
HETATM 622 O  O     . HOH R 4 .  ? 13.075  16.756  -3.557  1.00 48.37 ? 3094 HOH B O     1 
HETATM 623 O  O     . HOH R 4 .  ? 7.270   -18.782 1.393   1.00 43.80 ? 3097 HOH B O     1 
HETATM 624 O  O     . HOH R 4 .  ? 5.865   -20.944 3.739   0.50 34.64 ? 3098 HOH B O     1 
HETATM 625 O  O     . HOH R 4 .  ? 3.865   -11.078 3.888   0.85 23.43 ? 3103 HOH B O     1 
HETATM 626 O  O     . HOH R 4 .  ? 6.132   -11.476 5.712   1.00 31.20 ? 3104 HOH B O     1 
HETATM 627 O  O     . HOH R 4 .  ? -11.523 0.415   -0.320  1.00 45.80 ? 3105 HOH B O     1 
HETATM 628 O  O     . HOH R 4 .  ? -9.035  10.071  -1.500  1.00 38.42 ? 3106 HOH B O     1 
HETATM 629 O  O     . HOH R 4 .  ? -11.633 9.413   -1.989  1.00 50.29 ? 3107 HOH B O     1 
HETATM 630 O  O     . HOH R 4 .  ? -10.334 10.520  1.653   1.00 39.89 ? 3108 HOH B O     1 
HETATM 631 O  O     . HOH R 4 .  ? -9.714  -0.208  -6.979  1.00 48.05 ? 3110 HOH B O     1 
HETATM 632 O  O     . HOH R 4 .  ? 5.951   10.841  6.170   1.00 49.94 ? 3113 HOH B O     1 
HETATM 633 O  O     . HOH R 4 .  ? -8.193  -5.742  -0.565  1.00 34.29 ? 3114 HOH B O     1 
HETATM 634 O  O     . HOH R 4 .  ? 9.383   12.407  -6.526  1.00 38.66 ? 3117 HOH B O     1 
HETATM 635 O  O     . HOH R 4 .  ? 3.187   17.787  -12.233 0.85 29.56 ? 3124 HOH B O     1 
HETATM 636 O  O     . HOH R 4 .  ? -5.865  -8.432  -3.064  1.00 37.68 ? 3125 HOH B O     1 
HETATM 637 O  O     . HOH R 4 .  ? 5.923   -12.399 3.207   1.00 31.27 ? 3131 HOH B O     1 
HETATM 638 O  O     . HOH R 4 .  ? 8.123   7.022   1.153   0.50 35.98 ? 3133 HOH B O     1 
HETATM 639 O  O     . HOH R 4 .  ? -5.460  -9.868  2.852   0.80 18.33 ? 3135 HOH B O     1 
HETATM 640 O  O     . HOH R 4 .  ? -6.729  -12.139 1.401   0.80 17.28 ? 3140 HOH B O     1 
# 
loop_
_atom_site_anisotrop.id 
_atom_site_anisotrop.type_symbol 
_atom_site_anisotrop.pdbx_label_atom_id 
_atom_site_anisotrop.pdbx_label_alt_id 
_atom_site_anisotrop.pdbx_label_comp_id 
_atom_site_anisotrop.pdbx_label_asym_id 
_atom_site_anisotrop.pdbx_label_seq_id 
_atom_site_anisotrop.pdbx_PDB_ins_code 
_atom_site_anisotrop.U[1][1] 
_atom_site_anisotrop.U[2][2] 
_atom_site_anisotrop.U[3][3] 
_atom_site_anisotrop.U[1][2] 
_atom_site_anisotrop.U[1][3] 
_atom_site_anisotrop.U[2][3] 
_atom_site_anisotrop.pdbx_auth_seq_id 
_atom_site_anisotrop.pdbx_auth_comp_id 
_atom_site_anisotrop.pdbx_auth_asym_id 
_atom_site_anisotrop.pdbx_auth_atom_id 
1   O  "O5'" . DC  A 1  ? 0.2131 0.3309 0.3936 -0.0164 -0.0212 -0.0515 1001 DC  A "O5'" 
2   C  "C5'" . DC  A 1  ? 0.1841 0.2763 0.2878 -0.0201 -0.0571 0.0204  1001 DC  A "C5'" 
3   C  "C4'" . DC  A 1  ? 0.2089 0.2283 0.2927 -0.0080 -0.0436 -0.0093 1001 DC  A "C4'" 
4   O  "O4'" . DC  A 1  ? 0.1909 0.2144 0.2853 -0.0044 -0.0459 0.0389  1001 DC  A "O4'" 
5   C  "C3'" . DC  A 1  ? 0.2181 0.2261 0.3244 0.0085  -0.0414 -0.0032 1001 DC  A "C3'" 
6   O  "O3'" . DC  A 1  ? 0.2592 0.2518 0.3481 -0.0215 -0.0504 -0.0370 1001 DC  A "O3'" 
7   C  "C2'" . DC  A 1  ? 0.2075 0.2049 0.3331 0.0278  -0.0455 0.0396  1001 DC  A "C2'" 
8   C  "C1'" . DC  A 1  ? 0.2108 0.1948 0.2621 0.0103  -0.0330 0.0579  1001 DC  A "C1'" 
9   N  N1    . DC  A 1  ? 0.1934 0.1849 0.2450 0.0094  -0.0521 0.0594  1001 DC  A N1    
10  C  C2    . DC  A 1  ? 0.1975 0.1881 0.2309 0.0110  -0.0300 0.0793  1001 DC  A C2    
11  O  O2    . DC  A 1  ? 0.1713 0.2035 0.2662 0.0308  -0.0402 0.0284  1001 DC  A O2    
12  N  N3    . DC  A 1  ? 0.1987 0.1600 0.2429 0.0022  -0.0351 0.0651  1001 DC  A N3    
13  C  C4    . DC  A 1  ? 0.1982 0.1596 0.2391 -0.0091 -0.0335 0.0666  1001 DC  A C4    
14  N  N4    . DC  A 1  ? 0.2351 0.1423 0.2827 0.0128  -0.0337 0.0266  1001 DC  A N4    
15  C  C5    . DC  A 1  ? 0.1850 0.1983 0.2490 -0.0091 -0.0284 0.0657  1001 DC  A C5    
16  C  C6    . DC  A 1  ? 0.1864 0.2288 0.2419 -0.0063 -0.0327 0.0637  1001 DC  A C6    
17  P  P     . DG  A 2  ? 0.2880 0.2504 0.3409 -0.0073 -0.0287 -0.0200 1002 DG  A P     
18  O  OP1   . DG  A 2  ? 0.3416 0.3245 0.3673 0.0520  -0.0086 -0.0595 1002 DG  A OP1   
19  O  OP2   . DG  A 2  ? 0.3315 0.2748 0.3847 0.0224  -0.1128 -0.0410 1002 DG  A OP2   
20  O  "O5'" . DG  A 2  ? 0.2826 0.2422 0.3362 -0.0160 -0.0687 -0.0260 1002 DG  A "O5'" 
21  C  "C5'" . DG  A 2  ? 0.2925 0.2581 0.2892 -0.0336 -0.0335 0.0041  1002 DG  A "C5'" 
22  C  "C4'" . DG  A 2  ? 0.2657 0.1950 0.2821 0.0168  -0.0273 -0.0121 1002 DG  A "C4'" 
23  O  "O4'" . DG  A 2  ? 0.3539 0.1774 0.2740 0.0142  0.0030  0.0042  1002 DG  A "O4'" 
24  C  "C3'" . DG  A 2  ? 0.2510 0.1915 0.3166 0.0098  -0.0302 -0.0303 1002 DG  A "C3'" 
25  O  "O3'" . DG  A 2  ? 0.3233 0.2298 0.3975 0.0045  -0.0679 -0.1015 1002 DG  A "O3'" 
26  C  "C2'" . DG  A 2  ? 0.2899 0.1413 0.3225 -0.0141 0.0085  -0.0249 1002 DG  A "C2'" 
27  C  "C1'" . DG  A 2  ? 0.3190 0.1406 0.2801 0.0013  -0.0139 -0.0049 1002 DG  A "C1'" 
28  N  N9    . DG  A 2  ? 0.2899 0.1323 0.2692 -0.0049 -0.0150 0.0025  1002 DG  A N9    
29  C  C8    . DG  A 2  ? 0.2643 0.1499 0.2987 -0.0156 -0.0134 -0.0085 1002 DG  A C8    
30  N  N7    . DG  A 2  ? 0.2504 0.1556 0.2532 -0.0245 -0.0105 0.0239  1002 DG  A N7    
31  C  C5    . DG  A 2  ? 0.2696 0.1096 0.2196 -0.0083 -0.0134 0.0505  1002 DG  A C5    
32  C  C6    . DG  A 2  ? 0.2483 0.1040 0.1976 -0.0380 -0.0100 0.0561  1002 DG  A C6    
33  O  O6    . DG  A 2  ? 0.2345 0.1514 0.2215 -0.0272 -0.0234 0.0256  1002 DG  A O6    
34  N  N1    . DG  A 2  ? 0.2405 0.1347 0.1846 -0.0386 -0.0045 0.0625  1002 DG  A N1    
35  C  C2    . DG  A 2  ? 0.2530 0.1685 0.1856 -0.0254 -0.0047 0.0516  1002 DG  A C2    
36  N  N2    . DG  A 2  ? 0.2631 0.1327 0.1980 -0.0389 -0.0166 0.0671  1002 DG  A N2    
37  N  N3    . DG  A 2  ? 0.2694 0.1657 0.1975 -0.0252 -0.0001 0.0443  1002 DG  A N3    
38  C  C4    . DG  A 2  ? 0.2669 0.1345 0.2184 -0.0176 0.0006  0.0421  1002 DG  A C4    
39  P  P     . DC  A 3  ? 0.3006 0.2077 0.3988 0.0075  -0.0479 -0.0706 1003 DC  A P     
40  O  OP1   . DC  A 3  ? 0.4305 0.3431 0.5068 -0.0571 0.0995  -0.1927 1003 DC  A OP1   
41  O  OP2   . DC  A 3  ? 0.4633 0.3047 0.6697 0.0601  -0.2225 0.0040  1003 DC  A OP2   
42  O  "O5'" . DC  A 3  ? 0.3057 0.2248 0.3899 0.0085  -0.0176 -0.0287 1003 DC  A "O5'" 
43  C  "C5'" . DC  A 3  ? 0.2782 0.2240 0.2642 -0.0122 0.0260  0.0204  1003 DC  A "C5'" 
44  C  "C4'" . DC  A 3  ? 0.2840 0.1932 0.2244 -0.0153 0.0084  0.0372  1003 DC  A "C4'" 
45  O  "O4'" . DC  A 3  ? 0.2717 0.1679 0.2211 -0.0206 -0.0003 0.0611  1003 DC  A "O4'" 
46  C  "C3'" . DC  A 3  ? 0.2902 0.1864 0.2586 -0.0222 0.0187  0.0180  1003 DC  A "C3'" 
47  O  "O3'" . DC  A 3  ? 0.3362 0.2599 0.2614 -0.0660 0.0177  -0.0386 1003 DC  A "O3'" 
48  C  "C2'" . DC  A 3  ? 0.3152 0.1949 0.2490 -0.0775 -0.0036 0.0291  1003 DC  A "C2'" 
49  C  "C1'" . DC  A 3  ? 0.2631 0.1730 0.2064 -0.0526 -0.0200 0.0627  1003 DC  A "C1'" 
50  N  N1    . DC  A 3  ? 0.2539 0.2056 0.2088 -0.0290 -0.0186 0.0321  1003 DC  A N1    
51  C  C2    . DC  A 3  ? 0.2487 0.1227 0.2094 -0.0506 -0.0062 0.0588  1003 DC  A C2    
52  O  O2    . DC  A 3  ? 0.2608 0.1855 0.2024 -0.0379 0.0132  0.0659  1003 DC  A O2    
53  N  N3    . DC  A 3  ? 0.2610 0.1774 0.2028 -0.0652 0.0024  0.0434  1003 DC  A N3    
54  C  C4    . DC  A 3  ? 0.2708 0.2138 0.2163 -0.0478 -0.0307 0.0356  1003 DC  A C4    
55  N  N4    . DC  A 3  ? 0.3430 0.1915 0.2141 -0.0445 -0.0633 0.0803  1003 DC  A N4    
56  C  C5    . DC  A 3  ? 0.2752 0.2389 0.2306 -0.0040 -0.0350 0.0355  1003 DC  A C5    
57  C  C6    . DC  A 3  ? 0.2633 0.2008 0.2260 -0.0152 -0.0262 0.0218  1003 DC  A C6    
58  P  P     . DG  A 4  ? 0.3695 0.3057 0.3638 -0.1146 0.0620  -0.0726 1004 DG  A P     
59  O  OP1   . DG  A 4  ? 0.4664 0.5922 0.3304 -0.2756 0.0532  -0.0936 1004 DG  A OP1   
60  O  OP2   . DG  A 4  ? 0.4559 0.2413 0.6512 -0.0939 0.1610  -0.0617 1004 DG  A OP2   
61  O  "O5'" . DG  A 4  ? 0.4290 0.2452 0.3088 -0.0778 0.0541  -0.0045 1004 DG  A "O5'" 
62  C  "C5'" . DG  A 4  ? 0.4441 0.2717 0.2589 -0.0596 0.0675  0.0067  1004 DG  A "C5'" 
63  C  "C4'" . DG  A 4  ? 0.4803 0.2535 0.2508 -0.0755 0.0707  0.0096  1004 DG  A "C4'" 
64  O  "O4'" . DG  A 4  ? 0.5555 0.2322 0.2546 -0.1024 0.0455  0.0341  1004 DG  A "O4'" 
65  C  "C3'" . DG  A 4  ? 0.4865 0.2789 0.3144 -0.1121 0.0956  -0.0032 1004 DG  A "C3'" 
66  O  "O3'" . DG  A 4  ? 0.5007 0.3441 0.4048 -0.1227 0.1399  -0.0243 1004 DG  A "O3'" 
67  C  "C2'" . DG  A 4  ? 0.5529 0.2194 0.3070 -0.0898 0.0887  0.0212  1004 DG  A "C2'" 
68  C  "C1'" . DG  A 4  ? 0.5800 0.2274 0.2360 -0.0785 0.0716  0.0229  1004 DG  A "C1'" 
69  N  N9    . DG  A 4  ? 0.5708 0.1651 0.2158 -0.0575 0.0956  0.0305  1004 DG  A N9    
70  C  C8    . DG  A 4  ? 0.5853 0.1800 0.2110 -0.0513 0.1087  0.0463  1004 DG  A C8    
71  N  N7    . DG  A 4  ? 0.5801 0.1673 0.2283 -0.0374 0.1012  0.0353  1004 DG  A N7    
72  C  C5    . DG  A 4  ? 0.5472 0.1523 0.2143 -0.0394 0.1061  0.0476  1004 DG  A C5    
73  C  C6    . DG  A 4  ? 0.5133 0.1508 0.2137 -0.0364 0.1014  0.0564  1004 DG  A C6    
74  O  O6    . DG  A 4  ? 0.5075 0.1640 0.2746 -0.0264 0.1065  0.0618  1004 DG  A O6    
75  N  N1    . DG  A 4  ? 0.4975 0.1388 0.2024 -0.0437 0.0851  0.0510  1004 DG  A N1    
76  C  C2    . DG  A 4  ? 0.4890 0.1753 0.1854 -0.0517 0.0878  0.0531  1004 DG  A C2    
77  N  N2    . DG  A 4  ? 0.4665 0.1623 0.1967 -0.0480 0.0433  0.0336  1004 DG  A N2    
78  N  N3    . DG  A 4  ? 0.5087 0.1561 0.1854 -0.0667 0.0868  0.0497  1004 DG  A N3    
79  C  C4    . DG  A 4  ? 0.5399 0.1665 0.2192 -0.0610 0.0884  0.0360  1004 DG  A C4    
80  P  P     . DA  A 5  ? 0.4123 0.3294 0.4158 -0.1218 0.0573  -0.0412 1005 DA  A P     
81  O  OP1   . DA  A 5  ? 0.5457 0.5337 0.4719 -0.1452 -0.0686 -0.0285 1005 DA  A OP1   
82  O  OP2   . DA  A 5  ? 0.4771 0.2923 0.5354 -0.1284 0.1012  -0.0964 1005 DA  A OP2   
83  O  "O5'" . DA  A 5  ? 0.3083 0.2848 0.3867 -0.0714 0.0617  0.0193  1005 DA  A "O5'" 
84  C  "C5'" . DA  A 5  ? 0.2998 0.2823 0.2706 -0.0478 0.0228  0.0755  1005 DA  A "C5'" 
85  C  "C4'" . DA  A 5  ? 0.2698 0.2644 0.2622 -0.0104 0.0109  0.0941  1005 DA  A "C4'" 
86  O  "O4'" . DA  A 5  ? 0.2803 0.2459 0.2842 -0.0207 0.0017  0.1179  1005 DA  A "O4'" 
87  C  "C3'" . DA  A 5  ? 0.2535 0.2773 0.2729 0.0067  0.0254  0.0967  1005 DA  A "C3'" 
88  O  "O3'" . DA  A 5  ? 0.2759 0.2514 0.2595 0.0039  0.0153  0.1000  1005 DA  A "O3'" 
89  C  "C2'" . DA  A 5  ? 0.2597 0.2085 0.2674 -0.0269 -0.0009 0.0727  1005 DA  A "C2'" 
90  C  "C1'" . DA  A 5  ? 0.2657 0.2143 0.2695 -0.0320 0.0042  0.0956  1005 DA  A "C1'" 
91  N  N9    . DA  A 5  ? 0.2664 0.2258 0.2308 -0.0245 -0.0044 0.0741  1005 DA  A N9    
92  C  C8    . DA  A 5  ? 0.2963 0.2220 0.2241 0.0041  -0.0366 0.0798  1005 DA  A C8    
93  N  N7    . DA  A 5  ? 0.2703 0.1862 0.2269 -0.0319 -0.0139 0.0758  1005 DA  A N7    
94  C  C5    . DA  A 5  ? 0.2671 0.1665 0.2041 -0.0433 0.0005  0.0889  1005 DA  A C5    
95  C  C6    . DA  A 5  ? 0.2565 0.1645 0.2216 -0.0494 0.0061  0.0802  1005 DA  A C6    
96  N  N6    . DA  A 5  ? 0.2702 0.1541 0.2494 -0.0492 0.0277  0.0955  1005 DA  A N6    
97  N  N1    . DA  A 5  ? 0.2412 0.1480 0.2511 -0.0757 0.0076  0.0738  1005 DA  A N1    
98  C  C2    . DA  A 5  ? 0.2622 0.1559 0.2349 -0.0548 0.0157  0.0808  1005 DA  A C2    
99  N  N3    . DA  A 5  ? 0.2679 0.1633 0.2298 -0.0399 0.0112  0.0856  1005 DA  A N3    
100 C  C4    . DA  A 5  ? 0.2663 0.1774 0.2338 -0.0397 0.0007  0.0795  1005 DA  A C4    
101 P  P     . DA  A 6  ? 0.2586 0.2360 0.2660 0.0091  0.0265  0.0789  1006 DA  A P     
102 O  OP1   . DA  A 6  ? 0.2891 0.2729 0.2890 0.0341  0.0137  0.0454  1006 DA  A OP1   
103 O  OP2   . DA  A 6  ? 0.3114 0.2543 0.2415 -0.0305 0.0424  0.0453  1006 DA  A OP2   
104 O  "O5'" . DA  A 6  ? 0.2530 0.2516 0.2505 -0.0230 0.0297  0.0887  1006 DA  A "O5'" 
105 C  "C5'" . DA  A 6  ? 0.2166 0.2274 0.2909 0.0234  0.0060  0.0892  1006 DA  A "C5'" 
106 C  "C4'" . DA  A 6  ? 0.2126 0.1699 0.2561 0.0351  0.0313  0.0789  1006 DA  A "C4'" 
107 O  "O4'" . DA  A 6  ? 0.2197 0.1435 0.2590 0.0326  0.0315  0.0729  1006 DA  A "O4'" 
108 C  "C3'" . DA  A 6  ? 0.2302 0.1383 0.2526 0.0142  0.0372  0.0497  1006 DA  A "C3'" 
109 O  "O3'" . DA  A 6  ? 0.2330 0.1574 0.2492 0.0197  0.0196  0.0543  1006 DA  A "O3'" 
110 C  "C2'" . DA  A 6  ? 0.2138 0.1705 0.2174 0.0310  0.0295  0.0712  1006 DA  A "C2'" 
111 C  "C1'" . DA  A 6  ? 0.2134 0.1514 0.1959 0.0235  0.0178  0.0641  1006 DA  A "C1'" 
112 N  N9    . DA  A 6  ? 0.2072 0.1367 0.2112 0.0171  0.0169  0.0604  1006 DA  A N9    
113 C  C8    . DA  A 6  ? 0.2213 0.1380 0.2184 0.0082  0.0101  0.0541  1006 DA  A C8    
114 N  N7    . DA  A 6  ? 0.2308 0.1425 0.2031 0.0026  0.0242  0.0626  1006 DA  A N7    
115 C  C5    . DA  A 6  ? 0.2159 0.1109 0.2102 0.0041  0.0341  0.0633  1006 DA  A C5    
116 C  C6    . DA  A 6  ? 0.2148 0.1123 0.1980 -0.0106 0.0462  0.0481  1006 DA  A C6    
117 N  N6    . DA  A 6  ? 0.2429 0.1103 0.2110 0.0099  0.0477  0.0462  1006 DA  A N6    
118 N  N1    . DA  A 6  ? 0.2074 0.1063 0.2062 -0.0057 0.0460  0.0503  1006 DA  A N1    
119 C  C2    . DA  A 6  ? 0.1912 0.1312 0.2050 -0.0088 0.0494  0.0397  1006 DA  A C2    
120 N  N3    . DA  A 6  ? 0.2016 0.1386 0.2310 0.0147  0.0223  0.0437  1006 DA  A N3    
121 C  C4    . DA  A 6  ? 0.1962 0.1277 0.1958 -0.0041 0.0404  0.0679  1006 DA  A C4    
122 P  P     . DT  A 7  ? 0.2209 0.1762 0.2514 0.0412  0.0305  0.0593  1007 DT  A P     
123 O  OP1   . DT  A 7  ? 0.2790 0.2062 0.2671 0.0692  0.0310  0.0411  1007 DT  A OP1   
124 O  OP2   . DT  A 7  ? 0.2221 0.1896 0.2699 0.0226  0.0181  0.0787  1007 DT  A OP2   
125 O  "O5'" . DT  A 7  ? 0.2251 0.1533 0.2475 0.0308  0.0254  0.0564  1007 DT  A "O5'" 
126 C  "C5'" . DT  A 7  ? 0.2312 0.1530 0.2547 0.0458  0.0039  0.0206  1007 DT  A "C5'" 
127 C  "C4'" . DT  A 7  ? 0.2214 0.1595 0.2397 0.0519  0.0350  0.0252  1007 DT  A "C4'" 
128 O  "O4'" . DT  A 7  ? 0.2334 0.1551 0.2158 0.0362  0.0336  0.0416  1007 DT  A "O4'" 
129 C  "C3'" . DT  A 7  ? 0.2187 0.1785 0.2093 0.0580  0.0129  0.0184  1007 DT  A "C3'" 
130 O  "O3'" . DT  A 7  ? 0.2683 0.2290 0.2211 0.0726  0.0094  -0.0155 1007 DT  A "O3'" 
131 C  "C2'" . DT  A 7  ? 0.2254 0.1695 0.1860 0.0543  0.0267  0.0341  1007 DT  A "C2'" 
132 C  "C1'" . DT  A 7  ? 0.2097 0.1460 0.2205 0.0253  0.0342  0.0270  1007 DT  A "C1'" 
133 N  N1    . DT  A 7  ? 0.1862 0.1530 0.2019 0.0196  0.0323  0.0302  1007 DT  A N1    
134 C  C2    . DT  A 7  ? 0.1880 0.1319 0.2357 -0.0031 0.0564  0.0337  1007 DT  A C2    
135 O  O2    . DT  A 7  ? 0.1843 0.1265 0.2715 0.0094  0.0333  0.0309  1007 DT  A O2    
136 N  N3    . DT  A 7  ? 0.1910 0.1129 0.2136 0.0165  0.0511  0.0562  1007 DT  A N3    
137 C  C4    . DT  A 7  ? 0.2056 0.1140 0.2421 0.0113  0.0273  0.0588  1007 DT  A C4    
138 O  O4    . DT  A 7  ? 0.1767 0.1362 0.2379 -0.0040 0.0410  0.0644  1007 DT  A O4    
139 C  C5    . DT  A 7  ? 0.1927 0.1212 0.2205 -0.0070 0.0311  0.0541  1007 DT  A C5    
140 C  C7    . DT  A 7  ? 0.2028 0.1546 0.2167 0.0176  0.0231  0.0309  1007 DT  A C7    
141 C  C6    . DT  A 7  ? 0.2078 0.1397 0.2034 0.0074  0.0126  0.0620  1007 DT  A C6    
142 P  P     . DT  A 8  ? 0.2781 0.3131 0.2264 0.0638  -0.0074 0.0156  1008 DT  A P     
143 O  OP1   . DT  A 8  ? 0.2853 0.4467 0.2267 0.0682  0.0074  -0.0488 1008 DT  A OP1   
144 O  OP2   . DT  A 8  ? 0.2734 0.3617 0.2800 0.0516  0.0198  0.0627  1008 DT  A OP2   
145 O  "O5'" . DT  A 8  ? 0.2592 0.2578 0.2604 0.0313  -0.0142 0.0407  1008 DT  A "O5'" 
146 C  "C5'" . DT  A 8  ? 0.2605 0.2203 0.2763 0.0370  -0.0008 -0.0031 1008 DT  A "C5'" 
147 C  "C4'" . DT  A 8  ? 0.2685 0.1924 0.2267 0.0271  -0.0184 -0.0084 1008 DT  A "C4'" 
148 O  "O4'" . DT  A 8  ? 0.2558 0.1613 0.2289 -0.0201 -0.0279 0.0152  1008 DT  A "O4'" 
149 C  "C3'" . DT  A 8  ? 0.2632 0.2316 0.2267 0.0191  -0.0395 0.0083  1008 DT  A "C3'" 
150 O  "O3'" . DT  A 8  ? 0.2662 0.2545 0.2888 0.0562  -0.0600 -0.0080 1008 DT  A "O3'" 
151 C  "C2'" . DT  A 8  ? 0.2694 0.2053 0.2118 0.0125  -0.0124 0.0299  1008 DT  A "C2'" 
152 C  "C1'" . DT  A 8  ? 0.2130 0.1637 0.2259 -0.0279 0.0105  0.0199  1008 DT  A "C1'" 
153 N  N1    . DT  A 8  ? 0.1647 0.1546 0.2108 -0.0131 0.0157  0.0235  1008 DT  A N1    
154 C  C2    . DT  A 8  ? 0.1440 0.1353 0.2322 -0.0018 0.0026  0.0247  1008 DT  A C2    
155 O  O2    . DT  A 8  ? 0.1441 0.1679 0.2643 0.0093  -0.0076 0.0176  1008 DT  A O2    
156 N  N3    . DT  A 8  ? 0.1474 0.1147 0.2111 0.0053  0.0011  0.0400  1008 DT  A N3    
157 C  C4    . DT  A 8  ? 0.1473 0.1095 0.2060 -0.0097 0.0079  0.0437  1008 DT  A C4    
158 O  O4    . DT  A 8  ? 0.1517 0.1088 0.2293 -0.0016 -0.0004 0.0281  1008 DT  A O4    
159 C  C5    . DT  A 8  ? 0.1570 0.1254 0.2265 0.0129  0.0122  0.0278  1008 DT  A C5    
160 C  C7    . DT  A 8  ? 0.1647 0.1736 0.2275 -0.0032 0.0243  0.0222  1008 DT  A C7    
161 C  C6    . DT  A 8  ? 0.1696 0.1576 0.2167 -0.0043 0.0278  0.0239  1008 DT  A C6    
162 P  P     . DC  A 9  ? 0.2704 0.3006 0.2701 0.0602  -0.0457 0.0143  1009 DC  A P     
163 O  OP1   . DC  A 9  ? 0.3385 0.3276 0.3214 0.0631  -0.1051 -0.0226 1009 DC  A OP1   
164 O  OP2   . DC  A 9  ? 0.2725 0.4133 0.2441 0.0625  -0.0271 0.0654  1009 DC  A OP2   
165 O  "O5'" . DC  A 9  ? 0.2395 0.2219 0.2685 0.0380  -0.0354 0.0446  1009 DC  A "O5'" 
166 C  "C5'" . DC  A 9  ? 0.2200 0.1725 0.3184 -0.0086 -0.0336 -0.0010 1009 DC  A "C5'" 
167 C  "C4'" . DC  A 9  ? 0.1982 0.1744 0.2852 -0.0098 -0.0440 0.0072  1009 DC  A "C4'" 
168 O  "O4'" . DC  A 9  ? 0.1848 0.1728 0.2609 -0.0143 -0.0326 0.0285  1009 DC  A "O4'" 
169 C  "C3'" . DC  A 9  ? 0.2019 0.1931 0.3279 0.0065  -0.0775 0.0083  1009 DC  A "C3'" 
170 O  "O3'" . DC  A 9  ? 0.1937 0.2301 0.4282 0.0064  -0.0711 0.0049  1009 DC  A "O3'" 
171 C  "C2'" . DC  A 9  ? 0.2035 0.1861 0.2766 -0.0077 -0.0627 0.0362  1009 DC  A "C2'" 
172 C  "C1'" . DC  A 9  ? 0.1660 0.1686 0.2489 -0.0221 -0.0161 0.0346  1009 DC  A "C1'" 
173 N  N1    . DC  A 9  ? 0.1470 0.1593 0.2339 0.0091  -0.0190 0.0243  1009 DC  A N1    
174 C  C2    . DC  A 9  ? 0.1473 0.1491 0.2336 0.0207  -0.0220 0.0294  1009 DC  A C2    
175 O  O2    . DC  A 9  ? 0.1652 0.1568 0.2685 0.0238  -0.0146 0.0072  1009 DC  A O2    
176 N  N3    . DC  A 9  ? 0.1532 0.1291 0.2354 0.0079  -0.0095 0.0218  1009 DC  A N3    
177 C  C4    . DC  A 9  ? 0.1468 0.1204 0.2246 0.0038  -0.0070 0.0447  1009 DC  A C4    
178 N  N4    . DC  A 9  ? 0.1435 0.1199 0.2344 -0.0171 -0.0112 0.0667  1009 DC  A N4    
179 C  C5    . DC  A 9  ? 0.1572 0.1943 0.2026 0.0424  -0.0202 0.0349  1009 DC  A C5    
180 C  C6    . DC  A 9  ? 0.1567 0.1658 0.2201 0.0408  -0.0278 0.0418  1009 DC  A C6    
181 P  P     . DG  A 10 ? 0.2060 0.2448 0.4866 0.0143  -0.1205 -0.0306 1010 DG  A P     
182 O  OP1   . DG  A 10 ? 0.1948 0.2944 0.5960 -0.0134 -0.1278 -0.0292 1010 DG  A OP1   
183 O  OP2   . DG  A 10 ? 0.3825 0.2334 0.4627 0.0411  -0.1407 0.0112  1010 DG  A OP2   
184 O  "O5'" . DG  A 10 ? 0.2088 0.2335 0.4958 0.0189  -0.1192 -0.0041 1010 DG  A "O5'" 
185 C  "C5'" . DG  A 10 ? 0.1815 0.2106 0.4981 -0.0028 -0.1276 -0.0133 1010 DG  A "C5'" 
186 C  "C4'" . DG  A 10 ? 0.1656 0.2242 0.4839 -0.0187 -0.0890 0.0127  1010 DG  A "C4'" 
187 O  "O4'" . DG  A 10 ? 0.1618 0.2074 0.4032 -0.0104 -0.0656 0.0294  1010 DG  A "O4'" 
188 C  "C3'" . DG  A 10 ? 0.1995 0.2084 0.4943 0.0338  -0.1054 0.0057  1010 DG  A "C3'" 
189 O  "O3'" . DG  A 10 ? 0.2108 0.2126 0.5633 0.0291  -0.1087 -0.0355 1010 DG  A "O3'" 
190 C  "C2'" . DG  A 10 ? 0.2069 0.2059 0.4010 0.0220  -0.1139 0.0165  1010 DG  A "C2'" 
191 C  "C1'" . DG  A 10 ? 0.1832 0.1724 0.3568 0.0026  -0.0741 0.0212  1010 DG  A "C1'" 
192 N  N9    . DG  A 10 ? 0.1878 0.1690 0.2697 0.0001  -0.0636 0.0291  1010 DG  A N9    
193 C  C8    . DG  A 10 ? 0.2138 0.1686 0.2749 -0.0109 -0.0564 0.0221  1010 DG  A C8    
194 N  N7    . DG  A 10 ? 0.2057 0.1679 0.2668 -0.0097 -0.0346 0.0197  1010 DG  A N7    
195 C  C5    . DG  A 10 ? 0.1788 0.1294 0.2475 -0.0212 -0.0308 0.0389  1010 DG  A C5    
196 C  C6    . DG  A 10 ? 0.1686 0.1429 0.2577 -0.0148 -0.0251 0.0440  1010 DG  A C6    
197 O  O6    . DG  A 10 ? 0.1732 0.1879 0.2290 -0.0106 -0.0228 0.0594  1010 DG  A O6    
198 N  N1    . DG  A 10 ? 0.1465 0.1110 0.2577 -0.0082 -0.0570 0.0445  1010 DG  A N1    
199 C  C2    . DG  A 10 ? 0.1645 0.1285 0.2498 0.0053  -0.0476 0.0487  1010 DG  A C2    
200 N  N2    . DG  A 10 ? 0.1540 0.1390 0.2524 -0.0140 -0.0357 0.0417  1010 DG  A N2    
201 N  N3    . DG  A 10 ? 0.1562 0.1279 0.2722 0.0053  -0.0502 0.0308  1010 DG  A N3    
202 C  C4    . DG  A 10 ? 0.1791 0.1384 0.2662 -0.0063 -0.0519 0.0342  1010 DG  A C4    
203 P  P     . DC  A 11 ? 0.2219 0.2219 0.5925 0.0394  -0.1228 -0.0316 1011 DC  A P     
204 O  OP1   . DC  A 11 ? 0.2272 0.2611 0.7619 0.0029  -0.0715 -0.0696 1011 DC  A OP1   
205 O  OP2   . DC  A 11 ? 0.3719 0.2359 0.5836 0.1136  -0.1181 -0.0337 1011 DC  A OP2   
206 O  "O5'" . DC  A 11 ? 0.2241 0.2435 0.5769 0.0440  -0.0837 -0.0355 1011 DC  A "O5'" 
207 C  "C5'" . DC  A 11 ? 0.2050 0.2320 0.5812 0.0142  -0.0391 -0.0254 1011 DC  A "C5'" 
208 C  "C4'" . DC  A 11 ? 0.1639 0.2100 0.5152 -0.0038 -0.0035 0.0221  1011 DC  A "C4'" 
209 O  "O4'" . DC  A 11 ? 0.1816 0.2052 0.4786 -0.0053 0.0264  0.0635  1011 DC  A "O4'" 
210 C  "C3'" . DC  A 11 ? 0.1935 0.2068 0.4720 0.0011  -0.0098 0.0313  1011 DC  A "C3'" 
211 O  "O3'" . DC  A 11 ? 0.2628 0.2658 0.4867 0.0040  0.0009  -0.0047 1011 DC  A "O3'" 
212 C  "C2'" . DC  A 11 ? 0.1775 0.2218 0.4738 0.0126  -0.0345 0.0727  1011 DC  A "C2'" 
213 C  "C1'" . DC  A 11 ? 0.1787 0.1918 0.4147 0.0016  -0.0134 0.0929  1011 DC  A "C1'" 
214 N  N1    . DC  A 11 ? 0.1711 0.1850 0.3794 -0.0267 -0.0400 0.0532  1011 DC  A N1    
215 C  C2    . DC  A 11 ? 0.1773 0.1401 0.3359 0.0130  -0.0360 0.0549  1011 DC  A C2    
216 O  O2    . DC  A 11 ? 0.1718 0.1768 0.3310 0.0005  -0.0246 0.0470  1011 DC  A O2    
217 N  N3    . DC  A 11 ? 0.1818 0.1439 0.3267 -0.0024 -0.0410 0.0447  1011 DC  A N3    
218 C  C4    . DC  A 11 ? 0.1862 0.1615 0.3179 -0.0089 -0.0466 0.0535  1011 DC  A C4    
219 N  N4    . DC  A 11 ? 0.2377 0.1382 0.3480 -0.0025 -0.0113 0.0411  1011 DC  A N4    
220 C  C5    . DC  A 11 ? 0.1911 0.1744 0.3723 -0.0223 -0.0628 0.0442  1011 DC  A C5    
221 C  C6    . DC  A 11 ? 0.1778 0.1637 0.4156 -0.0218 -0.0616 0.0143  1011 DC  A C6    
222 P  P     . DG  A 12 ? 0.3298 0.2988 0.5651 0.0242  -0.0225 -0.0681 1012 DG  A P     
223 O  OP1   . DG  A 12 ? 0.3772 0.3938 0.5887 -0.0236 0.0233  -0.1315 1012 DG  A OP1   
224 O  OP2   . DG  A 12 ? 0.3677 0.2984 0.6506 0.0981  -0.0922 -0.1469 1012 DG  A OP2   
225 O  "O5'" . DG  A 12 ? 0.3632 0.2681 0.5334 0.0083  -0.0583 -0.0476 1012 DG  A "O5'" 
226 C  "C5'" . DG  A 12 ? 0.3531 0.2025 0.4862 0.0156  -0.0395 0.0065  1012 DG  A "C5'" 
227 C  "C4'" . DG  A 12 ? 0.2971 0.2061 0.3374 0.0506  -0.0178 0.0401  1012 DG  A "C4'" 
228 O  "O4'" . DG  A 12 ? 0.3929 0.2529 0.2755 0.1159  -0.0221 0.0482  1012 DG  A "O4'" 
229 C  "C3'" . DG  A 12 ? 0.2719 0.2107 0.2856 0.0438  -0.0509 0.0170  1012 DG  A "C3'" 
230 O  "O3'" . DG  A 12 ? 0.3180 0.2424 0.3360 0.0680  -0.0657 -0.0351 1012 DG  A "O3'" 
231 C  "C2'" . DG  A 12 ? 0.2820 0.1998 0.3080 0.0576  -0.0235 0.0157  1012 DG  A "C2'" 
232 C  "C1'" . DG  A 12 ? 0.3161 0.1813 0.2714 0.0720  -0.0450 0.0041  1012 DG  A "C1'" 
233 N  N9    . DG  A 12 ? 0.2780 0.1344 0.2686 0.0065  -0.0346 0.0102  1012 DG  A N9    
234 C  C8    . DG  A 12 ? 0.2826 0.1633 0.2833 -0.0063 -0.0415 0.0186  1012 DG  A C8    
235 N  N7    . DG  A 12 ? 0.3047 0.1688 0.2598 -0.0300 -0.0432 0.0198  1012 DG  A N7    
236 C  C5    . DG  A 12 ? 0.2996 0.1401 0.2424 -0.0247 -0.0225 0.0167  1012 DG  A C5    
237 C  C6    . DG  A 12 ? 0.3199 0.1179 0.2427 -0.0026 -0.0323 0.0157  1012 DG  A C6    
238 O  O6    . DG  A 12 ? 0.3363 0.1770 0.2331 -0.0284 -0.0073 0.0105  1012 DG  A O6    
239 N  N1    . DG  A 12 ? 0.3083 0.1247 0.2180 -0.0072 -0.0034 0.0249  1012 DG  A N1    
240 C  C2    . DG  A 12 ? 0.2863 0.1271 0.2269 0.0221  -0.0200 0.0128  1012 DG  A C2    
241 N  N2    . DG  A 12 ? 0.2817 0.1840 0.2618 0.0279  -0.0156 -0.0013 1012 DG  A N2    
242 N  N3    . DG  A 12 ? 0.2787 0.1263 0.2479 0.0233  -0.0280 0.0005  1012 DG  A N3    
243 C  C4    . DG  A 12 ? 0.2835 0.1209 0.2385 0.0157  -0.0410 0.0242  1012 DG  A C4    
244 O  "O5'" . DC  B 1  ? 0.4451 0.4243 0.4236 0.0159  0.0971  -0.0734 2001 DC  B "O5'" 
245 C  "C5'" . DC  B 1  ? 0.3611 0.4026 0.2999 0.0204  0.0400  0.0124  2001 DC  B "C5'" 
246 C  "C4'" . DC  B 1  ? 0.3124 0.3486 0.2825 0.0004  0.0362  0.0486  2001 DC  B "C4'" 
247 O  "O4'" . DC  B 1  ? 0.3019 0.3010 0.2706 0.0042  0.0050  0.0546  2001 DC  B "O4'" 
248 C  "C3'" . DC  B 1  ? 0.2834 0.3289 0.3336 0.0165  0.0099  0.0352  2001 DC  B "C3'" 
249 O  "O3'" . DC  B 1  ? 0.3103 0.3548 0.3265 -0.0131 0.0005  0.0506  2001 DC  B "O3'" 
250 C  "C2'" . DC  B 1  ? 0.3025 0.2631 0.3224 0.0163  0.0095  0.0324  2001 DC  B "C2'" 
251 C  "C1'" . DC  B 1  ? 0.2818 0.2446 0.2600 -0.0021 0.0079  0.0204  2001 DC  B "C1'" 
252 N  N1    . DC  B 1  ? 0.2992 0.2540 0.2441 -0.0025 -0.0124 -0.0018 2001 DC  B N1    
253 C  C2    . DC  B 1  ? 0.2840 0.1971 0.2636 -0.0139 -0.0094 0.0255  2001 DC  B C2    
254 O  O2    . DC  B 1  ? 0.2626 0.1933 0.2738 0.0184  -0.0117 0.0251  2001 DC  B O2    
255 N  N3    . DC  B 1  ? 0.2922 0.2099 0.2478 0.0031  -0.0262 0.0422  2001 DC  B N3    
256 C  C4    . DC  B 1  ? 0.3151 0.2246 0.2441 -0.0158 -0.0380 0.0428  2001 DC  B C4    
257 N  N4    . DC  B 1  ? 0.3223 0.2978 0.2473 -0.0076 -0.0863 0.0892  2001 DC  B N4    
258 C  C5    . DC  B 1  ? 0.3352 0.2615 0.2355 -0.0386 -0.0114 0.0153  2001 DC  B C5    
259 C  C6    . DC  B 1  ? 0.3298 0.3046 0.2284 -0.0235 -0.0007 0.0032  2001 DC  B C6    
260 P  P     . DG  B 2  ? 0.2662 0.3562 0.3642 -0.0056 -0.0007 0.0419  2002 DG  B P     
261 O  OP1   . DG  B 2  ? 0.3011 0.4184 0.4484 -0.0643 -0.0312 0.0810  2002 DG  B OP1   
262 O  OP2   . DG  B 2  ? 0.3307 0.3324 0.4731 -0.0076 0.1232  0.0376  2002 DG  B OP2   
263 O  "O5'" . DG  B 2  ? 0.3076 0.3155 0.3038 -0.0328 -0.0082 0.0184  2002 DG  B "O5'" 
264 C  "C5'" . DG  B 2  ? 0.2847 0.2368 0.3065 -0.0893 -0.0164 0.0313  2002 DG  B "C5'" 
265 C  "C4'" . DG  B 2  ? 0.2249 0.1910 0.2767 -0.0477 -0.0549 0.0441  2002 DG  B "C4'" 
266 O  "O4'" . DG  B 2  ? 0.2612 0.1673 0.2681 -0.0456 -0.0757 0.0356  2002 DG  B "O4'" 
267 C  "C3'" . DG  B 2  ? 0.2059 0.2073 0.2987 -0.0331 -0.0516 0.0548  2002 DG  B "C3'" 
268 O  "O3'" . DG  B 2  ? 0.2121 0.1947 0.3087 -0.0323 -0.1030 0.0599  2002 DG  B "O3'" 
269 C  "C2'" . DG  B 2  ? 0.2073 0.1466 0.2780 -0.0007 -0.0448 0.0178  2002 DG  B "C2'" 
270 C  "C1'" . DG  B 2  ? 0.1956 0.1813 0.2383 -0.0133 -0.0389 0.0262  2002 DG  B "C1'" 
271 N  N9    . DG  B 2  ? 0.1756 0.1556 0.2701 -0.0099 -0.0251 0.0091  2002 DG  B N9    
272 C  C8    . DG  B 2  ? 0.1838 0.1797 0.2437 0.0047  -0.0311 0.0153  2002 DG  B C8    
273 N  N7    . DG  B 2  ? 0.1802 0.1763 0.2463 0.0057  -0.0317 0.0213  2002 DG  B N7    
274 C  C5    . DG  B 2  ? 0.1816 0.1227 0.2510 -0.0039 -0.0315 0.0299  2002 DG  B C5    
275 C  C6    . DG  B 2  ? 0.1869 0.1060 0.2471 0.0016  -0.0464 0.0498  2002 DG  B C6    
276 O  O6    . DG  B 2  ? 0.2093 0.1549 0.2502 -0.0402 -0.0389 0.0427  2002 DG  B O6    
277 N  N1    . DG  B 2  ? 0.1732 0.1404 0.2448 -0.0053 -0.0446 0.0531  2002 DG  B N1    
278 C  C2    . DG  B 2  ? 0.1772 0.1221 0.2480 0.0096  -0.0567 0.0421  2002 DG  B C2    
279 N  N2    . DG  B 2  ? 0.1678 0.1263 0.2723 0.0031  -0.0472 0.0515  2002 DG  B N2    
280 N  N3    . DG  B 2  ? 0.1746 0.1135 0.2518 0.0070  -0.0396 0.0344  2002 DG  B N3    
281 C  C4    . DG  B 2  ? 0.1821 0.1100 0.2547 0.0042  -0.0380 0.0322  2002 DG  B C4    
282 P  P     . DC  B 3  ? 0.1937 0.1852 0.3093 -0.0144 -0.0766 0.0496  2003 DC  B P     
283 O  OP1   . DC  B 3  ? 0.2811 0.2348 0.3239 -0.1035 -0.1231 0.0901  2003 DC  B OP1   
284 O  OP2   . DC  B 3  ? 0.2154 0.2013 0.4353 0.0222  -0.0357 0.0709  2003 DC  B OP2   
285 O  "O5'" . DC  B 3  ? 0.1991 0.1566 0.3283 -0.0101 -0.0706 0.0397  2003 DC  B "O5'" 
286 C  "C5'" . DC  B 3  ? 0.1965 0.1438 0.3279 -0.0241 -0.0700 0.0255  2003 DC  B "C5'" 
287 C  "C4'" . DC  B 3  ? 0.2030 0.1480 0.2780 -0.0262 -0.0541 0.0434  2003 DC  B "C4'" 
288 O  "O4'" . DC  B 3  ? 0.1840 0.1263 0.2768 -0.0195 -0.0435 0.0323  2003 DC  B "O4'" 
289 C  "C3'" . DC  B 3  ? 0.2514 0.1504 0.2624 -0.0531 -0.0384 0.0187  2003 DC  B "C3'" 
290 O  "O3'" . DC  B 3  ? 0.2682 0.1722 0.2616 -0.0308 -0.0455 0.0234  2003 DC  B "O3'" 
291 C  "C2'" . DC  B 3  ? 0.2218 0.1882 0.2520 -0.0492 -0.0224 0.0244  2003 DC  B "C2'" 
292 C  "C1'" . DC  B 3  ? 0.1968 0.1433 0.2552 -0.0342 -0.0071 0.0156  2003 DC  B "C1'" 
293 N  N1    . DC  B 3  ? 0.1693 0.1341 0.2567 -0.0032 -0.0265 0.0190  2003 DC  B N1    
294 C  C2    . DC  B 3  ? 0.1640 0.1085 0.2525 0.0086  -0.0228 0.0302  2003 DC  B C2    
295 O  O2    . DC  B 3  ? 0.1548 0.1294 0.3056 -0.0055 -0.0016 0.0096  2003 DC  B O2    
296 N  N3    . DC  B 3  ? 0.1390 0.1168 0.2388 -0.0086 -0.0144 0.0368  2003 DC  B N3    
297 C  C4    . DC  B 3  ? 0.1460 0.1102 0.2466 0.0074  -0.0261 0.0391  2003 DC  B C4    
298 N  N4    . DC  B 3  ? 0.2092 0.1318 0.2760 0.0399  -0.0271 0.0132  2003 DC  B N4    
299 C  C5    . DC  B 3  ? 0.1612 0.1336 0.2871 0.0216  -0.0513 0.0269  2003 DC  B C5    
300 C  C6    . DC  B 3  ? 0.1806 0.1562 0.2470 0.0156  -0.0416 0.0401  2003 DC  B C6    
301 P  P     . DG  B 4  ? 0.2878 0.2166 0.2570 -0.0152 -0.0409 0.0337  2004 DG  B P     
302 O  OP1   . DG  B 4  ? 0.3191 0.3055 0.2583 -0.0515 -0.0545 0.0258  2004 DG  B OP1   
303 O  OP2   . DG  B 4  ? 0.2986 0.2291 0.3005 0.0303  -0.0627 0.0755  2004 DG  B OP2   
304 O  "O5'" . DG  B 4  ? 0.2811 0.1558 0.2618 -0.0168 -0.0134 0.0157  2004 DG  B "O5'" 
305 C  "C5'" . DG  B 4  ? 0.2934 0.1607 0.2333 -0.0142 -0.0073 0.0191  2004 DG  B "C5'" 
306 C  "C4'" . DG  B 4  ? 0.2823 0.1344 0.2419 -0.0074 0.0247  0.0039  2004 DG  B "C4'" 
307 O  "O4'" . DG  B 4  ? 0.2678 0.1280 0.2408 0.0012  0.0048  0.0069  2004 DG  B "O4'" 
308 C  "C3'" . DG  B 4  ? 0.3189 0.1472 0.2489 -0.0130 0.0575  0.0002  2004 DG  B "C3'" 
309 O  "O3'" . DG  B 4  ? 0.3244 0.1915 0.2956 -0.0087 0.0808  0.0132  2004 DG  B "O3'" 
310 C  "C2'" . DG  B 4  ? 0.3175 0.1354 0.2307 -0.0058 0.0316  0.0129  2004 DG  B "C2'" 
311 C  "C1'" . DG  B 4  ? 0.2384 0.1267 0.2337 0.0034  0.0207  0.0112  2004 DG  B "C1'" 
312 N  N9    . DG  B 4  ? 0.2048 0.1268 0.2327 -0.0073 0.0173  0.0161  2004 DG  B N9    
313 C  C8    . DG  B 4  ? 0.2242 0.1503 0.2168 0.0188  -0.0036 0.0373  2004 DG  B C8    
314 N  N7    . DG  B 4  ? 0.1887 0.1393 0.2119 0.0191  -0.0083 0.0417  2004 DG  B N7    
315 C  C5    . DG  B 4  ? 0.1552 0.1050 0.2238 -0.0018 0.0113  0.0343  2004 DG  B C5    
316 C  C6    . DG  B 4  ? 0.1451 0.1107 0.2254 -0.0008 0.0050  0.0270  2004 DG  B C6    
317 O  O6    . DG  B 4  ? 0.1465 0.1133 0.2105 0.0012  -0.0026 0.0306  2004 DG  B O6    
318 N  N1    . DG  B 4  ? 0.1396 0.1116 0.2361 0.0022  0.0142  0.0360  2004 DG  B N1    
319 C  C2    . DG  B 4  ? 0.1391 0.1013 0.2598 -0.0182 0.0243  0.0138  2004 DG  B C2    
320 N  N2    . DG  B 4  ? 0.1433 0.1145 0.3152 -0.0174 0.0018  0.0228  2004 DG  B N2    
321 N  N3    . DG  B 4  ? 0.1506 0.1025 0.2611 -0.0042 0.0284  0.0152  2004 DG  B N3    
322 C  C4    . DG  B 4  ? 0.1787 0.1060 0.2359 0.0092  0.0152  0.0215  2004 DG  B C4    
323 P  P     . DA  B 5  ? 0.3292 0.1960 0.2933 -0.0073 0.1056  0.0133  2005 DA  B P     
324 O  OP1   . DA  B 5  ? 0.3703 0.2511 0.3249 -0.0070 0.1388  -0.0093 2005 DA  B OP1   
325 O  OP2   . DA  B 5  ? 0.3879 0.2200 0.3006 0.0003  0.0966  0.0503  2005 DA  B OP2   
326 O  "O5'" . DA  B 5  ? 0.3234 0.1634 0.3000 -0.0052 0.0995  0.0166  2005 DA  B "O5'" 
327 C  "C5'" . DA  B 5  ? 0.2913 0.1804 0.3347 0.0096  0.0835  0.0014  2005 DA  B "C5'" 
328 C  "C4'" . DA  B 5  ? 0.2357 0.1474 0.3709 0.0122  0.0883  -0.0055 2005 DA  B "C4'" 
329 O  "O4'" . DA  B 5  ? 0.2284 0.1404 0.3314 0.0095  0.0798  0.0175  2005 DA  B "O4'" 
330 C  "C3'" . DA  B 5  ? 0.2114 0.1655 0.4246 0.0301  0.1165  0.0103  2005 DA  B "C3'" 
331 O  "O3'" . DA  B 5  ? 0.2001 0.1868 0.4548 0.0176  0.1206  0.0076  2005 DA  B "O3'" 
332 C  "C2'" . DA  B 5  ? 0.2138 0.1539 0.3723 0.0231  0.1343  0.0210  2005 DA  B "C2'" 
333 C  "C1'" . DA  B 5  ? 0.1929 0.1431 0.3192 0.0196  0.0859  0.0342  2005 DA  B "C1'" 
334 N  N9    . DA  B 5  ? 0.1725 0.1468 0.2709 -0.0056 0.0638  0.0175  2005 DA  B N9    
335 C  C8    . DA  B 5  ? 0.1968 0.1406 0.2525 -0.0206 0.0627  0.0168  2005 DA  B C8    
336 N  N7    . DA  B 5  ? 0.1951 0.1355 0.2388 -0.0062 0.0433  0.0124  2005 DA  B N7    
337 C  C5    . DA  B 5  ? 0.1712 0.1020 0.2379 -0.0089 0.0359  0.0259  2005 DA  B C5    
338 C  C6    . DA  B 5  ? 0.1460 0.0817 0.2166 -0.0087 0.0234  0.0451  2005 DA  B C6    
339 N  N6    . DA  B 5  ? 0.1583 0.0989 0.2271 0.0038  0.0110  0.0430  2005 DA  B N6    
340 N  N1    . DA  B 5  ? 0.1354 0.1154 0.2247 -0.0146 0.0263  0.0320  2005 DA  B N1    
341 C  C2    . DA  B 5  ? 0.1389 0.1221 0.2328 -0.0046 0.0254  0.0341  2005 DA  B C2    
342 N  N3    . DA  B 5  ? 0.1431 0.1119 0.2787 -0.0171 0.0350  0.0080  2005 DA  B N3    
343 C  C4    . DA  B 5  ? 0.1548 0.1053 0.2774 -0.0106 0.0382  -0.0005 2005 DA  B C4    
344 P  P     . DA  B 6  ? 0.2103 0.2444 0.4678 -0.0081 0.1506  -0.0185 2006 DA  B P     
345 O  OP1   . DA  B 6  ? 0.1838 0.2952 0.6111 0.0222  0.1625  -0.0658 2006 DA  B OP1   
346 O  OP2   . DA  B 6  ? 0.3442 0.3894 0.4310 -0.1628 0.1700  -0.0342 2006 DA  B OP2   
347 O  "O5'" . DA  B 6  ? 0.1740 0.2151 0.4387 -0.0059 0.0990  -0.0072 2006 DA  B "O5'" 
348 C  "C5'" . DA  B 6  ? 0.1910 0.1888 0.4436 0.0184  0.0997  0.0066  2006 DA  B "C5'" 
349 C  "C4'" . DA  B 6  ? 0.1533 0.1842 0.4557 0.0025  0.0901  -0.0051 2006 DA  B "C4'" 
350 O  "O4'" . DA  B 6  ? 0.1681 0.1569 0.4033 0.0002  0.0536  0.0153  2006 DA  B "O4'" 
351 C  "C3'" . DA  B 6  ? 0.1843 0.1900 0.5145 -0.0195 0.0944  -0.0113 2006 DA  B "C3'" 
352 O  "O3'" . DA  B 6  ? 0.1827 0.2054 0.5963 -0.0048 0.0543  -0.0400 2006 DA  B "O3'" 
353 C  "C2'" . DA  B 6  ? 0.1950 0.1830 0.4517 -0.0213 0.1132  0.0102  2006 DA  B "C2'" 
354 C  "C1'" . DA  B 6  ? 0.1808 0.1532 0.3829 -0.0123 0.0821  0.0238  2006 DA  B "C1'" 
355 N  N9    . DA  B 6  ? 0.1998 0.1176 0.3363 -0.0007 0.0856  0.0192  2006 DA  B N9    
356 C  C8    . DA  B 6  ? 0.2212 0.1310 0.3345 -0.0171 0.1043  0.0155  2006 DA  B C8    
357 N  N7    . DA  B 6  ? 0.2377 0.1460 0.3033 0.0009  0.0927  0.0268  2006 DA  B N7    
358 C  C5    . DA  B 6  ? 0.2201 0.0921 0.2935 0.0021  0.0715  0.0279  2006 DA  B C5    
359 C  C6    . DA  B 6  ? 0.2150 0.0884 0.2661 0.0013  0.0582  0.0462  2006 DA  B C6    
360 N  N6    . DA  B 6  ? 0.2340 0.1076 0.2403 0.0052  0.0591  0.0597  2006 DA  B N6    
361 N  N1    . DA  B 6  ? 0.1821 0.0887 0.2697 -0.0040 0.0483  0.0417  2006 DA  B N1    
362 C  C2    . DA  B 6  ? 0.1697 0.1077 0.2811 0.0023  0.0455  0.0384  2006 DA  B C2    
363 N  N3    . DA  B 6  ? 0.1760 0.0975 0.3014 -0.0016 0.0524  0.0302  2006 DA  B N3    
364 C  C4    . DA  B 6  ? 0.1839 0.1132 0.3186 -0.0170 0.0791  0.0180  2006 DA  B C4    
365 P  P     . DT  B 7  ? 0.2112 0.2414 0.6458 -0.0499 0.0913  -0.0615 2007 DT  B P     
366 O  OP1   . DT  B 7  ? 0.1886 0.3470 0.7802 -0.0322 0.0362  -0.1371 2007 DT  B OP1   
367 O  OP2   . DT  B 7  ? 0.3053 0.3030 0.6778 -0.1207 0.1912  -0.0853 2007 DT  B OP2   
368 O  "O5'" . DT  B 7  ? 0.2271 0.1836 0.5574 -0.0420 0.0823  -0.0011 2007 DT  B "O5'" 
369 C  "C5'" . DT  B 7  ? 0.1733 0.1830 0.4936 -0.0087 0.0042  0.0099  2007 DT  B "C5'" 
370 C  "C4'" . DT  B 7  ? 0.1965 0.1787 0.3941 0.0033  -0.0209 0.0164  2007 DT  B "C4'" 
371 O  "O4'" . DT  B 7  ? 0.2164 0.1487 0.3520 -0.0040 -0.0151 0.0231  2007 DT  B "O4'" 
372 C  "C3'" . DT  B 7  ? 0.3057 0.1681 0.4170 -0.0073 -0.0908 -0.0178 2007 DT  B "C3'" 
373 O  "O3'" . DT  B 7  ? 0.3954 0.2586 0.4454 0.0512  -0.1600 -0.0774 2007 DT  B "O3'" 
374 C  "C2'" . DT  B 7  ? 0.2662 0.1480 0.3905 -0.0291 -0.0574 -0.0007 2007 DT  B "C2'" 
375 C  "C1'" . DT  B 7  ? 0.2500 0.1341 0.2964 -0.0156 -0.0129 0.0216  2007 DT  B "C1'" 
376 N  N1    . DT  B 7  ? 0.2181 0.1449 0.2871 -0.0219 0.0069  0.0083  2007 DT  B N1    
377 C  C2    . DT  B 7  ? 0.2139 0.1578 0.2648 -0.0277 0.0245  0.0440  2007 DT  B C2    
378 O  O2    . DT  B 7  ? 0.2282 0.1553 0.2516 0.0054  0.0046  0.0419  2007 DT  B O2    
379 N  N3    . DT  B 7  ? 0.2000 0.1195 0.2628 -0.0178 0.0334  0.0407  2007 DT  B N3    
380 C  C4    . DT  B 7  ? 0.2094 0.1429 0.2583 -0.0219 0.0395  0.0514  2007 DT  B C4    
381 O  O4    . DT  B 7  ? 0.2249 0.1308 0.2541 -0.0175 0.0327  0.0533  2007 DT  B O4    
382 C  C5    . DT  B 7  ? 0.1988 0.1410 0.2785 -0.0270 0.0436  0.0207  2007 DT  B C5    
383 C  C7    . DT  B 7  ? 0.2131 0.2441 0.2745 -0.0301 0.0481  0.0093  2007 DT  B C7    
384 C  C6    . DT  B 7  ? 0.2220 0.1214 0.2964 -0.0432 0.0312  0.0088  2007 DT  B C6    
385 P  P     . DT  B 8  ? 0.4359 0.2800 0.5138 0.0429  -0.1776 -0.1236 2008 DT  B P     
386 O  OP1   . DT  B 8  ? 0.5766 0.3583 0.5379 0.1020  -0.2574 -0.1666 2008 DT  B OP1   
387 O  OP2   . DT  B 8  ? 0.3885 0.3000 0.6426 0.0240  -0.1927 -0.0218 2008 DT  B OP2   
388 O  "O5'" . DT  B 8  ? 0.4180 0.2090 0.4836 0.0063  -0.1420 -0.0603 2008 DT  B "O5'" 
389 C  "C5'" . DT  B 8  ? 0.4332 0.1826 0.3977 0.0158  -0.1584 -0.0298 2008 DT  B "C5'" 
390 C  "C4'" . DT  B 8  ? 0.4169 0.1762 0.3376 0.0094  -0.1037 -0.0002 2008 DT  B "C4'" 
391 O  "O4'" . DT  B 8  ? 0.3353 0.1625 0.3185 -0.0149 -0.0662 0.0140  2008 DT  B "O4'" 
392 C  "C3'" . DT  B 8  ? 0.4083 0.1808 0.3335 0.0102  -0.0888 -0.0049 2008 DT  B "C3'" 
393 O  "O3'" . DT  B 8  ? 0.4847 0.2348 0.3086 0.0935  -0.0904 0.0081  2008 DT  B "O3'" 
394 C  "C2'" . DT  B 8  ? 0.3395 0.1550 0.3344 -0.0137 -0.0746 -0.0111 2008 DT  B "C2'" 
395 C  "C1'" . DT  B 8  ? 0.3135 0.1466 0.2922 -0.0318 -0.0220 0.0125  2008 DT  B "C1'" 
396 N  N1    . DT  B 8  ? 0.2773 0.1455 0.2980 -0.0783 0.0029  0.0054  2008 DT  B N1    
397 C  C2    . DT  B 8  ? 0.2705 0.1471 0.2692 -0.1043 0.0214  0.0301  2008 DT  B C2    
398 O  O2    . DT  B 8  ? 0.2812 0.1707 0.2462 -0.0682 0.0072  0.0289  2008 DT  B O2    
399 N  N3    . DT  B 8  ? 0.2775 0.1590 0.2438 -0.1031 0.0295  0.0580  2008 DT  B N3    
400 C  C4    . DT  B 8  ? 0.2787 0.1667 0.2474 -0.0907 0.0315  0.0656  2008 DT  B C4    
401 O  O4    . DT  B 8  ? 0.2902 0.1540 0.2700 -0.0759 0.0191  0.0522  2008 DT  B O4    
402 C  C5    . DT  B 8  ? 0.2897 0.1279 0.2937 -0.0619 0.0085  0.0327  2008 DT  B C5    
403 C  C7    . DT  B 8  ? 0.2745 0.2058 0.2915 -0.1205 0.0256  0.0187  2008 DT  B C7    
404 C  C6    . DT  B 8  ? 0.2883 0.1114 0.3166 -0.0563 -0.0104 0.0033  2008 DT  B C6    
405 P  P     . DC  B 9  ? 0.5508 0.2628 0.3379 0.0823  -0.0635 -0.0234 2009 DC  B P     
406 O  OP1   . DC  B 9  ? 0.6922 0.4466 0.3509 0.2259  -0.0086 -0.0262 2009 DC  B OP1   
407 O  OP2   . DC  B 9  ? 0.5389 0.2520 0.5621 0.0874  -0.1299 -0.0932 2009 DC  B OP2   
408 O  "O5'" . DC  B 9  ? 0.5137 0.1350 0.3691 0.0189  -0.0593 0.0094  2009 DC  B "O5'" 
409 C  "C5'" . DC  B 9  ? 0.4756 0.2086 0.2393 0.0203  0.0261  0.0548  2009 DC  B "C5'" 
410 C  "C4'" . DC  B 9  ? 0.4459 0.2185 0.2271 0.0222  0.0382  0.0395  2009 DC  B "C4'" 
411 O  "O4'" . DC  B 9  ? 0.3877 0.1948 0.2349 0.0170  0.0222  0.0399  2009 DC  B "O4'" 
412 C  "C3'" . DC  B 9  ? 0.5179 0.2022 0.2214 0.0588  0.0271  0.0432  2009 DC  B "C3'" 
413 O  "O3'" . DC  B 9  ? 0.5731 0.2658 0.2323 0.1104  0.0401  0.0352  2009 DC  B "O3'" 
414 C  "C2'" . DC  B 9  ? 0.4657 0.1909 0.2232 0.0312  0.0237  0.0353  2009 DC  B "C2'" 
415 C  "C1'" . DC  B 9  ? 0.3891 0.1849 0.2340 0.0185  0.0544  0.0414  2009 DC  B "C1'" 
416 N  N1    . DC  B 9  ? 0.3886 0.1997 0.2564 0.0175  0.0617  0.0330  2009 DC  B N1    
417 C  C2    . DC  B 9  ? 0.3854 0.2123 0.2388 -0.0124 0.0799  0.0400  2009 DC  B C2    
418 O  O2    . DC  B 9  ? 0.3919 0.2104 0.2410 -0.0125 0.0706  0.0480  2009 DC  B O2    
419 N  N3    . DC  B 9  ? 0.4013 0.1600 0.2370 -0.0089 0.0815  0.0580  2009 DC  B N3    
420 C  C4    . DC  B 9  ? 0.3898 0.1491 0.2321 -0.0253 0.0997  0.0656  2009 DC  B C4    
421 N  N4    . DC  B 9  ? 0.4239 0.1463 0.2586 0.0148  0.0862  0.0514  2009 DC  B N4    
422 C  C5    . DC  B 9  ? 0.3796 0.1528 0.2643 -0.0244 0.0904  0.0384  2009 DC  B C5    
423 C  C6    . DC  B 9  ? 0.3823 0.1330 0.2978 -0.0085 0.0658  0.0022  2009 DC  B C6    
424 P  P     . DG  B 10 ? 0.6501 0.2672 0.2281 0.1528  -0.0177 0.0140  2010 DG  B P     
425 O  OP1   . DG  B 10 ? 0.8204 0.4153 0.2531 0.2817  0.0620  0.0116  2010 DG  B OP1   
426 O  OP2   . DG  B 10 ? 0.7842 0.3162 0.2909 0.0332  -0.1011 -0.0048 2010 DG  B OP2   
427 O  "O5'" . DG  B 10 ? 0.6182 0.2806 0.2203 0.0759  -0.0041 0.0420  2010 DG  B "O5'" 
428 C  "C5'" . DG  B 10 ? 0.5871 0.2823 0.1991 0.0649  0.0260  0.0408  2010 DG  B "C5'" 
429 C  "C4'" . DG  B 10 ? 0.4966 0.2671 0.2051 0.0472  0.0376  0.0381  2010 DG  B "C4'" 
430 O  "O4'" . DG  B 10 ? 0.4562 0.2362 0.2126 0.0353  0.0253  0.0594  2010 DG  B "O4'" 
431 C  "C3'" . DG  B 10 ? 0.4605 0.2543 0.2126 0.0522  -0.0126 0.0367  2010 DG  B "C3'" 
432 O  "O3'" . DG  B 10 ? 0.4179 0.2803 0.2220 0.0529  -0.0041 0.0444  2010 DG  B "O3'" 
433 C  "C2'" . DG  B 10 ? 0.4475 0.2241 0.2375 0.0495  -0.0422 0.0241  2010 DG  B "C2'" 
434 C  "C1'" . DG  B 10 ? 0.4180 0.2283 0.2096 0.0164  -0.0087 0.0368  2010 DG  B "C1'" 
435 N  N9    . DG  B 10 ? 0.4047 0.1807 0.1875 -0.0022 -0.0366 0.0374  2010 DG  B N9    
436 C  C8    . DG  B 10 ? 0.4149 0.1503 0.2025 -0.0105 -0.0459 0.0421  2010 DG  B C8    
437 N  N7    . DG  B 10 ? 0.3742 0.1681 0.2074 -0.0386 -0.0294 0.0228  2010 DG  B N7    
438 C  C5    . DG  B 10 ? 0.3585 0.1610 0.1854 -0.0511 -0.0150 0.0486  2010 DG  B C5    
439 C  C6    . DG  B 10 ? 0.3486 0.1341 0.1922 -0.0504 -0.0211 0.0468  2010 DG  B C6    
440 O  O6    . DG  B 10 ? 0.3351 0.1506 0.2315 -0.0609 -0.0193 0.0543  2010 DG  B O6    
441 N  N1    . DG  B 10 ? 0.3182 0.1277 0.2086 -0.0593 -0.0064 0.0380  2010 DG  B N1    
442 C  C2    . DG  B 10 ? 0.3492 0.1494 0.1951 -0.0213 -0.0189 0.0422  2010 DG  B C2    
443 N  N2    . DG  B 10 ? 0.3284 0.1396 0.1883 -0.0646 0.0000  0.0547  2010 DG  B N2    
444 N  N3    . DG  B 10 ? 0.3544 0.1444 0.1943 -0.0255 -0.0147 0.0448  2010 DG  B N3    
445 C  C4    . DG  B 10 ? 0.3845 0.1656 0.1736 -0.0166 -0.0233 0.0546  2010 DG  B C4    
446 P  P     . DC  B 11 ? 0.3713 0.2779 0.2491 0.0512  -0.0214 0.0302  2011 DC  B P     
447 O  OP1   . DC  B 11 ? 0.4319 0.3441 0.2767 0.0910  0.0264  0.0524  2011 DC  B OP1   
448 O  OP2   . DC  B 11 ? 0.3922 0.3127 0.2903 0.0204  -0.0716 0.0276  2011 DC  B OP2   
449 O  "O5'" . DC  B 11 ? 0.3024 0.3213 0.2539 0.0476  -0.0287 0.0431  2011 DC  B "O5'" 
450 C  "C5'" . DC  B 11 ? 0.2822 0.2879 0.2256 0.0249  0.0325  0.0441  2011 DC  B "C5'" 
451 C  "C4'" . DC  B 11 ? 0.2954 0.2658 0.2148 0.0253  0.0321  0.0660  2011 DC  B "C4'" 
452 O  "O4'" . DC  B 11 ? 0.2875 0.2445 0.2229 0.0137  0.0313  0.0640  2011 DC  B "O4'" 
453 C  "C3'" . DC  B 11 ? 0.2542 0.2827 0.2290 0.0528  0.0466  0.0818  2011 DC  B "C3'" 
454 O  "O3'" . DC  B 11 ? 0.2211 0.2904 0.2325 0.0390  0.0468  0.0801  2011 DC  B "O3'" 
455 C  "C2'" . DC  B 11 ? 0.2620 0.2646 0.2321 0.0488  0.0351  0.0841  2011 DC  B "C2'" 
456 C  "C1'" . DC  B 11 ? 0.2832 0.2390 0.2124 0.0185  0.0235  0.0772  2011 DC  B "C1'" 
457 N  N1    . DC  B 11 ? 0.2854 0.1992 0.1906 0.0323  0.0178  0.0636  2011 DC  B N1    
458 C  C2    . DC  B 11 ? 0.2759 0.1386 0.1972 -0.0024 0.0133  0.0517  2011 DC  B C2    
459 O  O2    . DC  B 11 ? 0.2819 0.1754 0.2101 -0.0181 0.0144  0.0353  2011 DC  B O2    
460 N  N3    . DC  B 11 ? 0.2839 0.1615 0.1803 0.0217  0.0045  0.0515  2011 DC  B N3    
461 C  C4    . DC  B 11 ? 0.2630 0.2057 0.1758 0.0238  0.0146  0.0315  2011 DC  B C4    
462 N  N4    . DC  B 11 ? 0.2728 0.1849 0.2183 0.0273  -0.0090 0.0489  2011 DC  B N4    
463 C  C5    . DC  B 11 ? 0.2915 0.2367 0.2175 0.0710  -0.0032 0.0167  2011 DC  B C5    
464 C  C6    . DC  B 11 ? 0.2851 0.2399 0.1757 0.0672  0.0096  0.0510  2011 DC  B C6    
465 P  P     . DG  B 12 ? 0.2398 0.2991 0.2630 0.0432  0.0221  0.0963  2012 DG  B P     
466 O  OP1   . DG  B 12 ? 0.2629 0.3550 0.3107 0.0929  0.0237  0.1006  2012 DG  B OP1   
467 O  OP2   . DG  B 12 ? 0.3454 0.2776 0.2664 0.0237  -0.0269 0.1046  2012 DG  B OP2   
468 O  "O5'" . DG  B 12 ? 0.2307 0.2765 0.2470 0.0064  0.0365  0.1088  2012 DG  B "O5'" 
469 C  "C5'" . DG  B 12 ? 0.1802 0.3006 0.2450 0.0357  0.0198  0.1087  2012 DG  B "C5'" 
470 C  "C4'" . DG  B 12 ? 0.1712 0.2832 0.2146 0.0141  0.0175  0.1274  2012 DG  B "C4'" 
471 O  "O4'" . DG  B 12 ? 0.1795 0.2393 0.2230 0.0169  0.0118  0.1010  2012 DG  B "O4'" 
472 C  "C3'" . DG  B 12 ? 0.1637 0.2704 0.2232 -0.0056 -0.0080 0.1247  2012 DG  B "C3'" 
473 O  "O3'" . DG  B 12 ? 0.1690 0.2579 0.2261 -0.0145 -0.0180 0.1199  2012 DG  B "O3'" 
474 C  "C2'" . DG  B 12 ? 0.1607 0.3058 0.2264 0.0036  -0.0023 0.1222  2012 DG  B "C2'" 
475 C  "C1'" . DG  B 12 ? 0.1701 0.2547 0.2104 0.0086  -0.0045 0.0863  2012 DG  B "C1'" 
476 N  N9    . DG  B 12 ? 0.1925 0.2274 0.2146 0.0193  -0.0178 0.0808  2012 DG  B N9    
477 C  C8    . DG  B 12 ? 0.2009 0.1908 0.2292 0.0052  0.0002  0.0870  2012 DG  B C8    
478 N  N7    . DG  B 12 ? 0.2199 0.1813 0.2412 0.0163  -0.0158 0.0696  2012 DG  B N7    
479 C  C5    . DG  B 12 ? 0.2063 0.1644 0.2220 0.0078  -0.0267 0.0809  2012 DG  B C5    
480 C  C6    . DG  B 12 ? 0.1803 0.1852 0.2144 -0.0236 -0.0076 0.0730  2012 DG  B C6    
481 O  O6    . DG  B 12 ? 0.2349 0.1992 0.2153 0.0039  -0.0415 0.0734  2012 DG  B O6    
482 N  N1    . DG  B 12 ? 0.1959 0.1753 0.2216 -0.0013 -0.0231 0.0728  2012 DG  B N1    
483 C  C2    . DG  B 12 ? 0.1809 0.1540 0.2335 -0.0086 -0.0224 0.0692  2012 DG  B C2    
484 N  N2    . DG  B 12 ? 0.1829 0.1756 0.2056 -0.0061 -0.0186 0.0797  2012 DG  B N2    
485 N  N3    . DG  B 12 ? 0.1789 0.1884 0.2168 -0.0104 -0.0113 0.0758  2012 DG  B N3    
486 C  C4    . DG  B 12 ? 0.1841 0.1564 0.2278 -0.0084 -0.0167 0.0790  2012 DG  B C4    
487 MG MG    . MG  C .  ? 0.2546 0.1768 0.2542 -0.0100 -0.0590 0.0575  2013 MG  A MG    
488 TL TL    . TL  D .  ? 0.3394 0.2415 0.3271 -0.0420 0.0510  0.0514  2103 TL  A TL    
489 TL TL    . TL  E .  ? 0.3565 0.2881 0.4308 -0.0675 0.0550  0.0392  2104 TL  A TL    
490 TL TL    . TL  F .  ? 0.3568 0.3180 0.3268 -0.0613 0.0216  0.0714  2105 TL  A TL    
491 TL TL    . TL  G .  ? 0.5149 0.7348 1.1341 -0.2193 -0.4464 0.1165  2108 TL  A TL    
492 TL TL    . TL  H .  ? 0.3192 0.2935 0.3341 0.0040  -0.0176 0.0595  2110 TL  A TL    
493 TL TL    . TL  I .  ? 0.3486 0.2460 0.3448 -0.0143 -0.1331 0.0371  2111 TL  A TL    
494 TL TL    . TL  J .  ? 0.3676 0.3089 0.2934 -0.0899 -0.0471 -0.0245 2113 TL  A TL    
495 TL TL    . TL  K .  ? 0.1983 0.1573 0.2822 0.0176  -0.0201 0.0175  2101 TL  B TL    
496 TL TL    . TL  L .  ? 0.3766 0.2344 0.2987 -0.0249 0.0084  0.0234  2102 TL  B TL    
497 TL TL    . TL  M .  ? 0.3464 0.2330 0.7763 -0.0440 -0.0146 0.0468  2106 TL  B TL    
498 TL TL    . TL  N .  ? 0.4803 0.2336 0.2748 -0.0514 0.0252  0.0242  2107 TL  B TL    
499 TL TL    . TL  O .  ? 0.3181 0.2144 0.3124 -0.0541 0.0191  -0.0281 2109 TL  B TL    
500 TL TL    . TL  P .  ? 0.7317 0.4435 0.4143 0.0967  0.0535  0.0247  2112 TL  B TL    
501 O  O     . HOH Q .  ? 0.2043 0.1748 0.1503 0.0055  0.0084  -0.0086 3001 HOH A O     
502 O  O     . HOH Q .  ? 0.1512 0.1701 0.3013 -0.0194 0.0221  0.0183  3002 HOH A O     
503 O  O     . HOH Q .  ? 0.1641 0.1589 0.3017 -0.0047 0.0136  0.0102  3004 HOH A O     
504 O  O     . HOH Q .  ? 0.2072 0.2075 0.3838 0.0054  0.1024  0.0370  3006 HOH A O     
505 O  O     . HOH Q .  ? 0.3446 0.1584 0.3260 0.0076  -0.0814 0.0266  3007 HOH A O     
506 O  O     . HOH Q .  ? 0.2317 0.2907 0.2942 -0.0048 0.0343  0.1104  3010 HOH A O     
507 O  O     . HOH Q .  ? 0.3267 0.3175 0.3562 -0.0364 -0.0942 0.0194  3011 HOH A O     
508 O  O     . HOH Q .  ? 0.1600 0.1787 0.4376 -0.0163 -0.0523 0.0014  3012 HOH A O     
509 O  O     . HOH Q .  ? 0.2119 0.2895 0.4381 0.0422  0.1097  0.0920  3013 HOH A O     
510 O  O     . HOH Q .  ? 0.3907 0.2316 0.3191 0.0066  -0.0632 -0.0157 3014 HOH A O     
511 O  O     . HOH Q .  ? 0.2700 0.2350 0.4438 0.0029  -0.0408 -0.0225 3015 HOH A O     
512 O  O     . HOH Q .  ? 0.3102 0.4209 0.3636 0.1081  -0.0484 -0.0954 3016 HOH A O     
513 O  O     . HOH Q .  ? 0.4134 0.2914 0.2934 -0.1295 0.0419  -0.0244 3017 HOH A O     
514 O  O     . HOH Q .  ? 0.4213 0.2048 0.3362 -0.0103 0.0386  0.0842  3018 HOH A O     
515 O  O     . HOH Q .  ? 0.4721 0.3302 0.3917 0.1816  -0.0922 -0.0002 3019 HOH A O     
516 O  O     . HOH Q .  ? 0.1692 0.2609 0.4104 0.0294  0.0219  0.0593  3020 HOH A O     
517 O  O     . HOH Q .  ? 0.3880 0.2803 0.4007 0.0077  -0.0012 -0.0123 3021 HOH A O     
518 O  O     . HOH Q .  ? 0.3742 0.5097 0.3478 0.0083  -0.0382 0.0377  3022 HOH A O     
519 O  O     . HOH Q .  ? 0.5286 0.2241 0.2530 -0.0048 -0.2132 -0.0037 3023 HOH A O     
520 O  O     . HOH Q .  ? 0.1919 0.2971 0.5176 -0.0539 -0.0303 -0.0322 3026 HOH A O     
521 O  O     . HOH Q .  ? 0.2447 0.2315 0.5571 0.0422  0.1097  0.0995  3030 HOH A O     
522 O  O     . HOH Q .  ? 0.4526 0.2302 0.5560 -0.0757 0.0721  -0.0334 3033 HOH A O     
523 O  O     . HOH Q .  ? 0.3772 0.2088 0.3431 0.0199  -0.1217 0.0102  3034 HOH A O     
524 O  O     . HOH Q .  ? 0.2793 0.3080 0.4303 -0.0696 -0.0387 0.0757  3037 HOH A O     
525 O  O     . HOH Q .  ? 0.5380 0.2944 0.7527 0.0295  -0.0861 -0.0991 3039 HOH A O     
526 O  O     . HOH Q .  ? 0.4076 0.4109 0.3575 -0.0319 0.0212  -0.0261 3043 HOH A O     
527 O  O     . HOH Q .  ? 0.4936 0.4801 0.5279 0.0545  0.0876  0.0676  3047 HOH A O     
528 O  O     . HOH Q .  ? 0.3685 0.4802 0.4432 -0.0015 0.0861  0.1303  3048 HOH A O     
529 O  O     . HOH Q .  ? 0.1877 0.4834 0.4630 -0.0764 -0.0828 -0.0448 3049 HOH A O     
530 O  O     . HOH Q .  ? 0.4724 0.4649 0.3242 -0.0939 -0.0194 0.0698  3051 HOH A O     
531 O  O     . HOH Q .  ? 0.3323 0.5492 0.6596 -0.1517 -0.0660 0.0748  3053 HOH A O     
532 O  O     . HOH Q .  ? 0.5413 0.5182 0.3677 -0.0111 -0.0938 0.0561  3055 HOH A O     
533 O  O     . HOH Q .  ? 0.7512 0.8631 0.4371 -0.0336 -0.1460 0.0624  3058 HOH A O     
534 O  O     . HOH Q .  ? 0.6333 0.3865 0.4306 0.1772  0.0682  0.1084  3059 HOH A O     
535 O  O     . HOH Q .  ? 0.3632 0.2894 0.3962 -0.0081 0.0171  0.0692  3060 HOH A O     
536 O  O     . HOH Q .  ? 0.5912 0.5125 0.5428 0.1724  -0.1140 -0.1567 3061 HOH A O     
537 O  O     . HOH Q .  ? 0.3198 0.5603 0.6803 -0.0974 -0.0793 -0.0530 3068 HOH A O     
538 O  O     . HOH Q .  ? 0.5000 0.5078 0.4861 0.0407  -0.1899 0.0823  3069 HOH A O     
539 O  O     . HOH Q .  ? 0.5419 0.3645 0.4027 -0.1413 -0.0678 -0.0037 3071 HOH A O     
540 O  O     . HOH Q .  ? 0.6325 0.3764 0.5386 0.1039  0.0259  0.0319  3072 HOH A O     
541 O  O     . HOH Q .  ? 0.5733 0.3529 0.6169 0.1036  -0.0132 0.0201  3074 HOH A O     
542 O  O     . HOH Q .  ? 0.4030 0.5372 0.5285 -0.0093 -0.1278 0.0965  3075 HOH A O     
543 O  O     . HOH Q .  ? 0.5585 0.7646 0.5913 0.0628  -0.2978 0.1174  3078 HOH A O     
544 O  O     . HOH Q .  ? 0.4438 0.3307 0.3577 -0.0342 -0.1222 0.0050  3079 HOH A O     
545 O  O     . HOH Q .  ? 0.4681 0.6708 0.3809 -0.0122 0.0042  -0.1033 3080 HOH A O     
546 O  O     . HOH Q .  ? 0.4810 0.7292 0.4618 0.0618  0.0213  -0.1490 3083 HOH A O     
547 O  O     . HOH Q .  ? 0.5755 0.6962 0.3804 -0.0638 -0.0985 -0.0213 3086 HOH A O     
548 O  O     . HOH Q .  ? 0.5869 0.3367 0.4204 0.0933  0.0580  0.0131  3093 HOH A O     
549 O  O     . HOH Q .  ? 0.6242 0.5677 0.3795 0.0285  -0.0629 0.0035  3095 HOH A O     
550 O  O     . HOH Q .  ? 0.6393 0.3325 0.6342 -0.0099 0.1035  -0.1010 3096 HOH A O     
551 O  O     . HOH Q .  ? 0.8297 0.5047 0.7160 -0.1363 0.0939  -0.0463 3099 HOH A O     
552 O  O     . HOH Q .  ? 0.5164 0.3199 0.5760 0.1240  -0.1287 -0.1081 3100 HOH A O     
553 O  O     . HOH Q .  ? 0.6896 0.5226 0.4097 -0.0326 0.0336  0.1090  3101 HOH A O     
554 O  O     . HOH Q .  ? 0.3954 0.3525 0.5418 0.1542  0.1075  0.1400  3102 HOH A O     
555 O  O     . HOH Q .  ? 0.3104 0.4784 0.4216 -0.0015 0.0209  0.1286  3109 HOH A O     
556 O  O     . HOH Q .  ? 0.4536 0.5037 0.6100 -0.0693 -0.1557 0.0488  3111 HOH A O     
557 O  O     . HOH Q .  ? 0.7574 0.7127 0.5306 -0.0495 -0.2046 -0.0792 3112 HOH A O     
558 O  O     . HOH Q .  ? 0.3362 0.3364 0.3283 0.0510  0.0307  0.1200  3115 HOH A O     
559 O  O     . HOH Q .  ? 0.2835 0.4887 0.3019 0.0680  0.0426  -0.0032 3116 HOH A O     
560 O  O     . HOH Q .  ? 0.8338 0.6597 0.4460 -0.1416 -0.0582 0.0581  3118 HOH A O     
561 O  O     . HOH Q .  ? 0.6260 0.4429 0.7141 0.0609  -0.0164 0.0184  3119 HOH A O     
562 O  O     . HOH Q .  ? 0.5073 0.6053 0.4630 -0.0295 -0.0468 0.1680  3120 HOH A O     
563 O  O     . HOH Q .  ? 0.5572 0.5171 0.8114 -0.1241 -0.1829 -0.0826 3121 HOH A O     
564 O  O     . HOH Q .  ? 0.2571 0.2229 0.4600 0.0359  0.0907  0.0393  3122 HOH A O     
565 O  O     . HOH Q .  ? 0.6721 0.3028 0.3572 0.1083  0.0904  -0.0163 3123 HOH A O     
566 O  O     . HOH Q .  ? 0.4985 0.4287 0.6299 0.1313  -0.0661 0.0225  3126 HOH A O     
567 O  O     . HOH Q .  ? 0.7882 0.4347 0.5510 -0.0696 -0.0445 -0.0343 3127 HOH A O     
568 O  O     . HOH Q .  ? 0.2590 0.4083 0.5547 0.0773  0.0162  -0.0263 3128 HOH A O     
569 O  O     . HOH Q .  ? 0.6872 0.5051 0.9112 -0.0541 -0.0937 -0.0664 3129 HOH A O     
570 O  O     . HOH Q .  ? 0.5434 0.5534 0.6205 0.0428  0.0500  0.0176  3130 HOH A O     
571 O  O     . HOH Q .  ? 0.4828 0.6174 0.5651 -0.0376 -0.1820 -0.0696 3132 HOH A O     
572 O  O     . HOH Q .  ? 1.1756 1.1870 1.1093 -0.0224 -0.0149 0.0027  3134 HOH A O     
573 O  O     . HOH Q .  ? 0.2345 0.2117 0.1993 -0.0230 -0.0337 0.0567  3136 HOH A O     
574 O  O     . HOH Q .  ? 0.2436 0.1843 0.2201 -0.0099 -0.0506 0.0399  3137 HOH A O     
575 O  O     . HOH Q .  ? 0.3077 0.1699 0.2889 -0.0072 -0.0972 0.0694  3138 HOH A O     
576 O  O     . HOH Q .  ? 0.3110 0.1948 0.2518 0.0196  -0.0844 0.0163  3139 HOH A O     
577 O  O     . HOH R .  ? 0.2670 0.1011 0.1569 -0.0425 0.0165  0.0359  3003 HOH B O     
578 O  O     . HOH R .  ? 0.2459 0.2008 0.2583 -0.0208 0.0494  -0.0419 3005 HOH B O     
579 O  O     . HOH R .  ? 0.3451 0.3451 0.2568 -0.1282 -0.0487 0.0970  3008 HOH B O     
580 O  O     . HOH R .  ? 0.2155 0.2728 0.4953 -0.0436 0.0616  0.0031  3009 HOH B O     
581 O  O     . HOH R .  ? 0.3132 0.2480 0.3680 0.0429  0.0005  0.0070  3024 HOH B O     
582 O  O     . HOH R .  ? 0.3042 0.3019 0.3454 0.0704  0.0280  0.0283  3025 HOH B O     
583 O  O     . HOH R .  ? 0.3306 0.3989 0.3658 -0.0251 0.0268  -0.0239 3027 HOH B O     
584 O  O     . HOH R .  ? 0.4667 0.2865 0.2710 0.0040  0.0615  -0.0212 3028 HOH B O     
585 O  O     . HOH R .  ? 0.3931 0.2290 0.3808 -0.0822 0.0476  0.0691  3029 HOH B O     
586 O  O     . HOH R .  ? 0.4587 0.2901 0.3516 0.0184  0.0822  0.0091  3031 HOH B O     
587 O  O     . HOH R .  ? 0.4762 0.3627 0.3886 0.1357  -0.0585 -0.0851 3032 HOH B O     
588 O  O     . HOH R .  ? 0.2505 0.4804 0.3628 0.0509  -0.0318 -0.0094 3035 HOH B O     
589 O  O     . HOH R .  ? 0.3575 0.2741 0.3577 0.0412  -0.0540 0.0035  3036 HOH B O     
590 O  O     . HOH R .  ? 0.4237 0.3305 0.3125 -0.0710 0.0445  0.0351  3038 HOH B O     
591 O  O     . HOH R .  ? 0.5171 0.2604 0.4456 -0.0492 0.0680  0.0111  3040 HOH B O     
592 O  O     . HOH R .  ? 0.4814 0.3855 0.2719 0.1199  0.0058  0.0691  3041 HOH B O     
593 O  O     . HOH R .  ? 0.7548 0.3253 0.4749 0.2450  -0.1012 -0.1191 3042 HOH B O     
594 O  O     . HOH R .  ? 0.4010 0.3457 0.5831 0.0097  0.2633  0.0055  3044 HOH B O     
595 O  O     . HOH R .  ? 0.6227 0.2747 0.5676 -0.0176 0.1257  0.0438  3045 HOH B O     
596 O  O     . HOH R .  ? 0.3402 0.3249 0.4552 0.1013  -0.1457 -0.1137 3046 HOH B O     
597 O  O     . HOH R .  ? 0.2930 0.3247 0.5765 0.0629  -0.0350 0.0021  3050 HOH B O     
598 O  O     . HOH R .  ? 0.4476 0.3681 0.3943 -0.0849 -0.0337 0.0430  3052 HOH B O     
599 O  O     . HOH R .  ? 0.3214 0.6541 0.4412 0.0080  0.0683  0.1732  3054 HOH B O     
600 O  O     . HOH R .  ? 0.2633 0.3982 0.6494 0.1135  0.0884  -0.0513 3056 HOH B O     
601 O  O     . HOH R .  ? 0.5981 0.4309 0.5664 0.0375  -0.0110 -0.0054 3057 HOH B O     
602 O  O     . HOH R .  ? 0.3903 0.5318 0.6387 -0.1741 0.1276  0.0769  3062 HOH B O     
603 O  O     . HOH R .  ? 0.5639 0.5088 0.5631 0.1464  -0.0374 -0.0404 3063 HOH B O     
604 O  O     . HOH R .  ? 0.5191 0.4500 0.4216 0.0752  0.0326  0.1287  3064 HOH B O     
605 O  O     . HOH R .  ? 0.4516 0.6416 0.6332 -0.0167 0.0714  -0.0175 3065 HOH B O     
606 O  O     . HOH R .  ? 0.7800 0.6600 0.3924 -0.1456 0.0324  0.0562  3066 HOH B O     
607 O  O     . HOH R .  ? 0.4805 0.4046 0.5030 -0.1158 0.0762  0.0000  3067 HOH B O     
608 O  O     . HOH R .  ? 0.5689 0.4307 0.5787 -0.0170 -0.0503 -0.0810 3070 HOH B O     
609 O  O     . HOH R .  ? 0.3936 0.4079 0.5394 0.0572  -0.1384 0.0624  3073 HOH B O     
610 O  O     . HOH R .  ? 0.4496 0.4541 0.4027 -0.0914 -0.0660 -0.0705 3076 HOH B O     
611 O  O     . HOH R .  ? 0.5149 0.3990 0.4349 0.0959  -0.0486 -0.0108 3077 HOH B O     
612 O  O     . HOH R .  ? 0.1403 0.2231 0.3099 0.0838  -0.0812 -0.0874 3081 HOH B O     
613 O  O     . HOH R .  ? 0.1861 0.3343 0.3020 0.1207  -0.0193 0.0030  3082 HOH B O     
614 O  O     . HOH R .  ? 0.5836 0.4211 0.5918 -0.0711 -0.0581 -0.1329 3084 HOH B O     
615 O  O     . HOH R .  ? 0.6082 0.6386 0.3955 -0.1151 -0.1265 -0.0228 3085 HOH B O     
616 O  O     . HOH R .  ? 0.6117 0.5151 0.5402 -0.1126 -0.0376 -0.0496 3087 HOH B O     
617 O  O     . HOH R .  ? 0.4823 0.3017 0.5714 -0.0591 0.0079  -0.0445 3088 HOH B O     
618 O  O     . HOH R .  ? 0.7286 0.3738 0.5025 -0.1541 0.0025  -0.0596 3089 HOH B O     
619 O  O     . HOH R .  ? 0.6843 0.4279 0.4520 -0.1170 -0.0344 0.0431  3090 HOH B O     
620 O  O     . HOH R .  ? 0.5821 0.5336 0.4188 0.0410  0.1077  -0.1620 3091 HOH B O     
621 O  O     . HOH R .  ? 0.6416 0.5808 0.4944 -0.1250 -0.1445 -0.0701 3092 HOH B O     
622 O  O     . HOH R .  ? 0.4421 0.7782 0.6174 0.2931  -0.0661 -0.0172 3094 HOH B O     
623 O  O     . HOH R .  ? 0.3718 0.6449 0.6477 0.0704  0.0563  -0.1592 3097 HOH B O     
624 O  O     . HOH R .  ? 0.4059 0.4515 0.4590 0.0129  -0.1017 0.1481  3098 HOH B O     
625 O  O     . HOH R .  ? 0.3789 0.2968 0.2146 0.0396  0.0426  0.0912  3103 HOH B O     
626 O  O     . HOH R .  ? 0.4229 0.2910 0.4717 0.0207  -0.0636 0.0487  3104 HOH B O     
627 O  O     . HOH R .  ? 0.5517 0.4918 0.6967 0.0175  0.0213  0.1751  3105 HOH B O     
628 O  O     . HOH R .  ? 0.3392 0.5227 0.5978 0.0564  0.0205  -0.0282 3106 HOH B O     
629 O  O     . HOH R .  ? 0.5607 0.6484 0.7018 0.0083  0.0194  0.0725  3107 HOH B O     
630 O  O     . HOH R .  ? 0.3837 0.5602 0.5718 -0.0665 0.1901  -0.0112 3108 HOH B O     
631 O  O     . HOH R .  ? 0.6373 0.7869 0.4015 -0.2170 0.0022  0.1491  3110 HOH B O     
632 O  O     . HOH R .  ? 0.7288 0.5919 0.5769 0.0063  -0.0302 0.0696  3113 HOH B O     
633 O  O     . HOH R .  ? 0.4042 0.4126 0.4860 -0.0259 -0.0675 -0.0155 3114 HOH B O     
634 O  O     . HOH R .  ? 0.3368 0.4840 0.6478 0.0779  0.0263  -0.1271 3117 HOH B O     
635 O  O     . HOH R .  ? 0.3927 0.3375 0.3930 0.0513  -0.0101 0.0448  3124 HOH B O     
636 O  O     . HOH R .  ? 0.4906 0.4956 0.4454 -0.1036 -0.0114 0.0999  3125 HOH B O     
637 O  O     . HOH R .  ? 0.5133 0.3453 0.3294 0.1546  0.0897  0.1689  3131 HOH B O     
638 O  O     . HOH R .  ? 0.5251 0.3128 0.5291 -0.1728 -0.0175 -0.0579 3133 HOH B O     
639 O  O     . HOH R .  ? 0.2520 0.1595 0.2851 -0.0898 -0.0849 0.0937  3135 HOH B O     
640 O  O     . HOH R .  ? 0.2586 0.2267 0.1712 -0.0519 -0.0731 0.0579  3140 HOH B O     
# 
loop_
_pdbx_poly_seq_scheme.asym_id 
_pdbx_poly_seq_scheme.entity_id 
_pdbx_poly_seq_scheme.seq_id 
_pdbx_poly_seq_scheme.mon_id 
_pdbx_poly_seq_scheme.ndb_seq_num 
_pdbx_poly_seq_scheme.pdb_seq_num 
_pdbx_poly_seq_scheme.auth_seq_num 
_pdbx_poly_seq_scheme.pdb_mon_id 
_pdbx_poly_seq_scheme.auth_mon_id 
_pdbx_poly_seq_scheme.pdb_strand_id 
_pdbx_poly_seq_scheme.pdb_ins_code 
_pdbx_poly_seq_scheme.hetero 
A 1 1  DC 1  1001 1001 DC C A . n 
A 1 2  DG 2  1002 1002 DG G A . n 
A 1 3  DC 3  1003 1003 DC C A . n 
A 1 4  DG 4  1004 1004 DG G A . n 
A 1 5  DA 5  1005 1005 DA A A . n 
A 1 6  DA 6  1006 1006 DA A A . n 
A 1 7  DT 7  1007 1007 DT T A . n 
A 1 8  DT 8  1008 1008 DT T A . n 
A 1 9  DC 9  1009 1009 DC C A . n 
A 1 10 DG 10 1010 1010 DG G A . n 
A 1 11 DC 11 1011 1011 DC C A . n 
A 1 12 DG 12 1012 1012 DG G A . n 
B 1 1  DC 1  2001 2001 DC C B . n 
B 1 2  DG 2  2002 2002 DG G B . n 
B 1 3  DC 3  2003 2003 DC C B . n 
B 1 4  DG 4  2004 2004 DG G B . n 
B 1 5  DA 5  2005 2005 DA A B . n 
B 1 6  DA 6  2006 2006 DA A B . n 
B 1 7  DT 7  2007 2007 DT T B . n 
B 1 8  DT 8  2008 2008 DT T B . n 
B 1 9  DC 9  2009 2009 DC C B . n 
B 1 10 DG 10 2010 2010 DG G B . n 
B 1 11 DC 11 2011 2011 DC C B . n 
B 1 12 DG 12 2012 2012 DG G B . n 
# 
loop_
_pdbx_nonpoly_scheme.asym_id 
_pdbx_nonpoly_scheme.entity_id 
_pdbx_nonpoly_scheme.mon_id 
_pdbx_nonpoly_scheme.ndb_seq_num 
_pdbx_nonpoly_scheme.pdb_seq_num 
_pdbx_nonpoly_scheme.auth_seq_num 
_pdbx_nonpoly_scheme.pdb_mon_id 
_pdbx_nonpoly_scheme.auth_mon_id 
_pdbx_nonpoly_scheme.pdb_strand_id 
_pdbx_nonpoly_scheme.pdb_ins_code 
C 2 MG  1  2013 2013 MG  ION A . 
D 3 TL  1  2103 2103 TL  TL  A . 
E 3 TL  1  2104 2104 TL  TL  A . 
F 3 TL  1  2105 2105 TL  TL  A . 
G 3 TL  1  2108 2108 TL  TL  A . 
H 3 TL  1  2110 2110 TL  TL  A . 
I 3 TL  1  2111 2111 TL  TL  A . 
J 3 TL  1  2113 2113 TL  TL  A . 
K 3 TL  1  2101 2101 TL  TL  B . 
L 3 TL  1  2102 2102 TL  TL  B . 
M 3 TL  1  2106 2106 TL  TL  B . 
N 3 TL  1  2107 2107 TL  TL  B . 
O 3 TL  1  2109 2109 TL  TL  B . 
P 3 TL  1  2112 2112 TL  TL  B . 
Q 4 HOH 1  3001 3001 HOH HOH A . 
Q 4 HOH 2  3002 3002 HOH HOH A . 
Q 4 HOH 3  3004 3004 HOH HOH A . 
Q 4 HOH 4  3006 3006 HOH HOH A . 
Q 4 HOH 5  3007 3007 HOH HOH A . 
Q 4 HOH 6  3010 3010 HOH HOH A . 
Q 4 HOH 7  3011 3011 HOH HOH A . 
Q 4 HOH 8  3012 3012 HOH HOH A . 
Q 4 HOH 9  3013 3013 HOH HOH A . 
Q 4 HOH 10 3014 3014 HOH HOH A . 
Q 4 HOH 11 3015 3015 HOH HOH A . 
Q 4 HOH 12 3016 3016 HOH HOH A . 
Q 4 HOH 13 3017 3017 HOH HOH A . 
Q 4 HOH 14 3018 3018 HOH HOH A . 
Q 4 HOH 15 3019 3019 HOH HOH A . 
Q 4 HOH 16 3020 3020 HOH HOH A . 
Q 4 HOH 17 3021 3021 HOH HOH A . 
Q 4 HOH 18 3022 3022 HOH HOH A . 
Q 4 HOH 19 3023 3023 HOH HOH A . 
Q 4 HOH 20 3026 3026 HOH HOH A . 
Q 4 HOH 21 3030 3030 HOH HOH A . 
Q 4 HOH 22 3033 3033 HOH HOH A . 
Q 4 HOH 23 3034 3034 HOH HOH A . 
Q 4 HOH 24 3037 3037 HOH HOH A . 
Q 4 HOH 25 3039 3039 HOH HOH A . 
Q 4 HOH 26 3043 3043 HOH HOH A . 
Q 4 HOH 27 3047 3047 HOH HOH A . 
Q 4 HOH 28 3048 3048 HOH HOH A . 
Q 4 HOH 29 3049 3049 HOH HOH A . 
Q 4 HOH 30 3051 3051 HOH HOH A . 
Q 4 HOH 31 3053 3053 HOH HOH A . 
Q 4 HOH 32 3055 3055 HOH HOH A . 
Q 4 HOH 33 3058 3058 HOH HOH A . 
Q 4 HOH 34 3059 3059 HOH HOH A . 
Q 4 HOH 35 3060 3060 HOH HOH A . 
Q 4 HOH 36 3061 3061 HOH HOH A . 
Q 4 HOH 37 3068 3068 HOH HOH A . 
Q 4 HOH 38 3069 3069 HOH HOH A . 
Q 4 HOH 39 3071 3071 HOH HOH A . 
Q 4 HOH 40 3072 3072 HOH HOH A . 
Q 4 HOH 41 3074 3074 HOH HOH A . 
Q 4 HOH 42 3075 3075 HOH HOH A . 
Q 4 HOH 43 3078 3078 HOH HOH A . 
Q 4 HOH 44 3079 3079 HOH HOH A . 
Q 4 HOH 45 3080 3080 HOH HOH A . 
Q 4 HOH 46 3083 3083 HOH HOH A . 
Q 4 HOH 47 3086 3086 HOH HOH A . 
Q 4 HOH 48 3093 3093 HOH HOH A . 
Q 4 HOH 49 3095 3095 HOH HOH A . 
Q 4 HOH 50 3096 3096 HOH HOH A . 
Q 4 HOH 51 3099 3099 HOH HOH A . 
Q 4 HOH 52 3100 3100 HOH HOH A . 
Q 4 HOH 53 3101 3101 HOH HOH A . 
Q 4 HOH 54 3102 3102 HOH HOH A . 
Q 4 HOH 55 3109 3109 HOH HOH A . 
Q 4 HOH 56 3111 3111 HOH HOH A . 
Q 4 HOH 57 3112 3112 HOH HOH A . 
Q 4 HOH 58 3115 3115 HOH HOH A . 
Q 4 HOH 59 3116 3116 HOH HOH A . 
Q 4 HOH 60 3118 3118 HOH HOH A . 
Q 4 HOH 61 3119 3119 HOH HOH A . 
Q 4 HOH 62 3120 3120 HOH HOH A . 
Q 4 HOH 63 3121 3121 HOH HOH A . 
Q 4 HOH 64 3122 3122 HOH HOH A . 
Q 4 HOH 65 3123 3123 HOH HOH A . 
Q 4 HOH 66 3126 3126 HOH HOH A . 
Q 4 HOH 67 3127 3127 HOH HOH A . 
Q 4 HOH 68 3128 3128 HOH HOH A . 
Q 4 HOH 69 3129 3129 HOH HOH A . 
Q 4 HOH 70 3130 3130 HOH HOH A . 
Q 4 HOH 71 3132 3132 HOH HOH A . 
Q 4 HOH 72 3134 3134 HOH HOH A . 
Q 4 HOH 73 3136 2013 HOH ION A . 
Q 4 HOH 74 3137 2013 HOH ION A . 
Q 4 HOH 75 3138 2013 HOH ION A . 
Q 4 HOH 76 3139 2013 HOH ION A . 
R 4 HOH 1  3003 3003 HOH HOH B . 
R 4 HOH 2  3005 3005 HOH HOH B . 
R 4 HOH 3  3008 3008 HOH HOH B . 
R 4 HOH 4  3009 3009 HOH HOH B . 
R 4 HOH 5  3024 3024 HOH HOH B . 
R 4 HOH 6  3025 3025 HOH HOH B . 
R 4 HOH 7  3027 3027 HOH HOH B . 
R 4 HOH 8  3028 3028 HOH HOH B . 
R 4 HOH 9  3029 3029 HOH HOH B . 
R 4 HOH 10 3031 3031 HOH HOH B . 
R 4 HOH 11 3032 3032 HOH HOH B . 
R 4 HOH 12 3035 3035 HOH HOH B . 
R 4 HOH 13 3036 3036 HOH HOH B . 
R 4 HOH 14 3038 3038 HOH HOH B . 
R 4 HOH 15 3040 3040 HOH HOH B . 
R 4 HOH 16 3041 3041 HOH HOH B . 
R 4 HOH 17 3042 3042 HOH HOH B . 
R 4 HOH 18 3044 3044 HOH HOH B . 
R 4 HOH 19 3045 3045 HOH HOH B . 
R 4 HOH 20 3046 3046 HOH HOH B . 
R 4 HOH 21 3050 3050 HOH HOH B . 
R 4 HOH 22 3052 3052 HOH HOH B . 
R 4 HOH 23 3054 3054 HOH HOH B . 
R 4 HOH 24 3056 3056 HOH HOH B . 
R 4 HOH 25 3057 3057 HOH HOH B . 
R 4 HOH 26 3062 3062 HOH HOH B . 
R 4 HOH 27 3063 3063 HOH HOH B . 
R 4 HOH 28 3064 3064 HOH HOH B . 
R 4 HOH 29 3065 3065 HOH HOH B . 
R 4 HOH 30 3066 3066 HOH HOH B . 
R 4 HOH 31 3067 3067 HOH HOH B . 
R 4 HOH 32 3070 3070 HOH HOH B . 
R 4 HOH 33 3073 3073 HOH HOH B . 
R 4 HOH 34 3076 3076 HOH HOH B . 
R 4 HOH 35 3077 3077 HOH HOH B . 
R 4 HOH 36 3081 3081 HOH HOH B . 
R 4 HOH 37 3082 3082 HOH HOH B . 
R 4 HOH 38 3084 3084 HOH HOH B . 
R 4 HOH 39 3085 3085 HOH HOH B . 
R 4 HOH 40 3087 3087 HOH HOH B . 
R 4 HOH 41 3088 3088 HOH HOH B . 
R 4 HOH 42 3089 3089 HOH HOH B . 
R 4 HOH 43 3090 3090 HOH HOH B . 
R 4 HOH 44 3091 3091 HOH HOH B . 
R 4 HOH 45 3092 3092 HOH HOH B . 
R 4 HOH 46 3094 3094 HOH HOH B . 
R 4 HOH 47 3097 3097 HOH HOH B . 
R 4 HOH 48 3098 3098 HOH HOH B . 
R 4 HOH 49 3103 3103 HOH HOH B . 
R 4 HOH 50 3104 3104 HOH HOH B . 
R 4 HOH 51 3105 3105 HOH HOH B . 
R 4 HOH 52 3106 3106 HOH HOH B . 
R 4 HOH 53 3107 3107 HOH HOH B . 
R 4 HOH 54 3108 3108 HOH HOH B . 
R 4 HOH 55 3110 3110 HOH HOH B . 
R 4 HOH 56 3113 3113 HOH HOH B . 
R 4 HOH 57 3114 3114 HOH HOH B . 
R 4 HOH 58 3117 3117 HOH HOH B . 
R 4 HOH 59 3124 3124 HOH HOH B . 
R 4 HOH 60 3125 3125 HOH HOH B . 
R 4 HOH 61 3131 3131 HOH HOH B . 
R 4 HOH 62 3133 3133 HOH HOH B . 
R 4 HOH 63 3135 2013 HOH ION B . 
R 4 HOH 64 3140 2013 HOH ION B . 
# 
_pdbx_struct_assembly.id                   1 
_pdbx_struct_assembly.details              author_defined_assembly 
_pdbx_struct_assembly.method_details       ? 
_pdbx_struct_assembly.oligomeric_details   dimeric 
_pdbx_struct_assembly.oligomeric_count     2 
# 
_pdbx_struct_assembly_gen.assembly_id       1 
_pdbx_struct_assembly_gen.oper_expression   1 
_pdbx_struct_assembly_gen.asym_id_list      A,B,C,D,E,F,G,H,I,J,K,L,M,N,O,P,Q,R 
# 
_pdbx_struct_oper_list.id                   1 
_pdbx_struct_oper_list.type                 'identity operation' 
_pdbx_struct_oper_list.name                 1_555 
_pdbx_struct_oper_list.symmetry_operation   x,y,z 
_pdbx_struct_oper_list.matrix[1][1]         1.0000000000 
_pdbx_struct_oper_list.matrix[1][2]         0.0000000000 
_pdbx_struct_oper_list.matrix[1][3]         0.0000000000 
_pdbx_struct_oper_list.vector[1]            0.0000000000 
_pdbx_struct_oper_list.matrix[2][1]         0.0000000000 
_pdbx_struct_oper_list.matrix[2][2]         1.0000000000 
_pdbx_struct_oper_list.matrix[2][3]         0.0000000000 
_pdbx_struct_oper_list.vector[2]            0.0000000000 
_pdbx_struct_oper_list.matrix[3][1]         0.0000000000 
_pdbx_struct_oper_list.matrix[3][2]         0.0000000000 
_pdbx_struct_oper_list.matrix[3][3]         1.0000000000 
_pdbx_struct_oper_list.vector[3]            0.0000000000 
# 
loop_
_pdbx_struct_conn_angle.id 
_pdbx_struct_conn_angle.ptnr1_label_atom_id 
_pdbx_struct_conn_angle.ptnr1_label_alt_id 
_pdbx_struct_conn_angle.ptnr1_label_asym_id 
_pdbx_struct_conn_angle.ptnr1_label_comp_id 
_pdbx_struct_conn_angle.ptnr1_label_seq_id 
_pdbx_struct_conn_angle.ptnr1_auth_atom_id 
_pdbx_struct_conn_angle.ptnr1_auth_asym_id 
_pdbx_struct_conn_angle.ptnr1_auth_comp_id 
_pdbx_struct_conn_angle.ptnr1_auth_seq_id 
_pdbx_struct_conn_angle.ptnr1_PDB_ins_code 
_pdbx_struct_conn_angle.ptnr1_symmetry 
_pdbx_struct_conn_angle.ptnr2_label_atom_id 
_pdbx_struct_conn_angle.ptnr2_label_alt_id 
_pdbx_struct_conn_angle.ptnr2_label_asym_id 
_pdbx_struct_conn_angle.ptnr2_label_comp_id 
_pdbx_struct_conn_angle.ptnr2_label_seq_id 
_pdbx_struct_conn_angle.ptnr2_auth_atom_id 
_pdbx_struct_conn_angle.ptnr2_auth_asym_id 
_pdbx_struct_conn_angle.ptnr2_auth_comp_id 
_pdbx_struct_conn_angle.ptnr2_auth_seq_id 
_pdbx_struct_conn_angle.ptnr2_PDB_ins_code 
_pdbx_struct_conn_angle.ptnr2_symmetry 
_pdbx_struct_conn_angle.ptnr3_label_atom_id 
_pdbx_struct_conn_angle.ptnr3_label_alt_id 
_pdbx_struct_conn_angle.ptnr3_label_asym_id 
_pdbx_struct_conn_angle.ptnr3_label_comp_id 
_pdbx_struct_conn_angle.ptnr3_label_seq_id 
_pdbx_struct_conn_angle.ptnr3_auth_atom_id 
_pdbx_struct_conn_angle.ptnr3_auth_asym_id 
_pdbx_struct_conn_angle.ptnr3_auth_comp_id 
_pdbx_struct_conn_angle.ptnr3_auth_seq_id 
_pdbx_struct_conn_angle.ptnr3_PDB_ins_code 
_pdbx_struct_conn_angle.ptnr3_symmetry 
_pdbx_struct_conn_angle.value 
_pdbx_struct_conn_angle.value_esd 
1   N1    ? A DC  1  ? A DC  1001 ? 1_555 TL ? I TL . ? A TL 2111 ? 1_555 "O4'" ? A DC  1  ? A DC  1001 ? 1_555 43.0  ? 
2   N1    ? A DC  1  ? A DC  1001 ? 1_555 TL ? I TL . ? A TL 2111 ? 1_555 O     ? Q HOH .  ? A HOH 3013 ? 3_655 120.2 ? 
3   "O4'" ? A DC  1  ? A DC  1001 ? 1_555 TL ? I TL . ? A TL 2111 ? 1_555 O     ? Q HOH .  ? A HOH 3013 ? 3_655 106.3 ? 
4   N1    ? A DC  1  ? A DC  1001 ? 1_555 TL ? I TL . ? A TL 2111 ? 1_555 O     ? Q HOH .  ? A HOH 3079 ? 1_555 96.0  ? 
5   "O4'" ? A DC  1  ? A DC  1001 ? 1_555 TL ? I TL . ? A TL 2111 ? 1_555 O     ? Q HOH .  ? A HOH 3079 ? 1_555 136.2 ? 
6   O     ? Q HOH .  ? A HOH 3013 ? 3_655 TL ? I TL . ? A TL 2111 ? 1_555 O     ? Q HOH .  ? A HOH 3079 ? 1_555 78.9  ? 
7   N1    ? A DC  1  ? A DC  1001 ? 1_555 TL ? I TL . ? A TL 2111 ? 1_555 "O3'" ? B DG  2  ? B DG  2002 ? 2_665 91.3  ? 
8   "O4'" ? A DC  1  ? A DC  1001 ? 1_555 TL ? I TL . ? A TL 2111 ? 1_555 "O3'" ? B DG  2  ? B DG  2002 ? 2_665 82.5  ? 
9   O     ? Q HOH .  ? A HOH 3013 ? 3_655 TL ? I TL . ? A TL 2111 ? 1_555 "O3'" ? B DG  2  ? B DG  2002 ? 2_665 142.7 ? 
10  O     ? Q HOH .  ? A HOH 3079 ? 1_555 TL ? I TL . ? A TL 2111 ? 1_555 "O3'" ? B DG  2  ? B DG  2002 ? 2_665 119.9 ? 
11  N1    ? A DC  1  ? A DC  1001 ? 1_555 TL ? I TL . ? A TL 2111 ? 1_555 OP1   ? B DC  3  ? B DC  2003 ? 2_665 131.7 ? 
12  "O4'" ? A DC  1  ? A DC  1001 ? 1_555 TL ? I TL . ? A TL 2111 ? 1_555 OP1   ? B DC  3  ? B DC  2003 ? 2_665 127.0 ? 
13  O     ? Q HOH .  ? A HOH 3013 ? 3_655 TL ? I TL . ? A TL 2111 ? 1_555 OP1   ? B DC  3  ? B DC  2003 ? 2_665 108.0 ? 
14  O     ? Q HOH .  ? A HOH 3079 ? 1_555 TL ? I TL . ? A TL 2111 ? 1_555 OP1   ? B DC  3  ? B DC  2003 ? 2_665 89.6  ? 
15  "O3'" ? B DG  2  ? B DG  2002 ? 2_665 TL ? I TL . ? A TL 2111 ? 1_555 OP1   ? B DC  3  ? B DC  2003 ? 2_665 46.4  ? 
16  N7    ? A DG  2  ? A DG  1002 ? 1_555 TL ? G TL . ? A TL 2108 ? 1_555 O6    ? A DG  2  ? A DG  1002 ? 1_555 69.4  ? 
17  N7    ? A DG  2  ? A DG  1002 ? 1_555 TL ? G TL . ? A TL 2108 ? 1_555 O     ? Q HOH .  ? A HOH 3137 ? 1_555 119.2 ? 
18  O6    ? A DG  2  ? A DG  1002 ? 1_555 TL ? G TL . ? A TL 2108 ? 1_555 O     ? Q HOH .  ? A HOH 3137 ? 1_555 145.9 ? 
19  N7    ? A DG  2  ? A DG  1002 ? 1_555 TL ? G TL . ? A TL 2108 ? 1_555 O     ? Q HOH .  ? A HOH 3139 ? 1_555 66.3  ? 
20  O6    ? A DG  2  ? A DG  1002 ? 1_555 TL ? G TL . ? A TL 2108 ? 1_555 O     ? Q HOH .  ? A HOH 3139 ? 1_555 135.6 ? 
21  O     ? Q HOH .  ? A HOH 3137 ? 1_555 TL ? G TL . ? A TL 2108 ? 1_555 O     ? Q HOH .  ? A HOH 3139 ? 1_555 64.7  ? 
22  N7    ? A DG  2  ? A DG  1002 ? 1_555 TL ? G TL . ? A TL 2108 ? 1_555 O6    ? B DG  10 ? B DG  2010 ? 1_555 87.4  ? 
23  O6    ? A DG  2  ? A DG  1002 ? 1_555 TL ? G TL . ? A TL 2108 ? 1_555 O6    ? B DG  10 ? B DG  2010 ? 1_555 65.5  ? 
24  O     ? Q HOH .  ? A HOH 3137 ? 1_555 TL ? G TL . ? A TL 2108 ? 1_555 O6    ? B DG  10 ? B DG  2010 ? 1_555 142.3 ? 
25  O     ? Q HOH .  ? A HOH 3139 ? 1_555 TL ? G TL . ? A TL 2108 ? 1_555 O6    ? B DG  10 ? B DG  2010 ? 1_555 109.7 ? 
26  N7    ? A DG  2  ? A DG  1002 ? 1_555 TL ? G TL . ? A TL 2108 ? 1_555 TL    ? N TL  .  ? B TL  2107 ? 1_555 134.2 ? 
27  O6    ? A DG  2  ? A DG  1002 ? 1_555 TL ? G TL . ? A TL 2108 ? 1_555 TL    ? N TL  .  ? B TL  2107 ? 1_555 70.7  ? 
28  O     ? Q HOH .  ? A HOH 3137 ? 1_555 TL ? G TL . ? A TL 2108 ? 1_555 TL    ? N TL  .  ? B TL  2107 ? 1_555 106.4 ? 
29  O     ? Q HOH .  ? A HOH 3139 ? 1_555 TL ? G TL . ? A TL 2108 ? 1_555 TL    ? N TL  .  ? B TL  2107 ? 1_555 146.0 ? 
30  O6    ? B DG  10 ? B DG  2010 ? 1_555 TL ? G TL . ? A TL 2108 ? 1_555 TL    ? N TL  .  ? B TL  2107 ? 1_555 55.8  ? 
31  N7    ? A DG  2  ? A DG  1002 ? 1_555 TL ? G TL . ? A TL 2108 ? 1_555 O     ? R HOH .  ? B HOH 3135 ? 1_555 112.0 ? 
32  O6    ? A DG  2  ? A DG  1002 ? 1_555 TL ? G TL . ? A TL 2108 ? 1_555 O     ? R HOH .  ? B HOH 3135 ? 1_555 116.6 ? 
33  O     ? Q HOH .  ? A HOH 3137 ? 1_555 TL ? G TL . ? A TL 2108 ? 1_555 O     ? R HOH .  ? B HOH 3135 ? 1_555 91.7  ? 
34  O     ? Q HOH .  ? A HOH 3139 ? 1_555 TL ? G TL . ? A TL 2108 ? 1_555 O     ? R HOH .  ? B HOH 3135 ? 1_555 79.0  ? 
35  O6    ? B DG  10 ? B DG  2010 ? 1_555 TL ? G TL . ? A TL 2108 ? 1_555 O     ? R HOH .  ? B HOH 3135 ? 1_555 51.7  ? 
36  TL    ? N TL  .  ? B TL  2107 ? 1_555 TL ? G TL . ? A TL 2108 ? 1_555 O     ? R HOH .  ? B HOH 3135 ? 1_555 68.2  ? 
37  O6    ? A DG  2  ? A DG  1002 ? 1_555 TL ? N TL . ? B TL 2107 ? 1_555 O     ? Q HOH .  ? A HOH 3011 ? 1_555 99.6  ? 
38  O6    ? A DG  2  ? A DG  1002 ? 1_555 TL ? N TL . ? B TL 2107 ? 1_555 O     ? Q HOH .  ? A HOH 3139 ? 1_555 90.4  ? 
39  O     ? Q HOH .  ? A HOH 3011 ? 1_555 TL ? N TL . ? B TL 2107 ? 1_555 O     ? Q HOH .  ? A HOH 3139 ? 1_555 108.4 ? 
40  O6    ? A DG  2  ? A DG  1002 ? 1_555 TL ? N TL . ? B TL 2107 ? 1_555 O6    ? B DG  10 ? B DG  2010 ? 1_555 76.3  ? 
41  O     ? Q HOH .  ? A HOH 3011 ? 1_555 TL ? N TL . ? B TL 2107 ? 1_555 O6    ? B DG  10 ? B DG  2010 ? 1_555 158.6 ? 
42  O     ? Q HOH .  ? A HOH 3139 ? 1_555 TL ? N TL . ? B TL 2107 ? 1_555 O6    ? B DG  10 ? B DG  2010 ? 1_555 92.7  ? 
43  O6    ? A DG  2  ? A DG  1002 ? 1_555 TL ? N TL . ? B TL 2107 ? 1_555 N7    ? B DG  10 ? B DG  2010 ? 1_555 98.6  ? 
44  O     ? Q HOH .  ? A HOH 3011 ? 1_555 TL ? N TL . ? B TL 2107 ? 1_555 N7    ? B DG  10 ? B DG  2010 ? 1_555 103.5 ? 
45  O     ? Q HOH .  ? A HOH 3139 ? 1_555 TL ? N TL . ? B TL 2107 ? 1_555 N7    ? B DG  10 ? B DG  2010 ? 1_555 144.7 ? 
46  O6    ? B DG  10 ? B DG  2010 ? 1_555 TL ? N TL . ? B TL 2107 ? 1_555 N7    ? B DG  10 ? B DG  2010 ? 1_555 57.3  ? 
47  O6    ? A DG  2  ? A DG  1002 ? 1_555 TL ? N TL . ? B TL 2107 ? 1_555 O     ? R HOH .  ? B HOH 3135 ? 1_555 123.7 ? 
48  O     ? Q HOH .  ? A HOH 3011 ? 1_555 TL ? N TL . ? B TL 2107 ? 1_555 O     ? R HOH .  ? B HOH 3135 ? 1_555 133.3 ? 
49  O     ? Q HOH .  ? A HOH 3139 ? 1_555 TL ? N TL . ? B TL 2107 ? 1_555 O     ? R HOH .  ? B HOH 3135 ? 1_555 59.4  ? 
50  O6    ? B DG  10 ? B DG  2010 ? 1_555 TL ? N TL . ? B TL 2107 ? 1_555 O     ? R HOH .  ? B HOH 3135 ? 1_555 60.8  ? 
51  N7    ? B DG  10 ? B DG  2010 ? 1_555 TL ? N TL . ? B TL 2107 ? 1_555 O     ? R HOH .  ? B HOH 3135 ? 1_555 87.8  ? 
52  O6    ? A DG  2  ? A DG  1002 ? 1_555 TL ? N TL . ? B TL 2107 ? 1_555 O     ? R HOH .  ? B HOH 3140 ? 1_555 163.6 ? 
53  O     ? Q HOH .  ? A HOH 3011 ? 1_555 TL ? N TL . ? B TL 2107 ? 1_555 O     ? R HOH .  ? B HOH 3140 ? 1_555 71.2  ? 
54  O     ? Q HOH .  ? A HOH 3139 ? 1_555 TL ? N TL . ? B TL 2107 ? 1_555 O     ? R HOH .  ? B HOH 3140 ? 1_555 80.1  ? 
55  O6    ? B DG  10 ? B DG  2010 ? 1_555 TL ? N TL . ? B TL 2107 ? 1_555 O     ? R HOH .  ? B HOH 3140 ? 1_555 117.2 ? 
56  N7    ? B DG  10 ? B DG  2010 ? 1_555 TL ? N TL . ? B TL 2107 ? 1_555 O     ? R HOH .  ? B HOH 3140 ? 1_555 96.8  ? 
57  O     ? R HOH .  ? B HOH 3135 ? 1_555 TL ? N TL . ? B TL 2107 ? 1_555 O     ? R HOH .  ? B HOH 3140 ? 1_555 62.4  ? 
58  OP1   ? A DC  3  ? A DC  1003 ? 2_664 TL ? P TL . ? B TL 2112 ? 1_555 "O4'" ? B DC  1  ? B DC  2001 ? 1_555 111.0 ? 
59  OP1   ? A DC  3  ? A DC  1003 ? 2_664 TL ? P TL . ? B TL 2112 ? 1_555 O     ? R HOH .  ? B HOH 3084 ? 2_564 133.8 ? 
60  "O4'" ? B DC  1  ? B DC  2001 ? 1_555 TL ? P TL . ? B TL 2112 ? 1_555 O     ? R HOH .  ? B HOH 3084 ? 2_564 83.0  ? 
61  OP1   ? A DC  3  ? A DC  1003 ? 2_664 TL ? P TL . ? B TL 2112 ? 1_555 O     ? R HOH .  ? B HOH 3124 ? 1_555 108.7 ? 
62  "O4'" ? B DC  1  ? B DC  2001 ? 1_555 TL ? P TL . ? B TL 2112 ? 1_555 O     ? R HOH .  ? B HOH 3124 ? 1_555 134.7 ? 
63  O     ? R HOH .  ? B HOH 3084 ? 2_564 TL ? P TL . ? B TL 2112 ? 1_555 O     ? R HOH .  ? B HOH 3124 ? 1_555 85.2  ? 
64  N7    ? A DG  4  ? A DG  1004 ? 1_555 TL ? D TL . ? A TL 2103 ? 1_555 O6    ? A DG  4  ? A DG  1004 ? 1_555 69.9  ? 
65  N7    ? A DG  4  ? A DG  1004 ? 1_555 TL ? D TL . ? A TL 2103 ? 1_555 O     ? Q HOH .  ? A HOH 3047 ? 1_555 79.4  ? 
66  O6    ? A DG  4  ? A DG  1004 ? 1_555 TL ? D TL . ? A TL 2103 ? 1_555 O     ? Q HOH .  ? A HOH 3047 ? 1_555 110.1 ? 
67  N7    ? A DG  4  ? A DG  1004 ? 1_555 TL ? D TL . ? A TL 2103 ? 1_555 O     ? Q HOH .  ? A HOH 3122 ? 1_555 133.6 ? 
68  O6    ? A DG  4  ? A DG  1004 ? 1_555 TL ? D TL . ? A TL 2103 ? 1_555 O     ? Q HOH .  ? A HOH 3122 ? 1_555 70.2  ? 
69  O     ? Q HOH .  ? A HOH 3047 ? 1_555 TL ? D TL . ? A TL 2103 ? 1_555 O     ? Q HOH .  ? A HOH 3122 ? 1_555 137.2 ? 
70  N7    ? A DG  4  ? A DG  1004 ? 1_555 TL ? D TL . ? A TL 2103 ? 1_555 O     ? Q HOH .  ? A HOH 3123 ? 1_555 117.6 ? 
71  O6    ? A DG  4  ? A DG  1004 ? 1_555 TL ? D TL . ? A TL 2103 ? 1_555 O     ? Q HOH .  ? A HOH 3123 ? 1_555 153.6 ? 
72  O     ? Q HOH .  ? A HOH 3047 ? 1_555 TL ? D TL . ? A TL 2103 ? 1_555 O     ? Q HOH .  ? A HOH 3123 ? 1_555 96.3  ? 
73  O     ? Q HOH .  ? A HOH 3122 ? 1_555 TL ? D TL . ? A TL 2103 ? 1_555 O     ? Q HOH .  ? A HOH 3123 ? 1_555 90.1  ? 
74  N2    ? A DG  4  ? A DG  1004 ? 1_555 TL ? F TL . ? A TL 2105 ? 1_555 N3    ? A DG  4  ? A DG  1004 ? 1_555 42.2  ? 
75  N2    ? A DG  4  ? A DG  1004 ? 1_555 TL ? F TL . ? A TL 2105 ? 1_555 "O4'" ? A DA  5  ? A DA  1005 ? 1_555 95.1  ? 
76  N3    ? A DG  4  ? A DG  1004 ? 1_555 TL ? F TL . ? A TL 2105 ? 1_555 "O4'" ? A DA  5  ? A DA  1005 ? 1_555 92.4  ? 
77  N2    ? A DG  4  ? A DG  1004 ? 1_555 TL ? F TL . ? A TL 2105 ? 1_555 "O3'" ? A DG  12 ? A DG  1012 ? 2_665 86.3  ? 
78  N3    ? A DG  4  ? A DG  1004 ? 1_555 TL ? F TL . ? A TL 2105 ? 1_555 "O3'" ? A DG  12 ? A DG  1012 ? 2_665 103.5 ? 
79  "O4'" ? A DA  5  ? A DA  1005 ? 1_555 TL ? F TL . ? A TL 2105 ? 1_555 "O3'" ? A DG  12 ? A DG  1012 ? 2_665 157.3 ? 
80  N2    ? A DG  4  ? A DG  1004 ? 1_555 TL ? F TL . ? A TL 2105 ? 1_555 O     ? Q HOH .  ? A HOH 3120 ? 1_555 169.1 ? 
81  N3    ? A DG  4  ? A DG  1004 ? 1_555 TL ? F TL . ? A TL 2105 ? 1_555 O     ? Q HOH .  ? A HOH 3120 ? 1_555 148.6 ? 
82  "O4'" ? A DA  5  ? A DA  1005 ? 1_555 TL ? F TL . ? A TL 2105 ? 1_555 O     ? Q HOH .  ? A HOH 3120 ? 1_555 86.2  ? 
83  "O3'" ? A DG  12 ? A DG  1012 ? 2_665 TL ? F TL . ? A TL 2105 ? 1_555 O     ? Q HOH .  ? A HOH 3120 ? 1_555 88.4  ? 
84  N2    ? A DG  4  ? A DG  1004 ? 1_555 TL ? O TL . ? B TL 2109 ? 1_555 O2    ? B DC  9  ? B DC  2009 ? 1_555 52.3  ? 
85  N2    ? A DG  4  ? A DG  1004 ? 1_555 TL ? O TL . ? B TL 2109 ? 1_555 "O4'" ? B DG  10 ? B DG  2010 ? 1_555 134.5 ? 
86  O2    ? B DC  9  ? B DC  2009 ? 1_555 TL ? O TL . ? B TL 2109 ? 1_555 "O4'" ? B DG  10 ? B DG  2010 ? 1_555 88.6  ? 
87  N2    ? A DG  4  ? A DG  1004 ? 1_555 TL ? O TL . ? B TL 2109 ? 1_555 N3    ? B DG  10 ? B DG  2010 ? 1_555 75.6  ? 
88  O2    ? B DC  9  ? B DC  2009 ? 1_555 TL ? O TL . ? B TL 2109 ? 1_555 N3    ? B DG  10 ? B DG  2010 ? 1_555 79.8  ? 
89  "O4'" ? B DG  10 ? B DG  2010 ? 1_555 TL ? O TL . ? B TL 2109 ? 1_555 N3    ? B DG  10 ? B DG  2010 ? 1_555 75.1  ? 
90  N2    ? A DG  4  ? A DG  1004 ? 1_555 TL ? O TL . ? B TL 2109 ? 1_555 O     ? R HOH .  ? B HOH 3003 ? 1_555 90.3  ? 
91  O2    ? B DC  9  ? B DC  2009 ? 1_555 TL ? O TL . ? B TL 2109 ? 1_555 O     ? R HOH .  ? B HOH 3003 ? 1_555 52.6  ? 
92  "O4'" ? B DG  10 ? B DG  2010 ? 1_555 TL ? O TL . ? B TL 2109 ? 1_555 O     ? R HOH .  ? B HOH 3003 ? 1_555 79.9  ? 
93  N3    ? B DG  10 ? B DG  2010 ? 1_555 TL ? O TL . ? B TL 2109 ? 1_555 O     ? R HOH .  ? B HOH 3003 ? 1_555 126.3 ? 
94  N2    ? A DG  4  ? A DG  1004 ? 1_555 TL ? O TL . ? B TL 2109 ? 1_555 O     ? R HOH .  ? B HOH 3103 ? 1_555 96.2  ? 
95  O2    ? B DC  9  ? B DC  2009 ? 1_555 TL ? O TL . ? B TL 2109 ? 1_555 O     ? R HOH .  ? B HOH 3103 ? 1_555 142.3 ? 
96  "O4'" ? B DG  10 ? B DG  2010 ? 1_555 TL ? O TL . ? B TL 2109 ? 1_555 O     ? R HOH .  ? B HOH 3103 ? 1_555 106.5 ? 
97  N3    ? B DG  10 ? B DG  2010 ? 1_555 TL ? O TL . ? B TL 2109 ? 1_555 O     ? R HOH .  ? B HOH 3103 ? 1_555 71.5  ? 
98  O     ? R HOH .  ? B HOH 3003 ? 1_555 TL ? O TL . ? B TL 2109 ? 1_555 O     ? R HOH .  ? B HOH 3103 ? 1_555 162.1 ? 
99  N2    ? A DG  4  ? A DG  1004 ? 1_555 TL ? O TL . ? B TL 2109 ? 1_555 O     ? R HOH .  ? B HOH 3131 ? 1_555 134.1 ? 
100 O2    ? B DC  9  ? B DC  2009 ? 1_555 TL ? O TL . ? B TL 2109 ? 1_555 O     ? R HOH .  ? B HOH 3131 ? 1_555 169.4 ? 
101 "O4'" ? B DG  10 ? B DG  2010 ? 1_555 TL ? O TL . ? B TL 2109 ? 1_555 O     ? R HOH .  ? B HOH 3131 ? 1_555 88.5  ? 
102 N3    ? B DG  10 ? B DG  2010 ? 1_555 TL ? O TL . ? B TL 2109 ? 1_555 O     ? R HOH .  ? B HOH 3131 ? 1_555 109.4 ? 
103 O     ? R HOH .  ? B HOH 3003 ? 1_555 TL ? O TL . ? B TL 2109 ? 1_555 O     ? R HOH .  ? B HOH 3131 ? 1_555 116.7 ? 
104 O     ? R HOH .  ? B HOH 3103 ? 1_555 TL ? O TL . ? B TL 2109 ? 1_555 O     ? R HOH .  ? B HOH 3131 ? 1_555 48.2  ? 
105 N3    ? A DA  5  ? A DA  1005 ? 1_555 TL ? E TL . ? A TL 2104 ? 1_555 "O4'" ? A DA  6  ? A DA  1006 ? 1_555 75.2  ? 
106 N3    ? A DA  5  ? A DA  1005 ? 1_555 TL ? E TL . ? A TL 2104 ? 1_555 O2    ? B DC  9  ? B DC  2009 ? 1_555 84.8  ? 
107 "O4'" ? A DA  6  ? A DA  1006 ? 1_555 TL ? E TL . ? A TL 2104 ? 1_555 O2    ? B DC  9  ? B DC  2009 ? 1_555 151.7 ? 
108 N3    ? A DA  5  ? A DA  1005 ? 1_555 TL ? E TL . ? A TL 2104 ? 1_555 O     ? R HOH .  ? B HOH 3003 ? 1_555 122.5 ? 
109 "O4'" ? A DA  6  ? A DA  1006 ? 1_555 TL ? E TL . ? A TL 2104 ? 1_555 O     ? R HOH .  ? B HOH 3003 ? 1_555 160.5 ? 
110 O2    ? B DC  9  ? B DC  2009 ? 1_555 TL ? E TL . ? A TL 2104 ? 1_555 O     ? R HOH .  ? B HOH 3003 ? 1_555 46.8  ? 
111 N3    ? A DA  5  ? A DA  1005 ? 1_555 TL ? E TL . ? A TL 2104 ? 1_555 O     ? R HOH .  ? B HOH 3040 ? 1_555 120.5 ? 
112 "O4'" ? A DA  6  ? A DA  1006 ? 1_555 TL ? E TL . ? A TL 2104 ? 1_555 O     ? R HOH .  ? B HOH 3040 ? 1_555 71.1  ? 
113 O2    ? B DC  9  ? B DC  2009 ? 1_555 TL ? E TL . ? A TL 2104 ? 1_555 O     ? R HOH .  ? B HOH 3040 ? 1_555 103.6 ? 
114 O     ? R HOH .  ? B HOH 3003 ? 1_555 TL ? E TL . ? A TL 2104 ? 1_555 O     ? R HOH .  ? B HOH 3040 ? 1_555 102.2 ? 
115 O2    ? A DT  7  ? A DT  1007 ? 1_555 TL ? M TL . ? B TL 2106 ? 1_555 O     ? Q HOH .  ? A HOH 3015 ? 1_555 110.6 ? 
116 O2    ? A DT  7  ? A DT  1007 ? 1_555 TL ? M TL . ? B TL 2106 ? 1_555 O2    ? B DT  7  ? B DT  2007 ? 1_555 88.1  ? 
117 O     ? Q HOH .  ? A HOH 3015 ? 1_555 TL ? M TL . ? B TL 2106 ? 1_555 O2    ? B DT  7  ? B DT  2007 ? 1_555 99.1  ? 
118 O2    ? A DT  7  ? A DT  1007 ? 1_555 TL ? M TL . ? B TL 2106 ? 1_555 "O4'" ? B DT  8  ? B DT  2008 ? 1_555 146.0 ? 
119 O     ? Q HOH .  ? A HOH 3015 ? 1_555 TL ? M TL . ? B TL 2106 ? 1_555 "O4'" ? B DT  8  ? B DT  2008 ? 1_555 97.0  ? 
120 O2    ? B DT  7  ? B DT  2007 ? 1_555 TL ? M TL . ? B TL 2106 ? 1_555 "O4'" ? B DT  8  ? B DT  2008 ? 1_555 67.7  ? 
121 O2    ? A DT  7  ? A DT  1007 ? 1_555 TL ? M TL . ? B TL 2106 ? 1_555 O     ? R HOH .  ? B HOH 3024 ? 1_555 97.7  ? 
122 O     ? Q HOH .  ? A HOH 3015 ? 1_555 TL ? M TL . ? B TL 2106 ? 1_555 O     ? R HOH .  ? B HOH 3024 ? 1_555 130.3 ? 
123 O2    ? B DT  7  ? B DT  2007 ? 1_555 TL ? M TL . ? B TL 2106 ? 1_555 O     ? R HOH .  ? B HOH 3024 ? 1_555 122.5 ? 
124 "O4'" ? B DT  8  ? B DT  2008 ? 1_555 TL ? M TL . ? B TL 2106 ? 1_555 O     ? R HOH .  ? B HOH 3024 ? 1_555 77.6  ? 
125 N7    ? A DG  10 ? A DG  1010 ? 1_555 TL ? H TL . ? A TL 2110 ? 1_555 O6    ? A DG  10 ? A DG  1010 ? 1_555 72.9  ? 
126 N7    ? A DG  10 ? A DG  1010 ? 1_555 TL ? H TL . ? A TL 2110 ? 1_555 TL    ? J TL  .  ? A TL  2113 ? 1_555 92.1  ? 
127 O6    ? A DG  10 ? A DG  1010 ? 1_555 TL ? H TL . ? A TL 2110 ? 1_555 TL    ? J TL  .  ? A TL  2113 ? 1_555 69.7  ? 
128 N7    ? A DG  10 ? A DG  1010 ? 1_555 TL ? H TL . ? A TL 2110 ? 1_555 O     ? Q HOH .  ? A HOH 3115 ? 1_555 143.8 ? 
129 O6    ? A DG  10 ? A DG  1010 ? 1_555 TL ? H TL . ? A TL 2110 ? 1_555 O     ? Q HOH .  ? A HOH 3115 ? 1_555 75.0  ? 
130 TL    ? J TL  .  ? A TL  2113 ? 1_555 TL ? H TL . ? A TL 2110 ? 1_555 O     ? Q HOH .  ? A HOH 3115 ? 1_555 92.2  ? 
131 N7    ? A DG  10 ? A DG  1010 ? 1_555 TL ? H TL . ? A TL 2110 ? 1_555 O     ? Q HOH .  ? A HOH 3116 ? 1_555 84.8  ? 
132 O6    ? A DG  10 ? A DG  1010 ? 1_555 TL ? H TL . ? A TL 2110 ? 1_555 O     ? Q HOH .  ? A HOH 3116 ? 1_555 154.5 ? 
133 TL    ? J TL  .  ? A TL  2113 ? 1_555 TL ? H TL . ? A TL 2110 ? 1_555 O     ? Q HOH .  ? A HOH 3116 ? 1_555 124.6 ? 
134 O     ? Q HOH .  ? A HOH 3115 ? 1_555 TL ? H TL . ? A TL 2110 ? 1_555 O     ? Q HOH .  ? A HOH 3116 ? 1_555 121.1 ? 
135 N7    ? A DG  10 ? A DG  1010 ? 1_555 TL ? H TL . ? A TL 2110 ? 1_555 O     ? Q HOH .  ? A HOH 3130 ? 1_555 94.6  ? 
136 O6    ? A DG  10 ? A DG  1010 ? 1_555 TL ? H TL . ? A TL 2110 ? 1_555 O     ? Q HOH .  ? A HOH 3130 ? 1_555 143.3 ? 
137 TL    ? J TL  .  ? A TL  2113 ? 1_555 TL ? H TL . ? A TL 2110 ? 1_555 O     ? Q HOH .  ? A HOH 3130 ? 1_555 76.6  ? 
138 O     ? Q HOH .  ? A HOH 3115 ? 1_555 TL ? H TL . ? A TL 2110 ? 1_555 O     ? Q HOH .  ? A HOH 3130 ? 1_555 121.3 ? 
139 O     ? Q HOH .  ? A HOH 3116 ? 1_555 TL ? H TL . ? A TL 2110 ? 1_555 O     ? Q HOH .  ? A HOH 3130 ? 1_555 48.8  ? 
140 N7    ? A DG  10 ? A DG  1010 ? 1_555 TL ? H TL . ? A TL 2110 ? 1_555 TL    ? L TL  .  ? B TL  2102 ? 1_555 104.4 ? 
141 O6    ? A DG  10 ? A DG  1010 ? 1_555 TL ? H TL . ? A TL 2110 ? 1_555 TL    ? L TL  .  ? B TL  2102 ? 1_555 58.0  ? 
142 TL    ? J TL  .  ? A TL  2113 ? 1_555 TL ? H TL . ? A TL 2110 ? 1_555 TL    ? L TL  .  ? B TL  2102 ? 1_555 22.2  ? 
143 O     ? Q HOH .  ? A HOH 3115 ? 1_555 TL ? H TL . ? A TL 2110 ? 1_555 TL    ? L TL  .  ? B TL  2102 ? 1_555 71.3  ? 
144 O     ? Q HOH .  ? A HOH 3116 ? 1_555 TL ? H TL . ? A TL 2110 ? 1_555 TL    ? L TL  .  ? B TL  2102 ? 1_555 142.7 ? 
145 O     ? Q HOH .  ? A HOH 3130 ? 1_555 TL ? H TL . ? A TL 2110 ? 1_555 TL    ? L TL  .  ? B TL  2102 ? 1_555 94.1  ? 
146 O6    ? A DG  10 ? A DG  1010 ? 1_555 TL ? J TL . ? A TL 2113 ? 1_555 O     ? Q HOH .  ? A HOH 3115 ? 1_555 52.7  ? 
147 O6    ? A DG  10 ? A DG  1010 ? 1_555 TL ? J TL . ? A TL 2113 ? 1_555 O6    ? B DG  2  ? B DG  2002 ? 1_555 70.4  ? 
148 O     ? Q HOH .  ? A HOH 3115 ? 1_555 TL ? J TL . ? A TL 2113 ? 1_555 O6    ? B DG  2  ? B DG  2002 ? 1_555 118.9 ? 
149 O6    ? A DG  10 ? A DG  1010 ? 1_555 TL ? J TL . ? A TL 2113 ? 1_555 TL    ? L TL  .  ? B TL  2102 ? 1_555 76.8  ? 
150 O     ? Q HOH .  ? A HOH 3115 ? 1_555 TL ? J TL . ? A TL 2113 ? 1_555 TL    ? L TL  .  ? B TL  2102 ? 1_555 77.5  ? 
151 O6    ? B DG  2  ? B DG  2002 ? 1_555 TL ? J TL . ? A TL 2113 ? 1_555 TL    ? L TL  .  ? B TL  2102 ? 1_555 69.0  ? 
152 O6    ? A DG  10 ? A DG  1010 ? 1_555 TL ? L TL . ? B TL 2102 ? 1_555 O     ? Q HOH .  ? A HOH 3115 ? 1_555 52.9  ? 
153 O6    ? A DG  10 ? A DG  1010 ? 1_555 TL ? L TL . ? B TL 2102 ? 1_555 N7    ? B DG  2  ? B DG  2002 ? 1_555 99.5  ? 
154 O     ? Q HOH .  ? A HOH 3115 ? 1_555 TL ? L TL . ? B TL 2102 ? 1_555 N7    ? B DG  2  ? B DG  2002 ? 1_555 125.3 ? 
155 O6    ? A DG  10 ? A DG  1010 ? 1_555 TL ? L TL . ? B TL 2102 ? 1_555 O6    ? B DG  2  ? B DG  2002 ? 1_555 72.1  ? 
156 O     ? Q HOH .  ? A HOH 3115 ? 1_555 TL ? L TL . ? B TL 2102 ? 1_555 O6    ? B DG  2  ? B DG  2002 ? 1_555 124.3 ? 
157 N7    ? B DG  2  ? B DG  2002 ? 1_555 TL ? L TL . ? B TL 2102 ? 1_555 O6    ? B DG  2  ? B DG  2002 ? 1_555 67.1  ? 
158 TL    ? G TL  .  ? A TL  2108 ? 1_555 MG ? C MG . ? A MG 2013 ? 1_555 O     ? Q HOH .  ? A HOH 3136 ? 1_555 32.4  ? 
159 TL    ? G TL  .  ? A TL  2108 ? 1_555 MG ? C MG . ? A MG 2013 ? 1_555 O     ? Q HOH .  ? A HOH 3137 ? 1_555 100.1 ? 
160 O     ? Q HOH .  ? A HOH 3136 ? 1_555 MG ? C MG . ? A MG 2013 ? 1_555 O     ? Q HOH .  ? A HOH 3137 ? 1_555 91.5  ? 
161 TL    ? G TL  .  ? A TL  2108 ? 1_555 MG ? C MG . ? A MG 2013 ? 1_555 O     ? Q HOH .  ? A HOH 3138 ? 1_555 148.7 ? 
162 O     ? Q HOH .  ? A HOH 3136 ? 1_555 MG ? C MG . ? A MG 2013 ? 1_555 O     ? Q HOH .  ? A HOH 3138 ? 1_555 176.0 ? 
163 O     ? Q HOH .  ? A HOH 3137 ? 1_555 MG ? C MG . ? A MG 2013 ? 1_555 O     ? Q HOH .  ? A HOH 3138 ? 1_555 91.8  ? 
164 TL    ? G TL  .  ? A TL  2108 ? 1_555 MG ? C MG . ? A MG 2013 ? 1_555 O     ? Q HOH .  ? A HOH 3139 ? 1_555 59.4  ? 
165 O     ? Q HOH .  ? A HOH 3136 ? 1_555 MG ? C MG . ? A MG 2013 ? 1_555 O     ? Q HOH .  ? A HOH 3139 ? 1_555 90.2  ? 
166 O     ? Q HOH .  ? A HOH 3137 ? 1_555 MG ? C MG . ? A MG 2013 ? 1_555 O     ? Q HOH .  ? A HOH 3139 ? 1_555 89.2  ? 
167 O     ? Q HOH .  ? A HOH 3138 ? 1_555 MG ? C MG . ? A MG 2013 ? 1_555 O     ? Q HOH .  ? A HOH 3139 ? 1_555 92.2  ? 
168 TL    ? G TL  .  ? A TL  2108 ? 1_555 MG ? C MG . ? A MG 2013 ? 1_555 TL    ? N TL  .  ? B TL  2107 ? 1_555 36.4  ? 
169 O     ? Q HOH .  ? A HOH 3136 ? 1_555 MG ? C MG . ? A MG 2013 ? 1_555 TL    ? N TL  .  ? B TL  2107 ? 1_555 22.4  ? 
170 O     ? Q HOH .  ? A HOH 3137 ? 1_555 MG ? C MG . ? A MG 2013 ? 1_555 TL    ? N TL  .  ? B TL  2107 ? 1_555 113.6 ? 
171 O     ? Q HOH .  ? A HOH 3138 ? 1_555 MG ? C MG . ? A MG 2013 ? 1_555 TL    ? N TL  .  ? B TL  2107 ? 1_555 153.9 ? 
172 O     ? Q HOH .  ? A HOH 3139 ? 1_555 MG ? C MG . ? A MG 2013 ? 1_555 TL    ? N TL  .  ? B TL  2107 ? 1_555 94.2  ? 
173 TL    ? G TL  .  ? A TL  2108 ? 1_555 MG ? C MG . ? A MG 2013 ? 1_555 O     ? R HOH .  ? B HOH 3135 ? 1_555 79.8  ? 
174 O     ? Q HOH .  ? A HOH 3136 ? 1_555 MG ? C MG . ? A MG 2013 ? 1_555 O     ? R HOH .  ? B HOH 3135 ? 1_555 87.5  ? 
175 O     ? Q HOH .  ? A HOH 3137 ? 1_555 MG ? C MG . ? A MG 2013 ? 1_555 O     ? R HOH .  ? B HOH 3135 ? 1_555 178.2 ? 
176 O     ? Q HOH .  ? A HOH 3138 ? 1_555 MG ? C MG . ? A MG 2013 ? 1_555 O     ? R HOH .  ? B HOH 3135 ? 1_555 89.2  ? 
177 O     ? Q HOH .  ? A HOH 3139 ? 1_555 MG ? C MG . ? A MG 2013 ? 1_555 O     ? R HOH .  ? B HOH 3135 ? 1_555 92.2  ? 
178 TL    ? N TL  .  ? B TL  2107 ? 1_555 MG ? C MG . ? A MG 2013 ? 1_555 O     ? R HOH .  ? B HOH 3135 ? 1_555 65.3  ? 
179 TL    ? G TL  .  ? A TL  2108 ? 1_555 MG ? C MG . ? A MG 2013 ? 1_555 O     ? R HOH .  ? B HOH 3140 ? 1_555 119.2 ? 
180 O     ? Q HOH .  ? A HOH 3136 ? 1_555 MG ? C MG . ? A MG 2013 ? 1_555 O     ? R HOH .  ? B HOH 3140 ? 1_555 88.0  ? 
181 O     ? Q HOH .  ? A HOH 3137 ? 1_555 MG ? C MG . ? A MG 2013 ? 1_555 O     ? R HOH .  ? B HOH 3140 ? 1_555 88.4  ? 
182 O     ? Q HOH .  ? A HOH 3138 ? 1_555 MG ? C MG . ? A MG 2013 ? 1_555 O     ? R HOH .  ? B HOH 3140 ? 1_555 89.8  ? 
183 O     ? Q HOH .  ? A HOH 3139 ? 1_555 MG ? C MG . ? A MG 2013 ? 1_555 O     ? R HOH .  ? B HOH 3140 ? 1_555 176.9 ? 
184 TL    ? N TL  .  ? B TL  2107 ? 1_555 MG ? C MG . ? A MG 2013 ? 1_555 O     ? R HOH .  ? B HOH 3140 ? 1_555 85.0  ? 
185 O     ? R HOH .  ? B HOH 3135 ? 1_555 MG ? C MG . ? A MG 2013 ? 1_555 O     ? R HOH .  ? B HOH 3140 ? 1_555 90.1  ? 
186 O     ? Q HOH .  ? A HOH 3026 ? 1_555 TL ? K TL . ? B TL 2101 ? 1_555 N7    ? B DG  4  ? B DG  2004 ? 1_555 135.8 ? 
187 O     ? Q HOH .  ? A HOH 3026 ? 1_555 TL ? K TL . ? B TL 2101 ? 1_555 O6    ? B DG  4  ? B DG  2004 ? 1_555 89.6  ? 
188 N7    ? B DG  4  ? B DG  2004 ? 1_555 TL ? K TL . ? B TL 2101 ? 1_555 O6    ? B DG  4  ? B DG  2004 ? 1_555 65.1  ? 
189 O     ? Q HOH .  ? A HOH 3026 ? 1_555 TL ? K TL . ? B TL 2101 ? 1_555 O     ? R HOH .  ? B HOH 3046 ? 1_555 80.7  ? 
190 N7    ? B DG  4  ? B DG  2004 ? 1_555 TL ? K TL . ? B TL 2101 ? 1_555 O     ? R HOH .  ? B HOH 3046 ? 1_555 69.6  ? 
191 O6    ? B DG  4  ? B DG  2004 ? 1_555 TL ? K TL . ? B TL 2101 ? 1_555 O     ? R HOH .  ? B HOH 3046 ? 1_555 99.7  ? 
192 O     ? Q HOH .  ? A HOH 3026 ? 1_555 TL ? K TL . ? B TL 2101 ? 1_555 O     ? R HOH .  ? B HOH 3081 ? 1_555 114.8 ? 
193 N7    ? B DG  4  ? B DG  2004 ? 1_555 TL ? K TL . ? B TL 2101 ? 1_555 O     ? R HOH .  ? B HOH 3081 ? 1_555 75.5  ? 
194 O6    ? B DG  4  ? B DG  2004 ? 1_555 TL ? K TL . ? B TL 2101 ? 1_555 O     ? R HOH .  ? B HOH 3081 ? 1_555 139.8 ? 
195 O     ? R HOH .  ? B HOH 3046 ? 1_555 TL ? K TL . ? B TL 2101 ? 1_555 O     ? R HOH .  ? B HOH 3081 ? 1_555 57.2  ? 
196 O     ? Q HOH .  ? A HOH 3026 ? 1_555 TL ? K TL . ? B TL 2101 ? 1_555 O     ? R HOH .  ? B HOH 3082 ? 1_555 43.5  ? 
197 N7    ? B DG  4  ? B DG  2004 ? 1_555 TL ? K TL . ? B TL 2101 ? 1_555 O     ? R HOH .  ? B HOH 3082 ? 1_555 135.8 ? 
198 O6    ? B DG  4  ? B DG  2004 ? 1_555 TL ? K TL . ? B TL 2101 ? 1_555 O     ? R HOH .  ? B HOH 3082 ? 1_555 70.8  ? 
199 O     ? R HOH .  ? B HOH 3046 ? 1_555 TL ? K TL . ? B TL 2101 ? 1_555 O     ? R HOH .  ? B HOH 3082 ? 1_555 121.8 ? 
200 O     ? R HOH .  ? B HOH 3081 ? 1_555 TL ? K TL . ? B TL 2101 ? 1_555 O     ? R HOH .  ? B HOH 3082 ? 1_555 148.4 ? 
# 
loop_
_pdbx_audit_revision_history.ordinal 
_pdbx_audit_revision_history.data_content_type 
_pdbx_audit_revision_history.major_revision 
_pdbx_audit_revision_history.minor_revision 
_pdbx_audit_revision_history.revision_date 
1 'Structure model' 1 0 2001-09-05 
2 'Structure model' 1 1 2008-04-27 
3 'Structure model' 1 2 2011-07-13 
4 'Structure model' 1 3 2023-08-16 
# 
_pdbx_audit_revision_details.ordinal             1 
_pdbx_audit_revision_details.revision_ordinal    1 
_pdbx_audit_revision_details.data_content_type   'Structure model' 
_pdbx_audit_revision_details.provider            repository 
_pdbx_audit_revision_details.type                'Initial release' 
_pdbx_audit_revision_details.description         ? 
_pdbx_audit_revision_details.details             ? 
# 
loop_
_pdbx_audit_revision_group.ordinal 
_pdbx_audit_revision_group.revision_ordinal 
_pdbx_audit_revision_group.data_content_type 
_pdbx_audit_revision_group.group 
1 2 'Structure model' 'Version format compliance' 
2 3 'Structure model' 'Version format compliance' 
3 4 'Structure model' 'Data collection'           
4 4 'Structure model' 'Database references'       
5 4 'Structure model' 'Derived calculations'      
6 4 'Structure model' 'Refinement description'    
# 
loop_
_pdbx_audit_revision_category.ordinal 
_pdbx_audit_revision_category.revision_ordinal 
_pdbx_audit_revision_category.data_content_type 
_pdbx_audit_revision_category.category 
1 4 'Structure model' chem_comp_atom                
2 4 'Structure model' chem_comp_bond                
3 4 'Structure model' database_2                    
4 4 'Structure model' pdbx_initial_refinement_model 
5 4 'Structure model' pdbx_struct_conn_angle        
6 4 'Structure model' struct_conn                   
7 4 'Structure model' struct_site                   
# 
loop_
_pdbx_audit_revision_item.ordinal 
_pdbx_audit_revision_item.revision_ordinal 
_pdbx_audit_revision_item.data_content_type 
_pdbx_audit_revision_item.item 
1  4 'Structure model' '_database_2.pdbx_DOI'                        
2  4 'Structure model' '_database_2.pdbx_database_accession'         
3  4 'Structure model' '_pdbx_struct_conn_angle.ptnr1_auth_asym_id'  
4  4 'Structure model' '_pdbx_struct_conn_angle.ptnr1_auth_comp_id'  
5  4 'Structure model' '_pdbx_struct_conn_angle.ptnr1_auth_seq_id'   
6  4 'Structure model' '_pdbx_struct_conn_angle.ptnr1_label_asym_id' 
7  4 'Structure model' '_pdbx_struct_conn_angle.ptnr1_label_atom_id' 
8  4 'Structure model' '_pdbx_struct_conn_angle.ptnr1_label_comp_id' 
9  4 'Structure model' '_pdbx_struct_conn_angle.ptnr1_label_seq_id'  
10 4 'Structure model' '_pdbx_struct_conn_angle.ptnr1_symmetry'      
11 4 'Structure model' '_pdbx_struct_conn_angle.ptnr2_auth_asym_id'  
12 4 'Structure model' '_pdbx_struct_conn_angle.ptnr2_auth_comp_id'  
13 4 'Structure model' '_pdbx_struct_conn_angle.ptnr2_auth_seq_id'   
14 4 'Structure model' '_pdbx_struct_conn_angle.ptnr2_label_asym_id' 
15 4 'Structure model' '_pdbx_struct_conn_angle.ptnr2_label_atom_id' 
16 4 'Structure model' '_pdbx_struct_conn_angle.ptnr2_label_comp_id' 
17 4 'Structure model' '_pdbx_struct_conn_angle.ptnr3_auth_asym_id'  
18 4 'Structure model' '_pdbx_struct_conn_angle.ptnr3_auth_comp_id'  
19 4 'Structure model' '_pdbx_struct_conn_angle.ptnr3_auth_seq_id'   
20 4 'Structure model' '_pdbx_struct_conn_angle.ptnr3_label_asym_id' 
21 4 'Structure model' '_pdbx_struct_conn_angle.ptnr3_label_atom_id' 
22 4 'Structure model' '_pdbx_struct_conn_angle.ptnr3_label_comp_id' 
23 4 'Structure model' '_pdbx_struct_conn_angle.ptnr3_label_seq_id'  
24 4 'Structure model' '_pdbx_struct_conn_angle.ptnr3_symmetry'      
25 4 'Structure model' '_pdbx_struct_conn_angle.value'               
26 4 'Structure model' '_struct_conn.pdbx_dist_value'                
27 4 'Structure model' '_struct_conn.ptnr1_auth_asym_id'             
28 4 'Structure model' '_struct_conn.ptnr1_auth_comp_id'             
29 4 'Structure model' '_struct_conn.ptnr1_auth_seq_id'              
30 4 'Structure model' '_struct_conn.ptnr1_label_asym_id'            
31 4 'Structure model' '_struct_conn.ptnr1_label_atom_id'            
32 4 'Structure model' '_struct_conn.ptnr1_label_comp_id'            
33 4 'Structure model' '_struct_conn.ptnr1_label_seq_id'             
34 4 'Structure model' '_struct_conn.ptnr1_symmetry'                 
35 4 'Structure model' '_struct_conn.ptnr2_auth_asym_id'             
36 4 'Structure model' '_struct_conn.ptnr2_auth_comp_id'             
37 4 'Structure model' '_struct_conn.ptnr2_auth_seq_id'              
38 4 'Structure model' '_struct_conn.ptnr2_label_asym_id'            
39 4 'Structure model' '_struct_conn.ptnr2_label_atom_id'            
40 4 'Structure model' '_struct_conn.ptnr2_label_comp_id'            
41 4 'Structure model' '_struct_conn.ptnr2_label_seq_id'             
42 4 'Structure model' '_struct_conn.ptnr2_symmetry'                 
43 4 'Structure model' '_struct_site.pdbx_auth_asym_id'              
44 4 'Structure model' '_struct_site.pdbx_auth_comp_id'              
45 4 'Structure model' '_struct_site.pdbx_auth_seq_id'               
# 
loop_
_software.name 
_software.classification 
_software.version 
_software.citation_id 
_software.pdbx_ordinal 
SHELXL-97 refinement       .         ? 1 
MOSFLM    'data reduction' .         ? 2 
CCP4      'data scaling'   '(SCALA)' ? 3 
# 
loop_
_pdbx_validate_rmsd_angle.id 
_pdbx_validate_rmsd_angle.PDB_model_num 
_pdbx_validate_rmsd_angle.auth_atom_id_1 
_pdbx_validate_rmsd_angle.auth_asym_id_1 
_pdbx_validate_rmsd_angle.auth_comp_id_1 
_pdbx_validate_rmsd_angle.auth_seq_id_1 
_pdbx_validate_rmsd_angle.PDB_ins_code_1 
_pdbx_validate_rmsd_angle.label_alt_id_1 
_pdbx_validate_rmsd_angle.auth_atom_id_2 
_pdbx_validate_rmsd_angle.auth_asym_id_2 
_pdbx_validate_rmsd_angle.auth_comp_id_2 
_pdbx_validate_rmsd_angle.auth_seq_id_2 
_pdbx_validate_rmsd_angle.PDB_ins_code_2 
_pdbx_validate_rmsd_angle.label_alt_id_2 
_pdbx_validate_rmsd_angle.auth_atom_id_3 
_pdbx_validate_rmsd_angle.auth_asym_id_3 
_pdbx_validate_rmsd_angle.auth_comp_id_3 
_pdbx_validate_rmsd_angle.auth_seq_id_3 
_pdbx_validate_rmsd_angle.PDB_ins_code_3 
_pdbx_validate_rmsd_angle.label_alt_id_3 
_pdbx_validate_rmsd_angle.angle_value 
_pdbx_validate_rmsd_angle.angle_target_value 
_pdbx_validate_rmsd_angle.angle_deviation 
_pdbx_validate_rmsd_angle.angle_standard_deviation 
_pdbx_validate_rmsd_angle.linker_flag 
1  1 N3    A DC 1001 ? ? C2    A DC 1001 ? ? O2 A DC 1001 ? ? 117.34 121.90 -4.56 0.70 N 
2  1 "C3'" A DG 1002 ? ? "O3'" A DG 1002 ? ? P  A DC 1003 ? ? 128.76 119.70 9.06  1.20 Y 
3  1 "C3'" A DG 1004 ? ? "O3'" A DG 1004 ? ? P  A DA 1005 ? ? 129.75 119.70 10.05 1.20 Y 
4  1 "C3'" A DA 1006 ? ? "O3'" A DA 1006 ? ? P  A DT 1007 ? ? 127.13 119.70 7.43  1.20 Y 
5  1 "C3'" A DT 1008 ? ? "O3'" A DT 1008 ? ? P  A DC 1009 ? ? 129.11 119.70 9.41  1.20 Y 
6  1 N3    A DC 1009 ? ? C4    A DC 1009 ? ? C5 A DC 1009 ? ? 119.03 121.90 -2.87 0.40 N 
7  1 N3    A DC 1009 ? ? C2    A DC 1009 ? ? O2 A DC 1009 ? ? 117.61 121.90 -4.29 0.70 N 
8  1 C6    A DC 1011 ? ? N1    A DC 1011 ? ? C2 A DC 1011 ? ? 117.86 120.30 -2.44 0.40 N 
9  1 C5    A DC 1011 ? ? C6    A DC 1011 ? ? N1 A DC 1011 ? ? 124.36 121.00 3.36  0.50 N 
10 1 "O4'" B DC 2003 ? ? "C1'" B DC 2003 ? ? N1 B DC 2003 ? ? 111.44 108.30 3.14  0.30 N 
11 1 "O4'" B DG 2004 ? ? "C1'" B DG 2004 ? ? N9 B DG 2004 ? ? 110.68 108.30 2.38  0.30 N 
12 1 "C3'" B DG 2004 ? ? "O3'" B DG 2004 ? ? P  B DA 2005 ? ? 129.74 119.70 10.04 1.20 Y 
13 1 C2    B DA 2006 ? ? N3    B DA 2006 ? ? C4 B DA 2006 ? ? 114.62 110.60 4.02  0.50 N 
14 1 "O4'" B DT 2007 ? ? "C1'" B DT 2007 ? ? N1 B DT 2007 ? ? 110.13 108.30 1.83  0.30 N 
15 1 "C3'" B DC 2009 ? ? "O3'" B DC 2009 ? ? P  B DG 2010 ? ? 128.27 119.70 8.57  1.20 Y 
# 
loop_
_pdbx_validate_planes.id 
_pdbx_validate_planes.PDB_model_num 
_pdbx_validate_planes.auth_comp_id 
_pdbx_validate_planes.auth_asym_id 
_pdbx_validate_planes.auth_seq_id 
_pdbx_validate_planes.PDB_ins_code 
_pdbx_validate_planes.label_alt_id 
_pdbx_validate_planes.rmsd 
_pdbx_validate_planes.type 
1 1 DC A 1003 ? ? 0.061 'SIDE CHAIN' 
2 1 DC A 1009 ? ? 0.091 'SIDE CHAIN' 
3 1 DC A 1011 ? ? 0.087 'SIDE CHAIN' 
4 1 DC B 2003 ? ? 0.082 'SIDE CHAIN' 
5 1 DA B 2005 ? ? 0.066 'SIDE CHAIN' 
6 1 DT B 2008 ? ? 0.069 'SIDE CHAIN' 
7 1 DC B 2009 ? ? 0.067 'SIDE CHAIN' 
8 1 DC B 2011 ? ? 0.095 'SIDE CHAIN' 
# 
loop_
_chem_comp_atom.comp_id 
_chem_comp_atom.atom_id 
_chem_comp_atom.type_symbol 
_chem_comp_atom.pdbx_aromatic_flag 
_chem_comp_atom.pdbx_stereo_config 
_chem_comp_atom.pdbx_ordinal 
DA  OP3    O  N N 1   
DA  P      P  N N 2   
DA  OP1    O  N N 3   
DA  OP2    O  N N 4   
DA  "O5'"  O  N N 5   
DA  "C5'"  C  N N 6   
DA  "C4'"  C  N R 7   
DA  "O4'"  O  N N 8   
DA  "C3'"  C  N S 9   
DA  "O3'"  O  N N 10  
DA  "C2'"  C  N N 11  
DA  "C1'"  C  N R 12  
DA  N9     N  Y N 13  
DA  C8     C  Y N 14  
DA  N7     N  Y N 15  
DA  C5     C  Y N 16  
DA  C6     C  Y N 17  
DA  N6     N  N N 18  
DA  N1     N  Y N 19  
DA  C2     C  Y N 20  
DA  N3     N  Y N 21  
DA  C4     C  Y N 22  
DA  HOP3   H  N N 23  
DA  HOP2   H  N N 24  
DA  "H5'"  H  N N 25  
DA  "H5''" H  N N 26  
DA  "H4'"  H  N N 27  
DA  "H3'"  H  N N 28  
DA  "HO3'" H  N N 29  
DA  "H2'"  H  N N 30  
DA  "H2''" H  N N 31  
DA  "H1'"  H  N N 32  
DA  H8     H  N N 33  
DA  H61    H  N N 34  
DA  H62    H  N N 35  
DA  H2     H  N N 36  
DC  OP3    O  N N 37  
DC  P      P  N N 38  
DC  OP1    O  N N 39  
DC  OP2    O  N N 40  
DC  "O5'"  O  N N 41  
DC  "C5'"  C  N N 42  
DC  "C4'"  C  N R 43  
DC  "O4'"  O  N N 44  
DC  "C3'"  C  N S 45  
DC  "O3'"  O  N N 46  
DC  "C2'"  C  N N 47  
DC  "C1'"  C  N R 48  
DC  N1     N  N N 49  
DC  C2     C  N N 50  
DC  O2     O  N N 51  
DC  N3     N  N N 52  
DC  C4     C  N N 53  
DC  N4     N  N N 54  
DC  C5     C  N N 55  
DC  C6     C  N N 56  
DC  HOP3   H  N N 57  
DC  HOP2   H  N N 58  
DC  "H5'"  H  N N 59  
DC  "H5''" H  N N 60  
DC  "H4'"  H  N N 61  
DC  "H3'"  H  N N 62  
DC  "HO3'" H  N N 63  
DC  "H2'"  H  N N 64  
DC  "H2''" H  N N 65  
DC  "H1'"  H  N N 66  
DC  H41    H  N N 67  
DC  H42    H  N N 68  
DC  H5     H  N N 69  
DC  H6     H  N N 70  
DG  OP3    O  N N 71  
DG  P      P  N N 72  
DG  OP1    O  N N 73  
DG  OP2    O  N N 74  
DG  "O5'"  O  N N 75  
DG  "C5'"  C  N N 76  
DG  "C4'"  C  N R 77  
DG  "O4'"  O  N N 78  
DG  "C3'"  C  N S 79  
DG  "O3'"  O  N N 80  
DG  "C2'"  C  N N 81  
DG  "C1'"  C  N R 82  
DG  N9     N  Y N 83  
DG  C8     C  Y N 84  
DG  N7     N  Y N 85  
DG  C5     C  Y N 86  
DG  C6     C  N N 87  
DG  O6     O  N N 88  
DG  N1     N  N N 89  
DG  C2     C  N N 90  
DG  N2     N  N N 91  
DG  N3     N  N N 92  
DG  C4     C  Y N 93  
DG  HOP3   H  N N 94  
DG  HOP2   H  N N 95  
DG  "H5'"  H  N N 96  
DG  "H5''" H  N N 97  
DG  "H4'"  H  N N 98  
DG  "H3'"  H  N N 99  
DG  "HO3'" H  N N 100 
DG  "H2'"  H  N N 101 
DG  "H2''" H  N N 102 
DG  "H1'"  H  N N 103 
DG  H8     H  N N 104 
DG  H1     H  N N 105 
DG  H21    H  N N 106 
DG  H22    H  N N 107 
DT  OP3    O  N N 108 
DT  P      P  N N 109 
DT  OP1    O  N N 110 
DT  OP2    O  N N 111 
DT  "O5'"  O  N N 112 
DT  "C5'"  C  N N 113 
DT  "C4'"  C  N R 114 
DT  "O4'"  O  N N 115 
DT  "C3'"  C  N S 116 
DT  "O3'"  O  N N 117 
DT  "C2'"  C  N N 118 
DT  "C1'"  C  N R 119 
DT  N1     N  N N 120 
DT  C2     C  N N 121 
DT  O2     O  N N 122 
DT  N3     N  N N 123 
DT  C4     C  N N 124 
DT  O4     O  N N 125 
DT  C5     C  N N 126 
DT  C7     C  N N 127 
DT  C6     C  N N 128 
DT  HOP3   H  N N 129 
DT  HOP2   H  N N 130 
DT  "H5'"  H  N N 131 
DT  "H5''" H  N N 132 
DT  "H4'"  H  N N 133 
DT  "H3'"  H  N N 134 
DT  "HO3'" H  N N 135 
DT  "H2'"  H  N N 136 
DT  "H2''" H  N N 137 
DT  "H1'"  H  N N 138 
DT  H3     H  N N 139 
DT  H71    H  N N 140 
DT  H72    H  N N 141 
DT  H73    H  N N 142 
DT  H6     H  N N 143 
HOH O      O  N N 144 
HOH H1     H  N N 145 
HOH H2     H  N N 146 
MG  MG     MG N N 147 
TL  TL     TL N N 148 
# 
loop_
_chem_comp_bond.comp_id 
_chem_comp_bond.atom_id_1 
_chem_comp_bond.atom_id_2 
_chem_comp_bond.value_order 
_chem_comp_bond.pdbx_aromatic_flag 
_chem_comp_bond.pdbx_stereo_config 
_chem_comp_bond.pdbx_ordinal 
DA  OP3   P      sing N N 1   
DA  OP3   HOP3   sing N N 2   
DA  P     OP1    doub N N 3   
DA  P     OP2    sing N N 4   
DA  P     "O5'"  sing N N 5   
DA  OP2   HOP2   sing N N 6   
DA  "O5'" "C5'"  sing N N 7   
DA  "C5'" "C4'"  sing N N 8   
DA  "C5'" "H5'"  sing N N 9   
DA  "C5'" "H5''" sing N N 10  
DA  "C4'" "O4'"  sing N N 11  
DA  "C4'" "C3'"  sing N N 12  
DA  "C4'" "H4'"  sing N N 13  
DA  "O4'" "C1'"  sing N N 14  
DA  "C3'" "O3'"  sing N N 15  
DA  "C3'" "C2'"  sing N N 16  
DA  "C3'" "H3'"  sing N N 17  
DA  "O3'" "HO3'" sing N N 18  
DA  "C2'" "C1'"  sing N N 19  
DA  "C2'" "H2'"  sing N N 20  
DA  "C2'" "H2''" sing N N 21  
DA  "C1'" N9     sing N N 22  
DA  "C1'" "H1'"  sing N N 23  
DA  N9    C8     sing Y N 24  
DA  N9    C4     sing Y N 25  
DA  C8    N7     doub Y N 26  
DA  C8    H8     sing N N 27  
DA  N7    C5     sing Y N 28  
DA  C5    C6     sing Y N 29  
DA  C5    C4     doub Y N 30  
DA  C6    N6     sing N N 31  
DA  C6    N1     doub Y N 32  
DA  N6    H61    sing N N 33  
DA  N6    H62    sing N N 34  
DA  N1    C2     sing Y N 35  
DA  C2    N3     doub Y N 36  
DA  C2    H2     sing N N 37  
DA  N3    C4     sing Y N 38  
DC  OP3   P      sing N N 39  
DC  OP3   HOP3   sing N N 40  
DC  P     OP1    doub N N 41  
DC  P     OP2    sing N N 42  
DC  P     "O5'"  sing N N 43  
DC  OP2   HOP2   sing N N 44  
DC  "O5'" "C5'"  sing N N 45  
DC  "C5'" "C4'"  sing N N 46  
DC  "C5'" "H5'"  sing N N 47  
DC  "C5'" "H5''" sing N N 48  
DC  "C4'" "O4'"  sing N N 49  
DC  "C4'" "C3'"  sing N N 50  
DC  "C4'" "H4'"  sing N N 51  
DC  "O4'" "C1'"  sing N N 52  
DC  "C3'" "O3'"  sing N N 53  
DC  "C3'" "C2'"  sing N N 54  
DC  "C3'" "H3'"  sing N N 55  
DC  "O3'" "HO3'" sing N N 56  
DC  "C2'" "C1'"  sing N N 57  
DC  "C2'" "H2'"  sing N N 58  
DC  "C2'" "H2''" sing N N 59  
DC  "C1'" N1     sing N N 60  
DC  "C1'" "H1'"  sing N N 61  
DC  N1    C2     sing N N 62  
DC  N1    C6     sing N N 63  
DC  C2    O2     doub N N 64  
DC  C2    N3     sing N N 65  
DC  N3    C4     doub N N 66  
DC  C4    N4     sing N N 67  
DC  C4    C5     sing N N 68  
DC  N4    H41    sing N N 69  
DC  N4    H42    sing N N 70  
DC  C5    C6     doub N N 71  
DC  C5    H5     sing N N 72  
DC  C6    H6     sing N N 73  
DG  OP3   P      sing N N 74  
DG  OP3   HOP3   sing N N 75  
DG  P     OP1    doub N N 76  
DG  P     OP2    sing N N 77  
DG  P     "O5'"  sing N N 78  
DG  OP2   HOP2   sing N N 79  
DG  "O5'" "C5'"  sing N N 80  
DG  "C5'" "C4'"  sing N N 81  
DG  "C5'" "H5'"  sing N N 82  
DG  "C5'" "H5''" sing N N 83  
DG  "C4'" "O4'"  sing N N 84  
DG  "C4'" "C3'"  sing N N 85  
DG  "C4'" "H4'"  sing N N 86  
DG  "O4'" "C1'"  sing N N 87  
DG  "C3'" "O3'"  sing N N 88  
DG  "C3'" "C2'"  sing N N 89  
DG  "C3'" "H3'"  sing N N 90  
DG  "O3'" "HO3'" sing N N 91  
DG  "C2'" "C1'"  sing N N 92  
DG  "C2'" "H2'"  sing N N 93  
DG  "C2'" "H2''" sing N N 94  
DG  "C1'" N9     sing N N 95  
DG  "C1'" "H1'"  sing N N 96  
DG  N9    C8     sing Y N 97  
DG  N9    C4     sing Y N 98  
DG  C8    N7     doub Y N 99  
DG  C8    H8     sing N N 100 
DG  N7    C5     sing Y N 101 
DG  C5    C6     sing N N 102 
DG  C5    C4     doub Y N 103 
DG  C6    O6     doub N N 104 
DG  C6    N1     sing N N 105 
DG  N1    C2     sing N N 106 
DG  N1    H1     sing N N 107 
DG  C2    N2     sing N N 108 
DG  C2    N3     doub N N 109 
DG  N2    H21    sing N N 110 
DG  N2    H22    sing N N 111 
DG  N3    C4     sing N N 112 
DT  OP3   P      sing N N 113 
DT  OP3   HOP3   sing N N 114 
DT  P     OP1    doub N N 115 
DT  P     OP2    sing N N 116 
DT  P     "O5'"  sing N N 117 
DT  OP2   HOP2   sing N N 118 
DT  "O5'" "C5'"  sing N N 119 
DT  "C5'" "C4'"  sing N N 120 
DT  "C5'" "H5'"  sing N N 121 
DT  "C5'" "H5''" sing N N 122 
DT  "C4'" "O4'"  sing N N 123 
DT  "C4'" "C3'"  sing N N 124 
DT  "C4'" "H4'"  sing N N 125 
DT  "O4'" "C1'"  sing N N 126 
DT  "C3'" "O3'"  sing N N 127 
DT  "C3'" "C2'"  sing N N 128 
DT  "C3'" "H3'"  sing N N 129 
DT  "O3'" "HO3'" sing N N 130 
DT  "C2'" "C1'"  sing N N 131 
DT  "C2'" "H2'"  sing N N 132 
DT  "C2'" "H2''" sing N N 133 
DT  "C1'" N1     sing N N 134 
DT  "C1'" "H1'"  sing N N 135 
DT  N1    C2     sing N N 136 
DT  N1    C6     sing N N 137 
DT  C2    O2     doub N N 138 
DT  C2    N3     sing N N 139 
DT  N3    C4     sing N N 140 
DT  N3    H3     sing N N 141 
DT  C4    O4     doub N N 142 
DT  C4    C5     sing N N 143 
DT  C5    C7     sing N N 144 
DT  C5    C6     doub N N 145 
DT  C7    H71    sing N N 146 
DT  C7    H72    sing N N 147 
DT  C7    H73    sing N N 148 
DT  C6    H6     sing N N 149 
HOH O     H1     sing N N 150 
HOH O     H2     sing N N 151 
# 
_ndb_struct_conf_na.entry_id   1JGR 
_ndb_struct_conf_na.feature    'b-form double helix' 
# 
loop_
_ndb_struct_na_base_pair.model_number 
_ndb_struct_na_base_pair.i_label_asym_id 
_ndb_struct_na_base_pair.i_label_comp_id 
_ndb_struct_na_base_pair.i_label_seq_id 
_ndb_struct_na_base_pair.i_symmetry 
_ndb_struct_na_base_pair.j_label_asym_id 
_ndb_struct_na_base_pair.j_label_comp_id 
_ndb_struct_na_base_pair.j_label_seq_id 
_ndb_struct_na_base_pair.j_symmetry 
_ndb_struct_na_base_pair.shear 
_ndb_struct_na_base_pair.stretch 
_ndb_struct_na_base_pair.stagger 
_ndb_struct_na_base_pair.buckle 
_ndb_struct_na_base_pair.propeller 
_ndb_struct_na_base_pair.opening 
_ndb_struct_na_base_pair.pair_number 
_ndb_struct_na_base_pair.pair_name 
_ndb_struct_na_base_pair.i_auth_asym_id 
_ndb_struct_na_base_pair.i_auth_seq_id 
_ndb_struct_na_base_pair.i_PDB_ins_code 
_ndb_struct_na_base_pair.j_auth_asym_id 
_ndb_struct_na_base_pair.j_auth_seq_id 
_ndb_struct_na_base_pair.j_PDB_ins_code 
_ndb_struct_na_base_pair.hbond_type_28 
_ndb_struct_na_base_pair.hbond_type_12 
1 A DC 1  1_555 B DG 12 1_555 0.250  -0.062 -0.013 7.540   -15.082 -0.723 1  A_DC1001:DG2012_B A 1001 ? B 2012 ? 19 1 
1 A DG 2  1_555 B DC 11 1_555 -0.281 -0.106 0.405  7.082   -13.658 -2.098 2  A_DG1002:DC2011_B A 1002 ? B 2011 ? 19 1 
1 A DC 3  1_555 B DG 10 1_555 0.071  -0.084 0.012  -2.123  -5.638  -2.402 3  A_DC1003:DG2010_B A 1003 ? B 2010 ? 19 1 
1 A DG 4  1_555 B DC 9  1_555 -0.212 -0.081 -0.041 10.579  -8.388  0.216  4  A_DG1004:DC2009_B A 1004 ? B 2009 ? 19 1 
1 A DA 5  1_555 B DT 8  1_555 -0.077 0.007  -0.025 4.617   -14.231 3.698  5  A_DA1005:DT2008_B A 1005 ? B 2008 ? 20 1 
1 A DA 6  1_555 B DT 7  1_555 -0.046 -0.003 0.042  0.867   -15.875 6.328  6  A_DA1006:DT2007_B A 1006 ? B 2007 ? 20 1 
1 A DT 7  1_555 B DA 6  1_555 -0.046 -0.016 0.095  0.242   -15.495 4.716  7  A_DT1007:DA2006_B A 1007 ? B 2006 ? 20 1 
1 A DT 8  1_555 B DA 5  1_555 -0.063 -0.044 -0.160 -0.896  -11.676 4.854  8  A_DT1008:DA2005_B A 1008 ? B 2005 ? 20 1 
1 A DC 9  1_555 B DG 4  1_555 0.217  -0.084 -0.046 -10.120 -8.875  -1.842 9  A_DC1009:DG2004_B A 1009 ? B 2004 ? 19 1 
1 A DG 10 1_555 B DC 3  1_555 -0.144 -0.030 0.102  2.799   -9.534  1.849  10 A_DG1010:DC2003_B A 1010 ? B 2003 ? 19 1 
1 A DC 11 1_555 B DG 2  1_555 0.200  -0.092 -0.039 2.910   -16.912 -0.863 11 A_DC1011:DG2002_B A 1011 ? B 2002 ? 19 1 
1 A DG 12 1_555 B DC 1  1_555 -0.218 0.005  0.144  2.187   -6.911  -0.611 12 A_DG1012:DC2001_B A 1012 ? B 2001 ? 19 1 
# 
loop_
_ndb_struct_na_base_pair_step.model_number 
_ndb_struct_na_base_pair_step.i_label_asym_id_1 
_ndb_struct_na_base_pair_step.i_label_comp_id_1 
_ndb_struct_na_base_pair_step.i_label_seq_id_1 
_ndb_struct_na_base_pair_step.i_symmetry_1 
_ndb_struct_na_base_pair_step.j_label_asym_id_1 
_ndb_struct_na_base_pair_step.j_label_comp_id_1 
_ndb_struct_na_base_pair_step.j_label_seq_id_1 
_ndb_struct_na_base_pair_step.j_symmetry_1 
_ndb_struct_na_base_pair_step.i_label_asym_id_2 
_ndb_struct_na_base_pair_step.i_label_comp_id_2 
_ndb_struct_na_base_pair_step.i_label_seq_id_2 
_ndb_struct_na_base_pair_step.i_symmetry_2 
_ndb_struct_na_base_pair_step.j_label_asym_id_2 
_ndb_struct_na_base_pair_step.j_label_comp_id_2 
_ndb_struct_na_base_pair_step.j_label_seq_id_2 
_ndb_struct_na_base_pair_step.j_symmetry_2 
_ndb_struct_na_base_pair_step.shift 
_ndb_struct_na_base_pair_step.slide 
_ndb_struct_na_base_pair_step.rise 
_ndb_struct_na_base_pair_step.tilt 
_ndb_struct_na_base_pair_step.roll 
_ndb_struct_na_base_pair_step.twist 
_ndb_struct_na_base_pair_step.x_displacement 
_ndb_struct_na_base_pair_step.y_displacement 
_ndb_struct_na_base_pair_step.helical_rise 
_ndb_struct_na_base_pair_step.inclination 
_ndb_struct_na_base_pair_step.tip 
_ndb_struct_na_base_pair_step.helical_twist 
_ndb_struct_na_base_pair_step.step_number 
_ndb_struct_na_base_pair_step.step_name 
_ndb_struct_na_base_pair_step.i_auth_asym_id_1 
_ndb_struct_na_base_pair_step.i_auth_seq_id_1 
_ndb_struct_na_base_pair_step.i_PDB_ins_code_1 
_ndb_struct_na_base_pair_step.j_auth_asym_id_1 
_ndb_struct_na_base_pair_step.j_auth_seq_id_1 
_ndb_struct_na_base_pair_step.j_PDB_ins_code_1 
_ndb_struct_na_base_pair_step.i_auth_asym_id_2 
_ndb_struct_na_base_pair_step.i_auth_seq_id_2 
_ndb_struct_na_base_pair_step.i_PDB_ins_code_2 
_ndb_struct_na_base_pair_step.j_auth_asym_id_2 
_ndb_struct_na_base_pair_step.j_auth_seq_id_2 
_ndb_struct_na_base_pair_step.j_PDB_ins_code_2 
1 A DC 1  1_555 B DG 12 1_555 A DG 2  1_555 B DC 11 1_555 0.008  0.049  3.351 -2.831 7.085  33.783 -1.039 -0.461 3.282 12.002  
4.796  34.609 1  AA_DC1001DG1002:DC2011DG2012_BB A 1001 ? B 2012 ? A 1002 ? B 2011 ? 
1 A DG 2  1_555 B DC 11 1_555 A DC 3  1_555 B DG 10 1_555 0.513  0.617  3.554 3.507  -6.206 42.660 1.495  -0.326 3.465 -8.460  
-4.780 43.224 2  AA_DG1002DC1003:DG2010DC2011_BB A 1002 ? B 2011 ? A 1003 ? B 2010 ? 
1 A DC 3  1_555 B DG 10 1_555 A DG 4  1_555 B DC 9  1_555 -0.101 0.605  3.154 0.416  9.660  25.267 -1.161 0.321  3.163 21.121  
-0.910 27.026 3  AA_DC1003DG1004:DC2009DG2010_BB A 1003 ? B 2010 ? A 1004 ? B 2009 ? 
1 A DG 4  1_555 B DC 9  1_555 A DA 5  1_555 B DT 8  1_555 -0.229 -0.025 3.437 -0.936 2.245  37.158 -0.353 0.228  3.434 3.518   
1.467  37.235 4  AA_DG1004DA1005:DT2008DC2009_BB A 1004 ? B 2009 ? A 1005 ? B 2008 ? 
1 A DA 5  1_555 B DT 8  1_555 A DA 6  1_555 B DT 7  1_555 0.133  -0.320 3.308 -0.082 1.713  36.663 -0.745 -0.223 3.290 2.721   
0.131  36.702 5  AA_DA1005DA1006:DT2007DT2008_BB A 1005 ? B 2008 ? A 1006 ? B 2007 ? 
1 A DA 6  1_555 B DT 7  1_555 A DT 7  1_555 B DA 6  1_555 0.048  -0.573 3.228 -0.595 -1.363 32.925 -0.781 -0.184 3.247 -2.404  
1.048  32.958 6  AA_DA1006DT1007:DA2006DT2007_BB A 1006 ? B 2007 ? A 1007 ? B 2006 ? 
1 A DT 7  1_555 B DA 6  1_555 A DT 8  1_555 B DA 5  1_555 -0.036 -0.390 3.236 2.830  -0.332 34.228 -0.610 0.499  3.226 -0.563  
-4.799 34.343 7  AA_DT1007DT1008:DA2005DA2006_BB A 1007 ? B 2006 ? A 1008 ? B 2005 ? 
1 A DT 8  1_555 B DA 5  1_555 A DC 9  1_555 B DG 4  1_555 -0.287 -0.223 3.490 -0.358 -0.046 42.547 -0.302 0.356  3.492 -0.064  
0.494  42.548 8  AA_DT1008DC1009:DG2004DA2005_BB A 1008 ? B 2005 ? A 1009 ? B 2004 ? 
1 A DC 9  1_555 B DG 4  1_555 A DG 10 1_555 B DC 3  1_555 0.579  0.709  3.105 -2.783 4.736  24.689 0.297  -2.101 3.101 10.905  
6.408  25.284 9  AA_DC1009DG1010:DC2003DG2004_BB A 1009 ? B 2004 ? A 1010 ? B 2003 ? 
1 A DG 10 1_555 B DC 3  1_555 A DC 11 1_555 B DG 2  1_555 -1.273 0.695  3.280 -2.226 -7.895 44.150 1.622  1.467  3.174 -10.397 
2.932  44.868 10 AA_DG1010DC1011:DG2002DC2003_BB A 1010 ? B 2003 ? A 1011 ? B 2002 ? 
1 A DC 11 1_555 B DG 2  1_555 A DG 12 1_555 B DC 1  1_555 -0.218 0.387  3.304 -2.160 6.879  32.066 -0.524 0.006  3.321 12.261  
3.850  32.845 11 AA_DC1011DG1012:DC2001DG2002_BB A 1011 ? B 2002 ? A 1012 ? B 2001 ? 
# 
loop_
_pdbx_entity_nonpoly.entity_id 
_pdbx_entity_nonpoly.name 
_pdbx_entity_nonpoly.comp_id 
2 'MAGNESIUM ION'    MG  
3 'THALLIUM (I) ION' TL  
4 water              HOH 
# 
_pdbx_initial_refinement_model.id               1 
_pdbx_initial_refinement_model.entity_id_list   ? 
_pdbx_initial_refinement_model.type             'experimental model' 
_pdbx_initial_refinement_model.source_name      PDB 
_pdbx_initial_refinement_model.accession_code   1FQN 
_pdbx_initial_refinement_model.details          'PDB ENTRY 1FQN' 
# 
